data_2D9P
#
_entry.id   2D9P
#
_entity_poly.entity_id   1
_entity_poly.type   'polypeptide(L)'
_entity_poly.pdbx_seq_one_letter_code
;GSSGSSGDRITRYQVVNLYVKNLDDGIDDERLRKAFSPFGTITSAKVMMEGGRSKGFGFVCFSSPEEATKAVTEMNGRIV
ATKPLYVALAQRKEERQSGPSSG
;
_entity_poly.pdbx_strand_id   A
#
# COMPACT_ATOMS: atom_id res chain seq x y z
N GLY A 1 11.29 -24.69 32.08
CA GLY A 1 11.57 -24.29 30.72
C GLY A 1 11.18 -22.84 30.45
N SER A 2 11.95 -22.17 29.60
CA SER A 2 11.67 -20.78 29.26
C SER A 2 12.17 -20.45 27.86
N SER A 3 11.27 -19.95 27.02
CA SER A 3 11.61 -19.62 25.64
C SER A 3 10.84 -18.37 25.19
N GLY A 4 11.16 -17.89 23.99
CA GLY A 4 10.49 -16.71 23.46
C GLY A 4 11.08 -16.26 22.14
N SER A 5 10.23 -15.68 21.29
CA SER A 5 10.68 -15.21 19.99
C SER A 5 10.81 -13.68 19.97
N SER A 6 11.98 -13.19 19.58
CA SER A 6 12.22 -11.75 19.53
C SER A 6 12.87 -11.37 18.21
N GLY A 7 13.05 -10.07 18.01
CA GLY A 7 13.66 -9.58 16.78
C GLY A 7 12.71 -8.73 15.95
N ASP A 8 12.40 -7.54 16.45
CA ASP A 8 11.49 -6.64 15.75
C ASP A 8 12.09 -6.19 14.42
N ARG A 9 13.32 -5.70 14.48
CA ARG A 9 14.01 -5.23 13.27
C ARG A 9 13.02 -4.57 12.32
N ILE A 10 12.07 -3.83 12.87
CA ILE A 10 11.07 -3.14 12.06
C ILE A 10 11.59 -1.80 11.56
N THR A 11 12.82 -1.46 11.97
CA THR A 11 13.44 -0.21 11.55
C THR A 11 13.67 -0.17 10.05
N ARG A 12 13.41 0.98 9.44
CA ARG A 12 13.58 1.15 8.01
C ARG A 12 13.42 2.61 7.61
N TYR A 13 14.11 3.01 6.54
CA TYR A 13 14.04 4.38 6.05
C TYR A 13 12.59 4.84 5.89
N GLN A 14 12.41 6.13 5.68
CA GLN A 14 11.07 6.70 5.51
C GLN A 14 10.36 6.06 4.32
N VAL A 15 9.55 5.04 4.58
CA VAL A 15 8.82 4.36 3.53
C VAL A 15 7.33 4.27 3.86
N VAL A 16 6.53 5.11 3.23
CA VAL A 16 5.10 5.13 3.46
C VAL A 16 4.34 4.58 2.25
N ASN A 17 4.95 4.69 1.08
CA ASN A 17 4.33 4.19 -0.16
C ASN A 17 4.20 2.68 -0.13
N LEU A 18 2.99 2.19 -0.40
CA LEU A 18 2.73 0.76 -0.41
C LEU A 18 2.27 0.29 -1.79
N TYR A 19 2.65 -0.92 -2.15
CA TYR A 19 2.28 -1.49 -3.45
C TYR A 19 1.19 -2.54 -3.29
N VAL A 20 0.02 -2.27 -3.86
CA VAL A 20 -1.10 -3.20 -3.77
C VAL A 20 -1.28 -3.95 -5.10
N LYS A 21 -1.45 -5.27 -5.00
CA LYS A 21 -1.64 -6.09 -6.19
C LYS A 21 -2.83 -7.02 -6.01
N ASN A 22 -3.27 -7.63 -7.12
CA ASN A 22 -4.41 -8.54 -7.09
C ASN A 22 -5.68 -7.80 -6.68
N LEU A 23 -6.00 -6.73 -7.38
CA LEU A 23 -7.20 -5.94 -7.10
C LEU A 23 -8.38 -6.44 -7.90
N ASP A 24 -9.30 -7.13 -7.23
CA ASP A 24 -10.49 -7.66 -7.88
C ASP A 24 -11.21 -6.57 -8.67
N ASP A 25 -11.80 -6.95 -9.80
CA ASP A 25 -12.52 -6.00 -10.63
C ASP A 25 -13.55 -5.22 -9.82
N GLY A 26 -14.13 -5.89 -8.83
CA GLY A 26 -15.13 -5.25 -8.00
C GLY A 26 -14.54 -4.15 -7.13
N ILE A 27 -13.31 -4.35 -6.68
CA ILE A 27 -12.64 -3.37 -5.83
C ILE A 27 -12.21 -2.15 -6.64
N ASP A 28 -12.65 -0.98 -6.22
CA ASP A 28 -12.33 0.27 -6.90
C ASP A 28 -11.49 1.18 -6.00
N ASP A 29 -10.98 2.25 -6.57
CA ASP A 29 -10.16 3.21 -5.82
C ASP A 29 -10.71 3.40 -4.41
N GLU A 30 -11.88 4.00 -4.31
CA GLU A 30 -12.51 4.25 -3.02
C GLU A 30 -12.35 3.03 -2.10
N ARG A 31 -12.81 1.89 -2.57
CA ARG A 31 -12.72 0.65 -1.79
C ARG A 31 -11.33 0.49 -1.19
N LEU A 32 -10.32 0.47 -2.04
CA LEU A 32 -8.94 0.33 -1.59
C LEU A 32 -8.60 1.36 -0.52
N ARG A 33 -8.66 2.63 -0.90
CA ARG A 33 -8.36 3.71 0.03
C ARG A 33 -9.24 3.63 1.27
N LYS A 34 -10.40 2.99 1.13
CA LYS A 34 -11.34 2.84 2.24
C LYS A 34 -10.93 1.68 3.13
N ALA A 35 -10.15 0.75 2.57
CA ALA A 35 -9.69 -0.41 3.32
C ALA A 35 -8.30 -0.18 3.88
N PHE A 36 -7.86 1.07 3.89
CA PHE A 36 -6.54 1.42 4.40
C PHE A 36 -6.65 2.47 5.51
N SER A 37 -7.65 3.34 5.40
CA SER A 37 -7.86 4.39 6.39
C SER A 37 -7.86 3.82 7.80
N PRO A 38 -8.60 2.70 7.98
CA PRO A 38 -8.71 2.03 9.28
C PRO A 38 -7.35 1.83 9.94
N PHE A 39 -6.28 1.95 9.15
CA PHE A 39 -4.93 1.77 9.66
C PHE A 39 -4.27 3.13 9.90
N GLY A 40 -4.28 3.98 8.89
CA GLY A 40 -3.68 5.29 9.00
C GLY A 40 -4.16 6.26 7.94
N THR A 41 -3.85 7.54 8.12
CA THR A 41 -4.27 8.56 7.16
C THR A 41 -3.65 8.31 5.79
N ILE A 42 -4.39 8.68 4.74
CA ILE A 42 -3.92 8.50 3.37
C ILE A 42 -3.93 9.82 2.61
N THR A 43 -2.84 10.08 1.90
CA THR A 43 -2.73 11.31 1.11
C THR A 43 -2.75 11.02 -0.38
N SER A 44 -2.20 9.87 -0.77
CA SER A 44 -2.16 9.47 -2.17
C SER A 44 -2.58 8.02 -2.33
N ALA A 45 -3.76 7.80 -2.91
CA ALA A 45 -4.28 6.45 -3.12
C ALA A 45 -5.06 6.37 -4.43
N LYS A 46 -4.64 5.47 -5.31
CA LYS A 46 -5.30 5.30 -6.60
C LYS A 46 -4.95 3.94 -7.21
N VAL A 47 -5.85 3.41 -8.03
CA VAL A 47 -5.64 2.13 -8.68
C VAL A 47 -5.44 2.29 -10.18
N MET A 48 -4.47 1.57 -10.72
CA MET A 48 -4.18 1.64 -12.15
C MET A 48 -5.29 0.99 -12.97
N MET A 49 -5.81 1.73 -13.94
CA MET A 49 -6.88 1.22 -14.79
C MET A 49 -6.50 1.32 -16.27
N GLU A 50 -6.87 0.30 -17.04
CA GLU A 50 -6.56 0.28 -18.46
C GLU A 50 -7.73 0.83 -19.29
N GLY A 51 -8.43 1.81 -18.73
CA GLY A 51 -9.56 2.39 -19.41
C GLY A 51 -10.73 1.43 -19.53
N GLY A 52 -11.56 1.40 -18.50
CA GLY A 52 -12.72 0.52 -18.51
C GLY A 52 -12.58 -0.62 -17.51
N ARG A 53 -11.39 -1.19 -17.42
CA ARG A 53 -11.14 -2.30 -16.50
C ARG A 53 -10.02 -1.94 -15.53
N SER A 54 -9.87 -2.74 -14.48
CA SER A 54 -8.86 -2.51 -13.47
C SER A 54 -7.66 -3.44 -13.69
N LYS A 55 -6.55 -2.87 -14.12
CA LYS A 55 -5.33 -3.63 -14.37
C LYS A 55 -5.18 -4.76 -13.35
N GLY A 56 -5.13 -4.39 -12.08
CA GLY A 56 -4.99 -5.40 -11.03
C GLY A 56 -3.93 -5.02 -10.02
N PHE A 57 -3.69 -3.72 -9.85
CA PHE A 57 -2.69 -3.24 -8.92
C PHE A 57 -2.78 -1.72 -8.76
N GLY A 58 -2.46 -1.23 -7.56
CA GLY A 58 -2.50 0.20 -7.31
C GLY A 58 -1.44 0.65 -6.33
N PHE A 59 -1.54 1.90 -5.89
CA PHE A 59 -0.56 2.45 -4.95
C PHE A 59 -1.27 3.20 -3.83
N VAL A 60 -0.75 3.08 -2.61
CA VAL A 60 -1.32 3.75 -1.46
C VAL A 60 -0.24 4.39 -0.60
N CYS A 61 -0.46 5.65 -0.22
CA CYS A 61 0.50 6.38 0.61
C CYS A 61 -0.12 6.77 1.95
N PHE A 62 0.69 6.75 2.99
CA PHE A 62 0.23 7.11 4.33
C PHE A 62 0.93 8.36 4.84
N SER A 63 0.49 8.84 6.00
CA SER A 63 1.08 10.04 6.60
C SER A 63 2.44 9.72 7.22
N SER A 64 2.53 8.59 7.91
CA SER A 64 3.77 8.18 8.55
C SER A 64 4.09 6.72 8.23
N PRO A 65 5.39 6.43 8.05
CA PRO A 65 5.86 5.07 7.75
C PRO A 65 5.22 4.02 8.65
N GLU A 66 5.42 4.18 9.96
CA GLU A 66 4.87 3.23 10.92
C GLU A 66 3.46 2.81 10.54
N GLU A 67 2.58 3.80 10.37
CA GLU A 67 1.19 3.54 10.00
C GLU A 67 1.12 2.68 8.74
N ALA A 68 1.97 3.00 7.76
CA ALA A 68 2.00 2.27 6.51
C ALA A 68 2.44 0.82 6.73
N THR A 69 3.48 0.64 7.55
CA THR A 69 4.01 -0.68 7.84
C THR A 69 2.89 -1.64 8.22
N LYS A 70 2.24 -1.37 9.35
CA LYS A 70 1.15 -2.21 9.83
C LYS A 70 0.29 -2.69 8.66
N ALA A 71 -0.38 -1.75 7.99
CA ALA A 71 -1.24 -2.08 6.86
C ALA A 71 -0.67 -3.25 6.06
N VAL A 72 0.58 -3.11 5.63
CA VAL A 72 1.24 -4.15 4.85
C VAL A 72 0.87 -5.54 5.37
N THR A 73 1.05 -5.75 6.67
CA THR A 73 0.73 -7.02 7.29
C THR A 73 -0.77 -7.15 7.57
N GLU A 74 -1.31 -6.16 8.28
CA GLU A 74 -2.73 -6.16 8.60
C GLU A 74 -3.58 -6.42 7.37
N MET A 75 -2.99 -6.20 6.19
CA MET A 75 -3.69 -6.42 4.93
C MET A 75 -3.19 -7.68 4.23
N ASN A 76 -1.89 -7.69 3.92
CA ASN A 76 -1.29 -8.84 3.25
C ASN A 76 -1.90 -10.15 3.73
N GLY A 77 -2.66 -10.80 2.85
CA GLY A 77 -3.29 -12.05 3.21
C GLY A 77 -4.74 -11.88 3.59
N ARG A 78 -5.27 -10.69 3.35
CA ARG A 78 -6.66 -10.40 3.68
C ARG A 78 -7.56 -10.57 2.45
N ILE A 79 -8.51 -11.49 2.55
CA ILE A 79 -9.43 -11.77 1.45
C ILE A 79 -10.67 -10.87 1.54
N VAL A 80 -11.09 -10.36 0.40
CA VAL A 80 -12.27 -9.49 0.34
C VAL A 80 -13.27 -9.99 -0.70
N ALA A 81 -12.77 -10.39 -1.86
CA ALA A 81 -13.63 -10.90 -2.93
C ALA A 81 -13.31 -12.35 -3.24
N THR A 82 -12.17 -12.58 -3.88
CA THR A 82 -11.76 -13.93 -4.25
C THR A 82 -10.30 -14.18 -3.88
N LYS A 83 -9.44 -13.23 -4.25
CA LYS A 83 -8.01 -13.35 -3.95
C LYS A 83 -7.60 -12.36 -2.87
N PRO A 84 -6.49 -12.67 -2.18
CA PRO A 84 -5.97 -11.82 -1.11
C PRO A 84 -5.23 -10.60 -1.64
N LEU A 85 -5.44 -9.45 -0.99
CA LEU A 85 -4.79 -8.21 -1.40
C LEU A 85 -3.30 -8.26 -1.11
N TYR A 86 -2.50 -8.51 -2.16
CA TYR A 86 -1.06 -8.59 -2.02
C TYR A 86 -0.47 -7.21 -1.70
N VAL A 87 -0.24 -6.96 -0.43
CA VAL A 87 0.32 -5.68 0.01
C VAL A 87 1.80 -5.83 0.36
N ALA A 88 2.62 -4.91 -0.16
CA ALA A 88 4.05 -4.94 0.10
C ALA A 88 4.67 -3.57 -0.13
N LEU A 89 5.68 -3.23 0.68
CA LEU A 89 6.35 -1.95 0.57
C LEU A 89 7.05 -1.80 -0.79
N ALA A 90 6.95 -0.61 -1.37
CA ALA A 90 7.56 -0.35 -2.66
C ALA A 90 8.94 0.30 -2.49
N GLN A 91 9.97 -0.54 -2.34
CA GLN A 91 11.33 -0.05 -2.17
C GLN A 91 11.58 1.17 -3.05
N ARG A 92 11.39 1.00 -4.36
CA ARG A 92 11.61 2.08 -5.31
C ARG A 92 10.29 2.50 -5.97
N LYS A 93 10.20 3.77 -6.35
CA LYS A 93 9.00 4.29 -6.99
C LYS A 93 9.25 4.57 -8.47
N GLU A 94 8.40 4.02 -9.33
CA GLU A 94 8.53 4.23 -10.77
C GLU A 94 7.53 5.26 -11.27
N GLU A 95 8.03 6.43 -11.65
CA GLU A 95 7.19 7.51 -12.14
C GLU A 95 7.55 7.87 -13.58
N ARG A 96 6.99 7.13 -14.53
CA ARG A 96 7.24 7.37 -15.94
C ARG A 96 5.95 7.68 -16.70
N GLN A 97 5.55 8.95 -16.68
CA GLN A 97 4.33 9.37 -17.36
C GLN A 97 4.49 9.26 -18.88
N SER A 98 3.95 8.19 -19.44
CA SER A 98 4.03 7.97 -20.88
C SER A 98 3.02 6.91 -21.33
N GLY A 99 2.92 6.72 -22.64
CA GLY A 99 1.99 5.73 -23.17
C GLY A 99 2.10 5.59 -24.68
N PRO A 100 1.69 4.43 -25.19
CA PRO A 100 1.74 4.14 -26.63
C PRO A 100 0.61 4.81 -27.40
N SER A 101 0.95 5.90 -28.10
CA SER A 101 -0.03 6.65 -28.88
C SER A 101 -0.67 5.76 -29.95
N SER A 102 -1.78 5.12 -29.60
CA SER A 102 -2.48 4.24 -30.53
C SER A 102 -3.91 3.99 -30.07
N GLY A 103 -4.75 3.51 -30.97
CA GLY A 103 -6.13 3.23 -30.65
C GLY A 103 -7.01 3.09 -31.87
N GLY A 1 12.66 -15.34 32.25
CA GLY A 1 13.06 -14.61 31.06
C GLY A 1 12.30 -15.05 29.83
N SER A 2 11.43 -14.18 29.34
CA SER A 2 10.64 -14.48 28.15
C SER A 2 11.21 -13.80 26.92
N SER A 3 11.78 -14.60 26.01
CA SER A 3 12.36 -14.07 24.79
C SER A 3 11.55 -14.49 23.56
N GLY A 4 11.41 -13.58 22.62
CA GLY A 4 10.66 -13.87 21.41
C GLY A 4 10.65 -12.70 20.44
N SER A 5 10.26 -11.53 20.92
CA SER A 5 10.20 -10.33 20.10
C SER A 5 11.60 -9.75 19.87
N SER A 6 12.24 -10.19 18.81
CA SER A 6 13.59 -9.71 18.48
C SER A 6 13.64 -9.15 17.06
N GLY A 7 13.25 -7.89 16.92
CA GLY A 7 13.26 -7.25 15.61
C GLY A 7 14.63 -7.30 14.96
N ASP A 8 14.67 -7.74 13.71
CA ASP A 8 15.92 -7.82 12.97
C ASP A 8 15.90 -6.90 11.75
N ARG A 9 14.85 -7.00 10.96
CA ARG A 9 14.70 -6.18 9.76
C ARG A 9 14.26 -4.77 10.11
N ILE A 10 15.23 -3.93 10.47
CA ILE A 10 14.94 -2.53 10.84
C ILE A 10 14.91 -1.65 9.61
N THR A 11 14.01 -0.66 9.62
CA THR A 11 13.87 0.27 8.50
C THR A 11 14.91 1.38 8.59
N ARG A 12 15.46 1.76 7.45
CA ARG A 12 16.47 2.82 7.38
C ARG A 12 15.88 4.09 6.77
N TYR A 13 15.32 3.96 5.57
CA TYR A 13 14.74 5.09 4.87
C TYR A 13 13.22 5.07 4.98
N GLN A 14 12.64 6.19 5.38
CA GLN A 14 11.19 6.30 5.53
C GLN A 14 10.48 5.74 4.31
N VAL A 15 9.58 4.78 4.53
CA VAL A 15 8.83 4.16 3.45
C VAL A 15 7.34 4.15 3.74
N VAL A 16 6.65 5.19 3.28
CA VAL A 16 5.20 5.30 3.48
C VAL A 16 4.42 4.70 2.32
N ASN A 17 4.98 4.85 1.12
CA ASN A 17 4.33 4.32 -0.08
C ASN A 17 4.14 2.82 0.02
N LEU A 18 3.00 2.33 -0.46
CA LEU A 18 2.70 0.91 -0.43
C LEU A 18 2.23 0.42 -1.79
N TYR A 19 2.75 -0.74 -2.21
CA TYR A 19 2.38 -1.31 -3.50
C TYR A 19 1.28 -2.35 -3.34
N VAL A 20 0.07 -1.98 -3.75
CA VAL A 20 -1.08 -2.88 -3.66
C VAL A 20 -1.21 -3.73 -4.92
N LYS A 21 -1.37 -5.04 -4.73
CA LYS A 21 -1.52 -5.96 -5.86
C LYS A 21 -2.65 -6.95 -5.60
N ASN A 22 -3.12 -7.58 -6.66
CA ASN A 22 -4.20 -8.55 -6.55
C ASN A 22 -5.54 -7.86 -6.33
N LEU A 23 -5.73 -6.71 -6.97
CA LEU A 23 -6.96 -5.95 -6.83
C LEU A 23 -8.07 -6.54 -7.71
N ASP A 24 -8.84 -7.46 -7.13
CA ASP A 24 -9.94 -8.10 -7.85
C ASP A 24 -10.77 -7.07 -8.61
N ASP A 25 -11.32 -7.48 -9.75
CA ASP A 25 -12.13 -6.59 -10.56
C ASP A 25 -13.15 -5.85 -9.71
N GLY A 26 -13.69 -6.53 -8.69
CA GLY A 26 -14.66 -5.90 -7.82
C GLY A 26 -14.09 -4.74 -7.05
N ILE A 27 -12.86 -4.89 -6.57
CA ILE A 27 -12.20 -3.84 -5.80
C ILE A 27 -11.92 -2.62 -6.67
N ASP A 28 -12.11 -1.44 -6.08
CA ASP A 28 -11.88 -0.19 -6.80
C ASP A 28 -11.07 0.78 -5.96
N ASP A 29 -10.76 1.95 -6.52
CA ASP A 29 -10.00 2.97 -5.82
C ASP A 29 -10.62 3.28 -4.47
N GLU A 30 -11.95 3.37 -4.44
CA GLU A 30 -12.68 3.67 -3.21
C GLU A 30 -12.52 2.53 -2.20
N ARG A 31 -12.99 1.35 -2.57
CA ARG A 31 -12.91 0.18 -1.71
C ARG A 31 -11.50 0.01 -1.16
N LEU A 32 -10.51 0.36 -1.97
CA LEU A 32 -9.11 0.24 -1.58
C LEU A 32 -8.77 1.23 -0.46
N ARG A 33 -8.73 2.50 -0.81
CA ARG A 33 -8.42 3.55 0.16
C ARG A 33 -9.30 3.40 1.41
N LYS A 34 -10.46 2.79 1.24
CA LYS A 34 -11.40 2.60 2.34
C LYS A 34 -10.90 1.50 3.27
N ALA A 35 -10.17 0.54 2.72
CA ALA A 35 -9.64 -0.57 3.51
C ALA A 35 -8.21 -0.28 3.96
N PHE A 36 -7.85 1.00 3.96
CA PHE A 36 -6.51 1.41 4.38
C PHE A 36 -6.57 2.46 5.46
N SER A 37 -7.62 3.27 5.44
CA SER A 37 -7.81 4.33 6.42
C SER A 37 -7.80 3.76 7.84
N PRO A 38 -8.53 2.65 8.03
CA PRO A 38 -8.62 1.99 9.34
C PRO A 38 -7.25 1.79 9.98
N PHE A 39 -6.19 1.90 9.17
CA PHE A 39 -4.83 1.73 9.66
C PHE A 39 -4.17 3.08 9.90
N GLY A 40 -4.21 3.94 8.88
CA GLY A 40 -3.60 5.25 9.00
C GLY A 40 -4.13 6.22 7.96
N THR A 41 -3.86 7.52 8.17
CA THR A 41 -4.31 8.54 7.25
C THR A 41 -3.69 8.36 5.86
N ILE A 42 -4.49 8.55 4.83
CA ILE A 42 -4.02 8.41 3.46
C ILE A 42 -4.16 9.72 2.69
N THR A 43 -3.09 10.11 2.00
CA THR A 43 -3.08 11.34 1.23
C THR A 43 -3.17 11.06 -0.26
N SER A 44 -2.46 10.03 -0.71
CA SER A 44 -2.45 9.65 -2.11
C SER A 44 -2.81 8.17 -2.28
N ALA A 45 -3.98 7.92 -2.85
CA ALA A 45 -4.43 6.55 -3.07
C ALA A 45 -5.19 6.43 -4.39
N LYS A 46 -4.68 5.58 -5.28
CA LYS A 46 -5.30 5.37 -6.58
C LYS A 46 -4.98 3.99 -7.13
N VAL A 47 -5.75 3.54 -8.10
CA VAL A 47 -5.54 2.24 -8.71
C VAL A 47 -5.30 2.36 -10.21
N MET A 48 -4.41 1.52 -10.74
CA MET A 48 -4.10 1.53 -12.16
C MET A 48 -5.29 1.06 -12.99
N MET A 49 -6.09 1.99 -13.49
CA MET A 49 -7.25 1.67 -14.29
C MET A 49 -7.03 2.05 -15.75
N GLU A 50 -7.12 1.08 -16.64
CA GLU A 50 -6.93 1.32 -18.07
C GLU A 50 -7.84 0.40 -18.89
N GLY A 51 -8.72 1.01 -19.68
CA GLY A 51 -9.62 0.23 -20.51
C GLY A 51 -10.85 -0.21 -19.76
N GLY A 52 -11.59 0.75 -19.20
CA GLY A 52 -12.79 0.42 -18.46
C GLY A 52 -12.64 -0.84 -17.63
N ARG A 53 -11.48 -1.01 -17.02
CA ARG A 53 -11.21 -2.18 -16.19
C ARG A 53 -10.06 -1.90 -15.22
N SER A 54 -9.87 -2.82 -14.28
CA SER A 54 -8.81 -2.67 -13.28
C SER A 54 -7.66 -3.65 -13.56
N LYS A 55 -6.48 -3.10 -13.80
CA LYS A 55 -5.31 -3.92 -14.09
C LYS A 55 -5.11 -4.97 -13.01
N GLY A 56 -5.18 -4.55 -11.76
CA GLY A 56 -5.00 -5.48 -10.65
C GLY A 56 -3.90 -5.06 -9.71
N PHE A 57 -3.68 -3.75 -9.60
CA PHE A 57 -2.63 -3.22 -8.73
C PHE A 57 -2.74 -1.70 -8.64
N GLY A 58 -2.18 -1.14 -7.56
CA GLY A 58 -2.21 0.29 -7.37
C GLY A 58 -1.17 0.77 -6.37
N PHE A 59 -1.30 2.02 -5.94
CA PHE A 59 -0.36 2.60 -4.98
C PHE A 59 -1.09 3.43 -3.94
N VAL A 60 -0.60 3.39 -2.70
CA VAL A 60 -1.20 4.14 -1.61
C VAL A 60 -0.13 4.77 -0.72
N CYS A 61 -0.38 6.00 -0.28
CA CYS A 61 0.55 6.72 0.57
C CYS A 61 -0.07 7.02 1.93
N PHE A 62 0.75 7.07 2.97
CA PHE A 62 0.28 7.36 4.31
C PHE A 62 1.00 8.57 4.90
N SER A 63 0.59 8.96 6.10
CA SER A 63 1.19 10.11 6.76
C SER A 63 2.54 9.75 7.38
N SER A 64 2.63 8.54 7.94
CA SER A 64 3.86 8.08 8.56
C SER A 64 4.14 6.63 8.19
N PRO A 65 5.43 6.30 8.00
CA PRO A 65 5.86 4.96 7.63
C PRO A 65 5.21 3.88 8.50
N GLU A 66 5.44 3.97 9.81
CA GLU A 66 4.87 3.02 10.76
C GLU A 66 3.46 2.61 10.34
N GLU A 67 2.57 3.59 10.25
CA GLU A 67 1.19 3.33 9.87
C GLU A 67 1.12 2.49 8.61
N ALA A 68 1.99 2.80 7.65
CA ALA A 68 2.04 2.06 6.38
C ALA A 68 2.46 0.62 6.61
N THR A 69 3.46 0.42 7.46
CA THR A 69 3.96 -0.92 7.76
C THR A 69 2.81 -1.86 8.13
N LYS A 70 2.20 -1.60 9.29
CA LYS A 70 1.09 -2.43 9.76
C LYS A 70 0.16 -2.80 8.61
N ALA A 71 -0.35 -1.79 7.91
CA ALA A 71 -1.25 -2.02 6.78
C ALA A 71 -0.73 -3.13 5.88
N VAL A 72 0.50 -2.98 5.42
CA VAL A 72 1.11 -3.97 4.54
C VAL A 72 0.70 -5.38 4.95
N THR A 73 1.00 -5.75 6.19
CA THR A 73 0.66 -7.07 6.70
C THR A 73 -0.83 -7.18 7.02
N GLU A 74 -1.29 -6.34 7.94
CA GLU A 74 -2.69 -6.33 8.33
C GLU A 74 -3.60 -6.54 7.12
N MET A 75 -3.12 -6.11 5.96
CA MET A 75 -3.89 -6.25 4.71
C MET A 75 -3.39 -7.44 3.90
N ASN A 76 -2.07 -7.59 3.83
CA ASN A 76 -1.47 -8.68 3.07
C ASN A 76 -1.92 -10.02 3.62
N GLY A 77 -2.80 -10.70 2.89
CA GLY A 77 -3.29 -11.99 3.32
C GLY A 77 -4.77 -11.97 3.65
N ARG A 78 -5.37 -10.79 3.57
CA ARG A 78 -6.79 -10.63 3.88
C ARG A 78 -7.62 -10.60 2.59
N ILE A 79 -8.81 -11.19 2.65
CA ILE A 79 -9.70 -11.22 1.49
C ILE A 79 -10.70 -10.07 1.53
N VAL A 80 -11.15 -9.64 0.35
CA VAL A 80 -12.11 -8.56 0.25
C VAL A 80 -13.26 -8.92 -0.69
N ALA A 81 -12.92 -9.57 -1.79
CA ALA A 81 -13.92 -9.98 -2.78
C ALA A 81 -13.76 -11.45 -3.14
N THR A 82 -12.65 -11.77 -3.80
CA THR A 82 -12.38 -13.14 -4.22
C THR A 82 -10.95 -13.55 -3.87
N LYS A 83 -9.98 -12.76 -4.33
CA LYS A 83 -8.58 -13.03 -4.06
C LYS A 83 -8.05 -12.15 -2.94
N PRO A 84 -7.00 -12.62 -2.26
CA PRO A 84 -6.38 -11.88 -1.15
C PRO A 84 -5.51 -10.73 -1.64
N LEU A 85 -5.66 -9.56 -1.01
CA LEU A 85 -4.90 -8.39 -1.38
C LEU A 85 -3.41 -8.59 -1.08
N TYR A 86 -2.57 -8.43 -2.09
CA TYR A 86 -1.13 -8.60 -1.93
C TYR A 86 -0.45 -7.26 -1.69
N VAL A 87 -0.35 -6.86 -0.43
CA VAL A 87 0.28 -5.59 -0.07
C VAL A 87 1.77 -5.77 0.18
N ALA A 88 2.58 -4.87 -0.37
CA ALA A 88 4.02 -4.93 -0.20
C ALA A 88 4.65 -3.56 -0.35
N LEU A 89 5.68 -3.28 0.45
CA LEU A 89 6.36 -2.00 0.42
C LEU A 89 6.98 -1.75 -0.96
N ALA A 90 6.97 -0.50 -1.38
CA ALA A 90 7.54 -0.13 -2.67
C ALA A 90 8.88 0.57 -2.51
N GLN A 91 9.93 -0.22 -2.29
CA GLN A 91 11.28 0.33 -2.11
C GLN A 91 11.58 1.38 -3.17
N ARG A 92 11.39 1.02 -4.44
CA ARG A 92 11.65 1.93 -5.54
C ARG A 92 10.35 2.53 -6.07
N LYS A 93 10.45 3.72 -6.65
CA LYS A 93 9.28 4.40 -7.19
C LYS A 93 9.69 5.49 -8.17
N GLU A 94 9.30 5.34 -9.43
CA GLU A 94 9.63 6.31 -10.46
C GLU A 94 8.42 7.19 -10.79
N GLU A 95 8.67 8.48 -10.94
CA GLU A 95 7.61 9.44 -11.25
C GLU A 95 7.40 9.55 -12.76
N ARG A 96 6.14 9.50 -13.19
CA ARG A 96 5.81 9.60 -14.60
C ARG A 96 5.36 11.01 -14.96
N GLN A 97 6.06 11.63 -15.90
CA GLN A 97 5.72 12.98 -16.34
C GLN A 97 5.77 13.10 -17.85
N SER A 98 4.99 14.03 -18.39
CA SER A 98 4.94 14.24 -19.83
C SER A 98 6.33 14.50 -20.40
N GLY A 99 6.50 14.21 -21.69
CA GLY A 99 7.79 14.43 -22.32
C GLY A 99 7.78 14.05 -23.79
N PRO A 100 7.14 14.88 -24.62
CA PRO A 100 7.06 14.64 -26.06
C PRO A 100 8.39 14.23 -26.67
N SER A 101 8.33 13.43 -27.73
CA SER A 101 9.53 12.97 -28.40
C SER A 101 9.27 12.73 -29.89
N SER A 102 10.33 12.81 -30.69
CA SER A 102 10.22 12.61 -32.13
C SER A 102 11.54 12.12 -32.72
N GLY A 103 11.48 11.58 -33.94
CA GLY A 103 12.68 11.09 -34.58
C GLY A 103 12.70 9.58 -34.69
N GLY A 1 16.77 -16.65 37.42
CA GLY A 1 16.86 -16.53 35.98
C GLY A 1 16.73 -15.09 35.50
N SER A 2 17.85 -14.53 35.03
CA SER A 2 17.85 -13.15 34.55
C SER A 2 17.96 -13.11 33.04
N SER A 3 16.84 -12.91 32.37
CA SER A 3 16.81 -12.85 30.91
C SER A 3 15.61 -12.03 30.43
N GLY A 4 15.75 -11.44 29.25
CA GLY A 4 14.68 -10.63 28.68
C GLY A 4 15.00 -10.12 27.29
N SER A 5 14.24 -10.59 26.31
CA SER A 5 14.47 -10.19 24.92
C SER A 5 13.28 -9.37 24.41
N SER A 6 13.57 -8.23 23.79
CA SER A 6 12.54 -7.37 23.25
C SER A 6 12.39 -7.55 21.75
N GLY A 7 13.53 -7.56 21.04
CA GLY A 7 13.49 -7.74 19.60
C GLY A 7 14.00 -6.51 18.86
N ASP A 8 15.00 -6.70 18.02
CA ASP A 8 15.57 -5.60 17.25
C ASP A 8 14.77 -5.36 15.97
N ARG A 9 13.74 -4.53 16.08
CA ARG A 9 12.89 -4.21 14.94
C ARG A 9 12.77 -2.69 14.76
N ILE A 10 13.73 -2.11 14.06
CA ILE A 10 13.73 -0.67 13.81
C ILE A 10 14.18 -0.35 12.38
N THR A 11 13.42 0.48 11.69
CA THR A 11 13.74 0.86 10.33
C THR A 11 14.43 2.22 10.28
N ARG A 12 15.01 2.54 9.14
CA ARG A 12 15.71 3.81 8.96
C ARG A 12 15.12 4.61 7.80
N TYR A 13 14.95 3.94 6.66
CA TYR A 13 14.40 4.58 5.47
C TYR A 13 12.89 4.73 5.58
N GLN A 14 12.41 5.96 5.48
CA GLN A 14 10.98 6.24 5.57
C GLN A 14 10.25 5.70 4.34
N VAL A 15 9.44 4.66 4.54
CA VAL A 15 8.68 4.07 3.46
C VAL A 15 7.18 4.15 3.72
N VAL A 16 6.56 5.20 3.19
CA VAL A 16 5.12 5.41 3.37
C VAL A 16 4.34 4.82 2.20
N ASN A 17 4.96 4.81 1.02
CA ASN A 17 4.31 4.27 -0.17
C ASN A 17 4.14 2.77 -0.06
N LEU A 18 2.95 2.29 -0.39
CA LEU A 18 2.65 0.85 -0.33
C LEU A 18 2.20 0.34 -1.69
N TYR A 19 2.74 -0.82 -2.08
CA TYR A 19 2.39 -1.42 -3.36
C TYR A 19 1.25 -2.44 -3.20
N VAL A 20 0.15 -2.18 -3.89
CA VAL A 20 -1.01 -3.07 -3.82
C VAL A 20 -1.13 -3.92 -5.08
N LYS A 21 -1.44 -5.20 -4.90
CA LYS A 21 -1.58 -6.13 -6.01
C LYS A 21 -2.81 -7.01 -5.83
N ASN A 22 -3.26 -7.62 -6.92
CA ASN A 22 -4.42 -8.50 -6.89
C ASN A 22 -5.68 -7.73 -6.50
N LEU A 23 -5.95 -6.66 -7.23
CA LEU A 23 -7.13 -5.83 -6.95
C LEU A 23 -8.35 -6.38 -7.68
N ASP A 24 -9.13 -7.19 -6.98
CA ASP A 24 -10.34 -7.77 -7.56
C ASP A 24 -11.13 -6.72 -8.33
N ASP A 25 -11.84 -7.17 -9.37
CA ASP A 25 -12.63 -6.27 -10.19
C ASP A 25 -13.60 -5.46 -9.33
N GLY A 26 -14.13 -6.11 -8.29
CA GLY A 26 -15.07 -5.44 -7.41
C GLY A 26 -14.44 -4.27 -6.67
N ILE A 27 -13.18 -4.44 -6.26
CA ILE A 27 -12.47 -3.39 -5.54
C ILE A 27 -12.07 -2.26 -6.47
N ASP A 28 -12.53 -1.05 -6.17
CA ASP A 28 -12.22 0.12 -6.97
C ASP A 28 -11.40 1.13 -6.17
N ASP A 29 -11.01 2.23 -6.83
CA ASP A 29 -10.23 3.26 -6.18
C ASP A 29 -10.69 3.49 -4.75
N GLU A 30 -12.01 3.59 -4.57
CA GLU A 30 -12.59 3.81 -3.25
C GLU A 30 -12.33 2.61 -2.33
N ARG A 31 -12.98 1.50 -2.64
CA ARG A 31 -12.83 0.29 -1.85
C ARG A 31 -11.40 0.14 -1.34
N LEU A 32 -10.43 0.55 -2.16
CA LEU A 32 -9.03 0.48 -1.80
C LEU A 32 -8.71 1.46 -0.66
N ARG A 33 -8.64 2.74 -1.00
CA ARG A 33 -8.34 3.77 -0.02
C ARG A 33 -9.21 3.62 1.21
N LYS A 34 -10.38 3.00 1.03
CA LYS A 34 -11.31 2.79 2.13
C LYS A 34 -10.89 1.60 2.99
N ALA A 35 -10.27 0.61 2.36
CA ALA A 35 -9.81 -0.58 3.05
C ALA A 35 -8.40 -0.38 3.60
N PHE A 36 -8.00 0.87 3.75
CA PHE A 36 -6.67 1.20 4.27
C PHE A 36 -6.76 2.22 5.40
N SER A 37 -7.77 3.08 5.33
CA SER A 37 -7.97 4.11 6.35
C SER A 37 -7.99 3.49 7.75
N PRO A 38 -8.73 2.38 7.89
CA PRO A 38 -8.85 1.67 9.17
C PRO A 38 -7.50 1.45 9.84
N PHE A 39 -6.43 1.58 9.06
CA PHE A 39 -5.08 1.38 9.58
C PHE A 39 -4.41 2.72 9.86
N GLY A 40 -4.36 3.58 8.84
CA GLY A 40 -3.75 4.88 8.99
C GLY A 40 -4.22 5.87 7.94
N THR A 41 -3.98 7.16 8.20
CA THR A 41 -4.39 8.20 7.27
C THR A 41 -3.70 8.04 5.92
N ILE A 42 -4.43 8.35 4.84
CA ILE A 42 -3.89 8.23 3.49
C ILE A 42 -3.85 9.59 2.80
N THR A 43 -2.88 9.77 1.92
CA THR A 43 -2.73 11.02 1.18
C THR A 43 -2.91 10.80 -0.31
N SER A 44 -2.30 9.74 -0.84
CA SER A 44 -2.39 9.42 -2.25
C SER A 44 -2.72 7.94 -2.46
N ALA A 45 -3.91 7.68 -2.98
CA ALA A 45 -4.34 6.31 -3.23
C ALA A 45 -5.12 6.21 -4.54
N LYS A 46 -4.60 5.41 -5.46
CA LYS A 46 -5.26 5.22 -6.77
C LYS A 46 -4.91 3.86 -7.35
N VAL A 47 -5.85 3.30 -8.10
CA VAL A 47 -5.64 1.99 -8.73
C VAL A 47 -5.03 2.15 -10.12
N MET A 48 -3.84 1.58 -10.30
CA MET A 48 -3.14 1.66 -11.58
C MET A 48 -3.77 0.69 -12.59
N MET A 49 -4.69 1.22 -13.40
CA MET A 49 -5.36 0.41 -14.41
C MET A 49 -5.10 0.96 -15.81
N GLU A 50 -5.67 0.30 -16.82
CA GLU A 50 -5.49 0.73 -18.20
C GLU A 50 -6.84 0.90 -18.89
N GLY A 51 -7.37 2.12 -18.83
CA GLY A 51 -8.65 2.39 -19.45
C GLY A 51 -9.81 1.79 -18.67
N GLY A 52 -10.45 0.77 -19.26
CA GLY A 52 -11.57 0.13 -18.60
C GLY A 52 -11.22 -1.26 -18.10
N ARG A 53 -9.99 -1.44 -17.65
CA ARG A 53 -9.54 -2.73 -17.15
C ARG A 53 -8.53 -2.56 -16.03
N SER A 54 -8.90 -2.99 -14.82
CA SER A 54 -8.02 -2.88 -13.67
C SER A 54 -6.85 -3.85 -13.77
N LYS A 55 -5.70 -3.34 -14.21
CA LYS A 55 -4.50 -4.16 -14.36
C LYS A 55 -4.39 -5.16 -13.22
N GLY A 56 -4.60 -4.69 -11.99
CA GLY A 56 -4.52 -5.56 -10.84
C GLY A 56 -3.48 -5.10 -9.84
N PHE A 57 -3.45 -3.79 -9.58
CA PHE A 57 -2.49 -3.22 -8.64
C PHE A 57 -2.73 -1.72 -8.45
N GLY A 58 -2.21 -1.17 -7.36
CA GLY A 58 -2.38 0.24 -7.09
C GLY A 58 -1.32 0.78 -6.16
N PHE A 59 -1.36 2.08 -5.90
CA PHE A 59 -0.39 2.73 -5.03
C PHE A 59 -1.08 3.54 -3.95
N VAL A 60 -0.63 3.36 -2.71
CA VAL A 60 -1.22 4.08 -1.57
C VAL A 60 -0.13 4.68 -0.69
N CYS A 61 -0.32 5.93 -0.28
CA CYS A 61 0.64 6.61 0.57
C CYS A 61 0.02 6.97 1.92
N PHE A 62 0.76 6.74 2.99
CA PHE A 62 0.28 7.04 4.34
C PHE A 62 1.00 8.26 4.91
N SER A 63 0.42 8.84 5.95
CA SER A 63 1.00 10.01 6.59
C SER A 63 2.40 9.70 7.11
N SER A 64 2.53 8.57 7.80
CA SER A 64 3.81 8.15 8.37
C SER A 64 4.08 6.68 8.08
N PRO A 65 5.37 6.35 7.87
CA PRO A 65 5.78 4.97 7.58
C PRO A 65 5.14 3.95 8.51
N GLU A 66 5.35 4.14 9.81
CA GLU A 66 4.78 3.24 10.80
C GLU A 66 3.38 2.78 10.40
N GLU A 67 2.45 3.72 10.34
CA GLU A 67 1.08 3.42 9.96
C GLU A 67 1.04 2.58 8.68
N ALA A 68 1.86 2.95 7.71
CA ALA A 68 1.92 2.23 6.45
C ALA A 68 2.34 0.78 6.66
N THR A 69 3.40 0.58 7.44
CA THR A 69 3.90 -0.76 7.72
C THR A 69 2.77 -1.71 8.09
N LYS A 70 2.09 -1.41 9.18
CA LYS A 70 0.99 -2.23 9.65
C LYS A 70 0.12 -2.68 8.48
N ALA A 71 -0.53 -1.73 7.82
CA ALA A 71 -1.39 -2.03 6.68
C ALA A 71 -0.80 -3.16 5.85
N VAL A 72 0.44 -2.99 5.41
CA VAL A 72 1.11 -4.00 4.60
C VAL A 72 0.83 -5.40 5.11
N THR A 73 1.04 -5.60 6.42
CA THR A 73 0.80 -6.90 7.04
C THR A 73 -0.68 -7.12 7.30
N GLU A 74 -1.28 -6.22 8.08
CA GLU A 74 -2.70 -6.31 8.41
C GLU A 74 -3.53 -6.63 7.17
N MET A 75 -3.01 -6.25 6.00
CA MET A 75 -3.70 -6.49 4.74
C MET A 75 -3.10 -7.69 4.01
N ASN A 76 -1.78 -7.65 3.83
CA ASN A 76 -1.08 -8.73 3.14
C ASN A 76 -1.73 -10.07 3.43
N GLY A 77 -2.34 -10.67 2.41
CA GLY A 77 -3.00 -11.96 2.57
C GLY A 77 -4.40 -11.83 3.12
N ARG A 78 -4.99 -10.64 2.95
CA ARG A 78 -6.35 -10.38 3.43
C ARG A 78 -7.35 -10.53 2.30
N ILE A 79 -8.33 -11.41 2.50
CA ILE A 79 -9.37 -11.64 1.49
C ILE A 79 -10.58 -10.76 1.75
N VAL A 80 -10.97 -10.00 0.73
CA VAL A 80 -12.12 -9.12 0.84
C VAL A 80 -13.29 -9.61 -0.02
N ALA A 81 -13.00 -9.87 -1.30
CA ALA A 81 -14.02 -10.36 -2.22
C ALA A 81 -13.72 -11.79 -2.66
N THR A 82 -12.67 -11.95 -3.46
CA THR A 82 -12.28 -13.27 -3.94
C THR A 82 -10.79 -13.52 -3.74
N LYS A 83 -9.97 -12.60 -4.22
CA LYS A 83 -8.52 -12.71 -4.09
C LYS A 83 -8.00 -11.81 -2.97
N PRO A 84 -6.86 -12.21 -2.38
CA PRO A 84 -6.24 -11.46 -1.28
C PRO A 84 -5.49 -10.22 -1.78
N LEU A 85 -5.52 -9.16 -0.98
CA LEU A 85 -4.84 -7.92 -1.34
C LEU A 85 -3.35 -7.98 -0.99
N TYR A 86 -2.55 -8.41 -1.95
CA TYR A 86 -1.10 -8.52 -1.75
C TYR A 86 -0.48 -7.15 -1.56
N VAL A 87 -0.21 -6.78 -0.30
CA VAL A 87 0.39 -5.50 0.01
C VAL A 87 1.85 -5.67 0.42
N ALA A 88 2.71 -4.79 -0.10
CA ALA A 88 4.13 -4.83 0.21
C ALA A 88 4.79 -3.48 -0.05
N LEU A 89 5.83 -3.18 0.73
CA LEU A 89 6.54 -1.92 0.59
C LEU A 89 7.13 -1.78 -0.81
N ALA A 90 7.01 -0.58 -1.38
CA ALA A 90 7.52 -0.31 -2.72
C ALA A 90 8.67 0.70 -2.67
N GLN A 91 9.82 0.30 -3.18
CA GLN A 91 10.99 1.18 -3.20
C GLN A 91 10.84 2.25 -4.27
N ARG A 92 11.10 3.50 -3.89
CA ARG A 92 11.00 4.63 -4.81
C ARG A 92 12.21 5.54 -4.70
N LYS A 93 12.42 6.38 -5.71
CA LYS A 93 13.55 7.30 -5.73
C LYS A 93 13.41 8.31 -6.86
N GLU A 94 13.05 9.54 -6.52
CA GLU A 94 12.89 10.59 -7.51
C GLU A 94 12.12 10.08 -8.74
N GLU A 95 11.09 9.28 -8.48
CA GLU A 95 10.28 8.73 -9.56
C GLU A 95 9.38 9.79 -10.17
N ARG A 96 8.72 10.58 -9.33
CA ARG A 96 7.84 11.64 -9.79
C ARG A 96 8.44 13.02 -9.50
N GLN A 97 8.86 13.70 -10.54
CA GLN A 97 9.45 15.04 -10.40
C GLN A 97 8.75 16.04 -11.31
N SER A 98 8.31 17.14 -10.72
CA SER A 98 7.61 18.18 -11.47
C SER A 98 8.01 19.57 -10.98
N GLY A 99 8.42 20.43 -11.92
CA GLY A 99 8.82 21.77 -11.55
C GLY A 99 9.20 22.62 -12.75
N PRO A 100 8.19 23.07 -13.51
CA PRO A 100 8.41 23.88 -14.71
C PRO A 100 8.75 25.34 -14.37
N SER A 101 9.20 26.08 -15.37
CA SER A 101 9.56 27.48 -15.18
C SER A 101 8.66 28.40 -15.99
N SER A 102 8.40 29.59 -15.47
CA SER A 102 7.54 30.56 -16.15
C SER A 102 8.36 31.72 -16.69
N GLY A 103 7.85 32.36 -17.74
CA GLY A 103 8.56 33.48 -18.34
C GLY A 103 9.99 33.14 -18.70
N GLY A 1 -4.58 -25.72 19.26
CA GLY A 1 -3.86 -24.86 18.33
C GLY A 1 -3.43 -23.55 18.95
N SER A 2 -2.30 -23.56 19.64
CA SER A 2 -1.78 -22.37 20.30
C SER A 2 -1.16 -21.42 19.27
N SER A 3 -1.29 -20.12 19.51
CA SER A 3 -0.74 -19.11 18.62
C SER A 3 0.74 -18.90 18.89
N GLY A 4 1.49 -18.56 17.85
CA GLY A 4 2.92 -18.34 17.99
C GLY A 4 3.61 -18.13 16.66
N SER A 5 4.53 -17.17 16.61
CA SER A 5 5.26 -16.86 15.39
C SER A 5 6.56 -16.13 15.69
N SER A 6 7.57 -16.35 14.87
CA SER A 6 8.87 -15.72 15.05
C SER A 6 9.31 -15.00 13.77
N GLY A 7 8.84 -13.78 13.59
CA GLY A 7 9.20 -13.01 12.42
C GLY A 7 8.77 -11.55 12.53
N ASP A 8 9.74 -10.65 12.44
CA ASP A 8 9.46 -9.22 12.53
C ASP A 8 10.45 -8.42 11.68
N ARG A 9 9.92 -7.65 10.75
CA ARG A 9 10.75 -6.83 9.86
C ARG A 9 10.84 -5.39 10.38
N ILE A 10 12.00 -4.79 10.19
CA ILE A 10 12.23 -3.41 10.63
C ILE A 10 12.72 -2.54 9.49
N THR A 11 11.83 -1.69 8.98
CA THR A 11 12.17 -0.80 7.87
C THR A 11 12.69 0.54 8.40
N ARG A 12 14.01 0.63 8.56
CA ARG A 12 14.63 1.85 9.05
C ARG A 12 14.30 3.03 8.15
N TYR A 13 14.38 2.81 6.85
CA TYR A 13 14.09 3.85 5.87
C TYR A 13 12.62 4.25 5.92
N GLN A 14 12.33 5.47 5.47
CA GLN A 14 10.96 5.96 5.46
C GLN A 14 10.21 5.47 4.23
N VAL A 15 9.31 4.50 4.44
CA VAL A 15 8.53 3.94 3.35
C VAL A 15 7.04 4.00 3.65
N VAL A 16 6.37 5.04 3.14
CA VAL A 16 4.94 5.21 3.36
C VAL A 16 4.14 4.65 2.19
N ASN A 17 4.71 4.72 0.99
CA ASN A 17 4.05 4.22 -0.21
C ASN A 17 3.96 2.70 -0.19
N LEU A 18 2.75 2.18 -0.34
CA LEU A 18 2.53 0.73 -0.34
C LEU A 18 2.06 0.25 -1.72
N TYR A 19 2.56 -0.90 -2.14
CA TYR A 19 2.19 -1.47 -3.43
C TYR A 19 1.06 -2.48 -3.27
N VAL A 20 -0.06 -2.23 -3.95
CA VAL A 20 -1.21 -3.12 -3.89
C VAL A 20 -1.30 -3.98 -5.15
N LYS A 21 -1.53 -5.28 -4.96
CA LYS A 21 -1.65 -6.21 -6.07
C LYS A 21 -2.85 -7.12 -5.89
N ASN A 22 -3.27 -7.75 -6.98
CA ASN A 22 -4.41 -8.66 -6.94
C ASN A 22 -5.69 -7.92 -6.57
N LEU A 23 -5.93 -6.79 -7.23
CA LEU A 23 -7.12 -5.98 -6.98
C LEU A 23 -8.30 -6.47 -7.80
N ASP A 24 -9.18 -7.24 -7.18
CA ASP A 24 -10.35 -7.77 -7.86
C ASP A 24 -11.04 -6.69 -8.69
N ASP A 25 -11.80 -7.11 -9.69
CA ASP A 25 -12.51 -6.17 -10.55
C ASP A 25 -13.46 -5.29 -9.75
N GLY A 26 -14.16 -5.90 -8.79
CA GLY A 26 -15.09 -5.14 -7.97
C GLY A 26 -14.41 -4.03 -7.19
N ILE A 27 -13.20 -4.30 -6.71
CA ILE A 27 -12.44 -3.32 -5.95
C ILE A 27 -12.05 -2.14 -6.82
N ASP A 28 -12.28 -0.92 -6.33
CA ASP A 28 -11.95 0.29 -7.07
C ASP A 28 -11.10 1.23 -6.21
N ASP A 29 -10.82 2.41 -6.74
CA ASP A 29 -10.02 3.40 -6.03
C ASP A 29 -10.50 3.55 -4.59
N GLU A 30 -11.75 3.96 -4.43
CA GLU A 30 -12.33 4.14 -3.10
C GLU A 30 -12.08 2.92 -2.22
N ARG A 31 -12.67 1.79 -2.61
CA ARG A 31 -12.52 0.55 -1.86
C ARG A 31 -11.12 0.46 -1.25
N LEU A 32 -10.11 0.70 -2.07
CA LEU A 32 -8.72 0.64 -1.61
C LEU A 32 -8.51 1.56 -0.41
N ARG A 33 -8.45 2.87 -0.68
CA ARG A 33 -8.25 3.86 0.38
C ARG A 33 -9.21 3.61 1.54
N LYS A 34 -10.33 2.96 1.25
CA LYS A 34 -11.33 2.66 2.27
C LYS A 34 -10.86 1.52 3.17
N ALA A 35 -10.24 0.51 2.57
CA ALA A 35 -9.74 -0.64 3.31
C ALA A 35 -8.32 -0.39 3.82
N PHE A 36 -7.94 0.88 3.87
CA PHE A 36 -6.61 1.25 4.34
C PHE A 36 -6.69 2.30 5.44
N SER A 37 -7.73 3.13 5.39
CA SER A 37 -7.93 4.18 6.38
C SER A 37 -7.92 3.61 7.79
N PRO A 38 -8.63 2.48 7.98
CA PRO A 38 -8.73 1.81 9.27
C PRO A 38 -7.35 1.62 9.92
N PHE A 39 -6.30 1.74 9.12
CA PHE A 39 -4.94 1.59 9.62
C PHE A 39 -4.28 2.94 9.84
N GLY A 40 -4.15 3.71 8.76
CA GLY A 40 -3.55 5.02 8.85
C GLY A 40 -4.12 6.00 7.85
N THR A 41 -3.95 7.29 8.11
CA THR A 41 -4.45 8.33 7.24
C THR A 41 -3.75 8.30 5.89
N ILE A 42 -4.50 8.54 4.81
CA ILE A 42 -3.94 8.54 3.47
C ILE A 42 -4.13 9.89 2.79
N THR A 43 -3.07 10.38 2.14
CA THR A 43 -3.12 11.66 1.45
C THR A 43 -3.34 11.48 -0.04
N SER A 44 -2.75 10.42 -0.60
CA SER A 44 -2.88 10.15 -2.02
C SER A 44 -3.09 8.65 -2.26
N ALA A 45 -4.20 8.30 -2.91
CA ALA A 45 -4.51 6.91 -3.21
C ALA A 45 -5.02 6.75 -4.63
N LYS A 46 -4.38 5.90 -5.40
CA LYS A 46 -4.77 5.65 -6.79
C LYS A 46 -4.41 4.23 -7.21
N VAL A 47 -5.21 3.68 -8.12
CA VAL A 47 -4.97 2.32 -8.61
C VAL A 47 -4.62 2.33 -10.10
N MET A 48 -3.65 1.50 -10.47
CA MET A 48 -3.22 1.41 -11.86
C MET A 48 -4.37 0.95 -12.76
N MET A 49 -4.70 1.76 -13.76
CA MET A 49 -5.77 1.43 -14.69
C MET A 49 -5.40 1.83 -16.11
N GLU A 50 -5.68 0.93 -17.06
CA GLU A 50 -5.38 1.19 -18.46
C GLU A 50 -6.57 0.87 -19.34
N GLY A 51 -7.45 1.85 -19.54
CA GLY A 51 -8.62 1.65 -20.36
C GLY A 51 -9.86 1.35 -19.54
N GLY A 52 -10.19 2.25 -18.61
CA GLY A 52 -11.36 2.05 -17.78
C GLY A 52 -11.51 0.61 -17.32
N ARG A 53 -10.41 0.02 -16.87
CA ARG A 53 -10.42 -1.36 -16.40
C ARG A 53 -9.33 -1.59 -15.37
N SER A 54 -9.70 -2.18 -14.23
CA SER A 54 -8.76 -2.45 -13.16
C SER A 54 -7.72 -3.48 -13.60
N LYS A 55 -6.47 -3.05 -13.69
CA LYS A 55 -5.38 -3.93 -14.10
C LYS A 55 -5.17 -5.04 -13.07
N GLY A 56 -5.12 -4.67 -11.80
CA GLY A 56 -4.93 -5.65 -10.74
C GLY A 56 -3.86 -5.23 -9.76
N PHE A 57 -3.67 -3.92 -9.60
CA PHE A 57 -2.68 -3.38 -8.68
C PHE A 57 -2.76 -1.87 -8.62
N GLY A 58 -2.11 -1.28 -7.61
CA GLY A 58 -2.12 0.15 -7.45
C GLY A 58 -1.10 0.64 -6.44
N PHE A 59 -1.26 1.87 -5.98
CA PHE A 59 -0.34 2.45 -5.00
C PHE A 59 -1.08 3.35 -4.02
N VAL A 60 -0.71 3.26 -2.75
CA VAL A 60 -1.34 4.07 -1.71
C VAL A 60 -0.29 4.76 -0.84
N CYS A 61 -0.59 5.99 -0.44
CA CYS A 61 0.33 6.77 0.39
C CYS A 61 -0.28 7.02 1.77
N PHE A 62 0.58 7.04 2.79
CA PHE A 62 0.13 7.28 4.16
C PHE A 62 0.80 8.51 4.75
N SER A 63 0.38 8.88 5.96
CA SER A 63 0.94 10.05 6.63
C SER A 63 2.34 9.75 7.14
N SER A 64 2.53 8.56 7.71
CA SER A 64 3.83 8.16 8.24
C SER A 64 4.09 6.69 7.97
N PRO A 65 5.37 6.35 7.74
CA PRO A 65 5.79 4.98 7.45
C PRO A 65 5.17 3.97 8.41
N GLU A 66 5.39 4.18 9.71
CA GLU A 66 4.86 3.30 10.73
C GLU A 66 3.46 2.81 10.36
N GLU A 67 2.51 3.74 10.26
CA GLU A 67 1.14 3.42 9.91
C GLU A 67 1.10 2.49 8.69
N ALA A 68 1.88 2.83 7.67
CA ALA A 68 1.93 2.04 6.45
C ALA A 68 2.42 0.62 6.74
N THR A 69 3.47 0.52 7.55
CA THR A 69 4.03 -0.78 7.91
C THR A 69 2.93 -1.78 8.28
N LYS A 70 2.18 -1.45 9.33
CA LYS A 70 1.09 -2.33 9.78
C LYS A 70 0.22 -2.77 8.60
N ALA A 71 -0.40 -1.81 7.94
CA ALA A 71 -1.25 -2.10 6.79
C ALA A 71 -0.68 -3.23 5.95
N VAL A 72 0.60 -3.12 5.60
CA VAL A 72 1.27 -4.13 4.80
C VAL A 72 0.88 -5.54 5.26
N THR A 73 1.11 -5.83 6.53
CA THR A 73 0.78 -7.14 7.08
C THR A 73 -0.71 -7.25 7.36
N GLU A 74 -1.24 -6.32 8.15
CA GLU A 74 -2.66 -6.31 8.49
C GLU A 74 -3.51 -6.63 7.26
N MET A 75 -3.02 -6.23 6.09
CA MET A 75 -3.74 -6.45 4.85
C MET A 75 -3.17 -7.66 4.10
N ASN A 76 -1.86 -7.64 3.87
CA ASN A 76 -1.19 -8.72 3.16
C ASN A 76 -1.84 -10.05 3.48
N GLY A 77 -2.41 -10.70 2.47
CA GLY A 77 -3.06 -11.98 2.67
C GLY A 77 -4.46 -11.84 3.23
N ARG A 78 -5.10 -10.71 2.95
CA ARG A 78 -6.45 -10.45 3.44
C ARG A 78 -7.49 -10.72 2.35
N ILE A 79 -8.36 -11.68 2.61
CA ILE A 79 -9.41 -12.04 1.65
C ILE A 79 -10.68 -11.24 1.90
N VAL A 80 -11.07 -10.43 0.92
CA VAL A 80 -12.27 -9.61 1.04
C VAL A 80 -13.39 -10.16 0.16
N ALA A 81 -13.05 -10.51 -1.08
CA ALA A 81 -14.03 -11.05 -2.01
C ALA A 81 -13.65 -12.47 -2.44
N THR A 82 -12.63 -12.58 -3.27
CA THR A 82 -12.17 -13.88 -3.76
C THR A 82 -10.65 -14.01 -3.61
N LYS A 83 -9.93 -13.03 -4.13
CA LYS A 83 -8.47 -13.03 -4.06
C LYS A 83 -7.97 -12.14 -2.94
N PRO A 84 -6.83 -12.51 -2.35
CA PRO A 84 -6.21 -11.74 -1.25
C PRO A 84 -5.48 -10.51 -1.75
N LEU A 85 -5.66 -9.40 -1.04
CA LEU A 85 -5.02 -8.14 -1.40
C LEU A 85 -3.53 -8.18 -1.05
N TYR A 86 -2.71 -8.59 -2.02
CA TYR A 86 -1.27 -8.67 -1.82
C TYR A 86 -0.67 -7.29 -1.57
N VAL A 87 -0.33 -7.00 -0.32
CA VAL A 87 0.25 -5.71 0.04
C VAL A 87 1.73 -5.85 0.38
N ALA A 88 2.55 -4.97 -0.17
CA ALA A 88 3.98 -4.99 0.08
C ALA A 88 4.58 -3.59 -0.06
N LEU A 89 5.66 -3.34 0.66
CA LEU A 89 6.34 -2.04 0.61
C LEU A 89 6.80 -1.72 -0.80
N ALA A 90 6.58 -0.48 -1.22
CA ALA A 90 6.98 -0.04 -2.54
C ALA A 90 8.31 0.71 -2.51
N GLN A 91 8.85 1.02 -3.68
CA GLN A 91 10.11 1.73 -3.78
C GLN A 91 9.89 3.21 -4.07
N ARG A 92 9.53 3.96 -3.03
CA ARG A 92 9.28 5.40 -3.18
C ARG A 92 9.71 6.15 -1.93
N LYS A 93 9.95 7.45 -2.09
CA LYS A 93 10.38 8.29 -0.97
C LYS A 93 9.24 9.21 -0.52
N GLU A 94 8.92 10.19 -1.35
CA GLU A 94 7.86 11.14 -1.04
C GLU A 94 7.15 11.60 -2.31
N GLU A 95 5.91 12.06 -2.15
CA GLU A 95 5.13 12.53 -3.29
C GLU A 95 4.86 14.03 -3.19
N ARG A 96 4.55 14.65 -4.33
CA ARG A 96 4.28 16.08 -4.37
C ARG A 96 2.96 16.37 -5.08
N GLN A 97 2.38 17.52 -4.78
CA GLN A 97 1.12 17.92 -5.40
C GLN A 97 1.29 19.18 -6.24
N SER A 98 0.85 19.10 -7.49
CA SER A 98 0.96 20.23 -8.41
C SER A 98 0.16 19.97 -9.69
N GLY A 99 0.03 21.00 -10.51
CA GLY A 99 -0.71 20.88 -11.76
C GLY A 99 -0.05 21.62 -12.90
N PRO A 100 1.10 21.10 -13.36
CA PRO A 100 1.85 21.70 -14.46
C PRO A 100 1.22 21.41 -15.83
N SER A 101 1.86 21.91 -16.89
CA SER A 101 1.36 21.70 -18.24
C SER A 101 2.41 21.02 -19.10
N SER A 102 1.95 20.14 -19.99
CA SER A 102 2.85 19.40 -20.88
C SER A 102 2.44 19.58 -22.34
N GLY A 103 3.42 19.71 -23.21
CA GLY A 103 3.14 19.89 -24.62
C GLY A 103 2.89 21.33 -25.00
N GLY A 1 -5.74 -9.62 32.19
CA GLY A 1 -5.12 -8.32 31.99
C GLY A 1 -3.78 -8.19 32.68
N SER A 2 -3.45 -7.00 33.14
CA SER A 2 -2.18 -6.75 33.82
C SER A 2 -1.07 -7.59 33.21
N SER A 3 -1.03 -7.64 31.88
CA SER A 3 -0.02 -8.41 31.17
C SER A 3 0.47 -7.65 29.95
N GLY A 4 1.64 -8.06 29.43
CA GLY A 4 2.19 -7.41 28.26
C GLY A 4 3.44 -8.11 27.75
N SER A 5 3.80 -7.85 26.50
CA SER A 5 4.98 -8.47 25.89
C SER A 5 5.60 -7.53 24.86
N SER A 6 6.79 -7.91 24.38
CA SER A 6 7.49 -7.10 23.40
C SER A 6 8.01 -7.98 22.26
N GLY A 7 8.54 -7.34 21.22
CA GLY A 7 9.07 -8.08 20.08
C GLY A 7 8.66 -7.47 18.76
N ASP A 8 9.61 -6.87 18.06
CA ASP A 8 9.34 -6.25 16.76
C ASP A 8 10.64 -5.79 16.10
N ARG A 9 10.55 -5.41 14.83
CA ARG A 9 11.71 -4.95 14.08
C ARG A 9 11.62 -3.44 13.82
N ILE A 10 12.74 -2.87 13.39
CA ILE A 10 12.80 -1.44 13.10
C ILE A 10 13.03 -1.19 11.61
N THR A 11 12.53 -0.05 11.13
CA THR A 11 12.68 0.31 9.72
C THR A 11 13.49 1.59 9.57
N ARG A 12 14.79 1.45 9.34
CA ARG A 12 15.66 2.61 9.17
C ARG A 12 15.27 3.41 7.94
N TYR A 13 15.04 2.71 6.83
CA TYR A 13 14.66 3.36 5.58
C TYR A 13 13.21 3.82 5.62
N GLN A 14 13.03 5.13 5.72
CA GLN A 14 11.68 5.70 5.77
C GLN A 14 10.85 5.23 4.58
N VAL A 15 9.70 4.63 4.88
CA VAL A 15 8.80 4.13 3.84
C VAL A 15 7.34 4.36 4.21
N VAL A 16 6.64 5.12 3.39
CA VAL A 16 5.23 5.43 3.63
C VAL A 16 4.36 4.91 2.50
N ASN A 17 4.96 4.77 1.31
CA ASN A 17 4.23 4.27 0.15
C ASN A 17 4.05 2.76 0.22
N LEU A 18 2.90 2.29 -0.26
CA LEU A 18 2.60 0.85 -0.25
C LEU A 18 2.10 0.40 -1.61
N TYR A 19 2.60 -0.74 -2.07
CA TYR A 19 2.21 -1.29 -3.37
C TYR A 19 1.09 -2.31 -3.20
N VAL A 20 -0.03 -2.07 -3.89
CA VAL A 20 -1.17 -2.98 -3.82
C VAL A 20 -1.28 -3.82 -5.09
N LYS A 21 -1.44 -5.13 -4.91
CA LYS A 21 -1.56 -6.04 -6.04
C LYS A 21 -2.78 -6.95 -5.87
N ASN A 22 -3.20 -7.56 -6.98
CA ASN A 22 -4.35 -8.46 -6.95
C ASN A 22 -5.62 -7.70 -6.57
N LEU A 23 -5.88 -6.61 -7.28
CA LEU A 23 -7.07 -5.80 -7.03
C LEU A 23 -8.23 -6.22 -7.92
N ASP A 24 -9.04 -7.15 -7.43
CA ASP A 24 -10.19 -7.64 -8.18
C ASP A 24 -10.89 -6.50 -8.91
N ASP A 25 -11.24 -6.74 -10.17
CA ASP A 25 -11.91 -5.72 -10.98
C ASP A 25 -12.98 -4.99 -10.17
N GLY A 26 -13.71 -5.75 -9.36
CA GLY A 26 -14.75 -5.16 -8.55
C GLY A 26 -14.22 -4.08 -7.62
N ILE A 27 -13.04 -4.31 -7.07
CA ILE A 27 -12.41 -3.34 -6.17
C ILE A 27 -12.06 -2.05 -6.90
N ASP A 28 -12.52 -0.93 -6.35
CA ASP A 28 -12.26 0.38 -6.95
C ASP A 28 -11.30 1.19 -6.08
N ASP A 29 -10.96 2.38 -6.54
CA ASP A 29 -10.05 3.25 -5.81
C ASP A 29 -10.55 3.48 -4.38
N GLU A 30 -11.86 3.68 -4.25
CA GLU A 30 -12.46 3.92 -2.94
C GLU A 30 -12.29 2.70 -2.04
N ARG A 31 -12.78 1.55 -2.49
CA ARG A 31 -12.69 0.32 -1.72
C ARG A 31 -11.31 0.18 -1.09
N LEU A 32 -10.27 0.32 -1.91
CA LEU A 32 -8.90 0.21 -1.44
C LEU A 32 -8.63 1.21 -0.32
N ARG A 33 -8.57 2.49 -0.68
CA ARG A 33 -8.32 3.55 0.29
C ARG A 33 -9.20 3.39 1.52
N LYS A 34 -10.37 2.77 1.32
CA LYS A 34 -11.31 2.56 2.40
C LYS A 34 -10.84 1.45 3.33
N ALA A 35 -10.13 0.47 2.76
CA ALA A 35 -9.62 -0.66 3.53
C ALA A 35 -8.20 -0.37 4.02
N PHE A 36 -7.83 0.90 4.03
CA PHE A 36 -6.50 1.30 4.48
C PHE A 36 -6.59 2.39 5.55
N SER A 37 -7.65 3.19 5.48
CA SER A 37 -7.85 4.28 6.43
C SER A 37 -7.82 3.74 7.87
N PRO A 38 -8.52 2.62 8.09
CA PRO A 38 -8.59 1.98 9.41
C PRO A 38 -7.22 1.83 10.06
N PHE A 39 -6.18 1.94 9.25
CA PHE A 39 -4.81 1.82 9.74
C PHE A 39 -4.18 3.19 9.94
N GLY A 40 -4.14 3.98 8.87
CA GLY A 40 -3.55 5.31 8.95
C GLY A 40 -4.09 6.23 7.88
N THR A 41 -3.81 7.53 8.03
CA THR A 41 -4.27 8.53 7.07
C THR A 41 -3.60 8.33 5.71
N ILE A 42 -4.37 8.58 4.65
CA ILE A 42 -3.86 8.43 3.29
C ILE A 42 -4.00 9.72 2.50
N THR A 43 -2.98 10.04 1.71
CA THR A 43 -2.99 11.25 0.90
C THR A 43 -3.11 10.93 -0.58
N SER A 44 -2.41 9.87 -1.00
CA SER A 44 -2.42 9.45 -2.39
C SER A 44 -2.79 7.97 -2.51
N ALA A 45 -3.97 7.71 -3.06
CA ALA A 45 -4.44 6.34 -3.23
C ALA A 45 -5.27 6.19 -4.51
N LYS A 46 -4.88 5.25 -5.35
CA LYS A 46 -5.58 5.00 -6.61
C LYS A 46 -5.17 3.66 -7.21
N VAL A 47 -6.10 3.03 -7.93
CA VAL A 47 -5.84 1.75 -8.56
C VAL A 47 -5.47 1.92 -10.04
N MET A 48 -4.49 1.15 -10.48
CA MET A 48 -4.05 1.21 -11.86
C MET A 48 -5.07 0.58 -12.80
N MET A 49 -5.92 1.42 -13.38
CA MET A 49 -6.96 0.95 -14.30
C MET A 49 -6.46 0.98 -15.75
N GLU A 50 -7.23 0.38 -16.65
CA GLU A 50 -6.86 0.36 -18.06
C GLU A 50 -8.09 0.11 -18.93
N GLY A 51 -8.53 1.16 -19.63
CA GLY A 51 -9.70 1.04 -20.49
C GLY A 51 -10.93 0.60 -19.73
N GLY A 52 -11.40 -0.62 -20.01
CA GLY A 52 -12.58 -1.12 -19.35
C GLY A 52 -12.27 -2.29 -18.43
N ARG A 53 -11.16 -2.19 -17.70
CA ARG A 53 -10.75 -3.26 -16.79
C ARG A 53 -9.76 -2.73 -15.76
N SER A 54 -9.46 -3.55 -14.76
CA SER A 54 -8.53 -3.18 -13.71
C SER A 54 -7.28 -4.05 -13.75
N LYS A 55 -6.16 -3.47 -14.16
CA LYS A 55 -4.90 -4.19 -14.24
C LYS A 55 -4.78 -5.21 -13.10
N GLY A 56 -5.07 -4.76 -11.88
CA GLY A 56 -5.00 -5.64 -10.74
C GLY A 56 -3.95 -5.19 -9.73
N PHE A 57 -3.81 -3.88 -9.57
CA PHE A 57 -2.85 -3.32 -8.63
C PHE A 57 -2.99 -1.79 -8.54
N GLY A 58 -2.41 -1.21 -7.50
CA GLY A 58 -2.48 0.22 -7.32
C GLY A 58 -1.40 0.75 -6.39
N PHE A 59 -1.55 1.99 -5.95
CA PHE A 59 -0.58 2.61 -5.05
C PHE A 59 -1.29 3.33 -3.90
N VAL A 60 -0.67 3.28 -2.73
CA VAL A 60 -1.24 3.93 -1.54
C VAL A 60 -0.16 4.66 -0.75
N CYS A 61 -0.45 5.91 -0.38
CA CYS A 61 0.49 6.73 0.37
C CYS A 61 -0.07 7.06 1.75
N PHE A 62 0.78 6.91 2.78
CA PHE A 62 0.36 7.21 4.14
C PHE A 62 1.06 8.45 4.67
N SER A 63 0.62 8.93 5.83
CA SER A 63 1.20 10.11 6.44
C SER A 63 2.50 9.77 7.18
N SER A 64 2.49 8.66 7.90
CA SER A 64 3.66 8.21 8.64
C SER A 64 4.04 6.78 8.27
N PRO A 65 5.34 6.54 8.12
CA PRO A 65 5.86 5.21 7.76
C PRO A 65 5.24 4.10 8.60
N GLU A 66 5.45 4.18 9.92
CA GLU A 66 4.91 3.19 10.83
C GLU A 66 3.53 2.71 10.37
N GLU A 67 2.59 3.65 10.27
CA GLU A 67 1.23 3.34 9.83
C GLU A 67 1.24 2.44 8.59
N ALA A 68 2.09 2.80 7.63
CA ALA A 68 2.20 2.02 6.40
C ALA A 68 2.66 0.60 6.69
N THR A 69 3.64 0.46 7.57
CA THR A 69 4.16 -0.85 7.92
C THR A 69 3.05 -1.81 8.32
N LYS A 70 2.40 -1.53 9.44
CA LYS A 70 1.30 -2.36 9.92
C LYS A 70 0.40 -2.79 8.77
N ALA A 71 -0.23 -1.82 8.12
CA ALA A 71 -1.12 -2.10 7.01
C ALA A 71 -0.59 -3.25 6.15
N VAL A 72 0.67 -3.13 5.72
CA VAL A 72 1.29 -4.15 4.90
C VAL A 72 0.91 -5.55 5.38
N THR A 73 1.15 -5.82 6.66
CA THR A 73 0.82 -7.12 7.24
C THR A 73 -0.66 -7.23 7.56
N GLU A 74 -1.17 -6.27 8.34
CA GLU A 74 -2.58 -6.26 8.71
C GLU A 74 -3.47 -6.52 7.50
N MET A 75 -2.96 -6.19 6.31
CA MET A 75 -3.71 -6.40 5.08
C MET A 75 -3.18 -7.60 4.32
N ASN A 76 -1.87 -7.63 4.09
CA ASN A 76 -1.24 -8.73 3.37
C ASN A 76 -1.93 -10.06 3.69
N GLY A 77 -2.64 -10.60 2.70
CA GLY A 77 -3.33 -11.86 2.89
C GLY A 77 -4.76 -11.67 3.35
N ARG A 78 -5.34 -10.51 3.02
CA ARG A 78 -6.71 -10.21 3.41
C ARG A 78 -7.67 -10.46 2.26
N ILE A 79 -8.63 -11.36 2.47
CA ILE A 79 -9.61 -11.69 1.46
C ILE A 79 -10.84 -10.80 1.56
N VAL A 80 -11.22 -10.17 0.45
CA VAL A 80 -12.38 -9.30 0.42
C VAL A 80 -13.45 -9.84 -0.52
N ALA A 81 -13.03 -10.35 -1.66
CA ALA A 81 -13.95 -10.90 -2.64
C ALA A 81 -13.57 -12.33 -3.02
N THR A 82 -12.46 -12.49 -3.73
CA THR A 82 -12.00 -13.81 -4.14
C THR A 82 -10.52 -13.98 -3.85
N LYS A 83 -9.71 -13.04 -4.32
CA LYS A 83 -8.26 -13.09 -4.11
C LYS A 83 -7.85 -12.16 -2.97
N PRO A 84 -6.78 -12.54 -2.26
CA PRO A 84 -6.26 -11.75 -1.14
C PRO A 84 -5.48 -10.53 -1.60
N LEU A 85 -5.72 -9.40 -0.93
CA LEU A 85 -5.04 -8.16 -1.28
C LEU A 85 -3.55 -8.25 -0.97
N TYR A 86 -2.75 -8.49 -2.00
CA TYR A 86 -1.30 -8.59 -1.84
C TYR A 86 -0.67 -7.23 -1.61
N VAL A 87 -0.47 -6.89 -0.34
CA VAL A 87 0.13 -5.61 0.03
C VAL A 87 1.63 -5.76 0.28
N ALA A 88 2.39 -4.73 -0.11
CA ALA A 88 3.83 -4.75 0.08
C ALA A 88 4.40 -3.33 0.08
N LEU A 89 5.68 -3.21 0.42
CA LEU A 89 6.34 -1.91 0.46
C LEU A 89 6.76 -1.47 -0.95
N ALA A 90 6.60 -0.17 -1.23
CA ALA A 90 6.98 0.37 -2.52
C ALA A 90 8.27 1.17 -2.43
N GLN A 91 8.25 2.23 -1.63
CA GLN A 91 9.43 3.08 -1.46
C GLN A 91 10.54 2.33 -0.73
N ARG A 92 11.77 2.49 -1.21
CA ARG A 92 12.92 1.82 -0.61
C ARG A 92 13.64 2.76 0.35
N LYS A 93 13.68 4.04 0.01
CA LYS A 93 14.34 5.04 0.84
C LYS A 93 13.77 6.42 0.58
N GLU A 94 13.50 7.17 1.65
CA GLU A 94 12.95 8.51 1.54
C GLU A 94 13.92 9.54 2.09
N GLU A 95 14.04 10.67 1.40
CA GLU A 95 14.93 11.74 1.82
C GLU A 95 14.80 12.00 3.31
N ARG A 96 15.87 12.51 3.92
CA ARG A 96 15.88 12.80 5.35
C ARG A 96 15.04 14.04 5.65
N GLN A 97 15.50 15.19 5.17
CA GLN A 97 14.79 16.45 5.39
C GLN A 97 15.09 17.44 4.28
N SER A 98 14.46 18.61 4.35
CA SER A 98 14.66 19.65 3.35
C SER A 98 14.22 21.01 3.88
N GLY A 99 15.08 22.01 3.73
CA GLY A 99 14.77 23.34 4.20
C GLY A 99 15.94 24.01 4.89
N PRO A 100 16.05 25.33 4.75
CA PRO A 100 17.13 26.11 5.36
C PRO A 100 17.36 25.74 6.82
N SER A 101 18.56 26.00 7.31
CA SER A 101 18.90 25.70 8.69
C SER A 101 19.27 26.96 9.46
N SER A 102 19.32 26.87 10.79
CA SER A 102 19.66 28.01 11.62
C SER A 102 21.06 28.53 11.30
N GLY A 103 21.19 29.85 11.24
CA GLY A 103 22.47 30.46 10.94
C GLY A 103 22.59 30.86 9.49
N GLY A 1 28.76 -29.17 25.08
CA GLY A 1 28.04 -28.63 23.95
C GLY A 1 28.89 -27.69 23.12
N SER A 2 28.26 -27.03 22.15
CA SER A 2 28.98 -26.10 21.28
C SER A 2 28.75 -24.66 21.73
N SER A 3 29.64 -23.77 21.30
CA SER A 3 29.55 -22.37 21.66
C SER A 3 28.97 -21.53 20.52
N GLY A 4 29.59 -21.63 19.36
CA GLY A 4 29.12 -20.89 18.20
C GLY A 4 29.37 -19.40 18.32
N SER A 5 28.41 -18.60 17.83
CA SER A 5 28.53 -17.15 17.90
C SER A 5 27.24 -16.48 17.42
N SER A 6 26.94 -15.33 18.01
CA SER A 6 25.73 -14.59 17.66
C SER A 6 26.03 -13.50 16.64
N GLY A 7 25.00 -13.04 15.93
CA GLY A 7 25.18 -11.99 14.94
C GLY A 7 23.86 -11.54 14.34
N ASP A 8 23.53 -10.28 14.56
CA ASP A 8 22.28 -9.71 14.03
C ASP A 8 22.34 -8.19 14.03
N ARG A 9 21.48 -7.57 13.22
CA ARG A 9 21.43 -6.13 13.12
C ARG A 9 19.99 -5.64 12.96
N ILE A 10 19.71 -4.45 13.46
CA ILE A 10 18.37 -3.87 13.36
C ILE A 10 18.42 -2.45 12.80
N THR A 11 17.53 -2.15 11.86
CA THR A 11 17.47 -0.83 11.25
C THR A 11 16.29 -0.71 10.30
N ARG A 12 15.79 0.50 10.14
CA ARG A 12 14.65 0.75 9.26
C ARG A 12 14.83 2.05 8.48
N TYR A 13 13.90 2.33 7.58
CA TYR A 13 13.96 3.54 6.76
C TYR A 13 12.56 4.12 6.53
N GLN A 14 12.50 5.42 6.33
CA GLN A 14 11.22 6.09 6.09
C GLN A 14 10.53 5.54 4.85
N VAL A 15 9.40 4.87 5.05
CA VAL A 15 8.65 4.28 3.95
C VAL A 15 7.15 4.44 4.16
N VAL A 16 6.52 5.27 3.34
CA VAL A 16 5.09 5.52 3.44
C VAL A 16 4.35 4.97 2.23
N ASN A 17 5.07 4.87 1.10
CA ASN A 17 4.48 4.35 -0.14
C ASN A 17 4.32 2.84 -0.07
N LEU A 18 3.12 2.37 -0.37
CA LEU A 18 2.83 0.94 -0.35
C LEU A 18 2.40 0.45 -1.74
N TYR A 19 2.74 -0.79 -2.05
CA TYR A 19 2.39 -1.38 -3.33
C TYR A 19 1.26 -2.40 -3.18
N VAL A 20 0.12 -2.09 -3.79
CA VAL A 20 -1.03 -2.98 -3.73
C VAL A 20 -1.16 -3.82 -5.01
N LYS A 21 -1.28 -5.12 -4.85
CA LYS A 21 -1.41 -6.02 -5.99
C LYS A 21 -2.60 -6.97 -5.80
N ASN A 22 -3.05 -7.55 -6.90
CA ASN A 22 -4.19 -8.47 -6.86
C ASN A 22 -5.46 -7.76 -6.41
N LEU A 23 -5.75 -6.63 -7.05
CA LEU A 23 -6.94 -5.84 -6.70
C LEU A 23 -8.17 -6.38 -7.42
N ASP A 24 -9.03 -7.07 -6.68
CA ASP A 24 -10.24 -7.63 -7.26
C ASP A 24 -10.95 -6.62 -8.15
N ASP A 25 -11.42 -7.09 -9.30
CA ASP A 25 -12.12 -6.22 -10.24
C ASP A 25 -13.12 -5.32 -9.52
N GLY A 26 -13.82 -5.89 -8.55
CA GLY A 26 -14.81 -5.13 -7.80
C GLY A 26 -14.17 -4.02 -6.97
N ILE A 27 -13.01 -4.29 -6.41
CA ILE A 27 -12.30 -3.32 -5.59
C ILE A 27 -11.89 -2.11 -6.42
N ASP A 28 -12.57 -0.99 -6.20
CA ASP A 28 -12.27 0.24 -6.92
C ASP A 28 -11.33 1.14 -6.12
N ASP A 29 -11.05 2.32 -6.65
CA ASP A 29 -10.16 3.27 -5.97
C ASP A 29 -10.60 3.48 -4.53
N GLU A 30 -11.90 3.68 -4.33
CA GLU A 30 -12.45 3.91 -2.99
C GLU A 30 -12.29 2.66 -2.13
N ARG A 31 -12.80 1.53 -2.63
CA ARG A 31 -12.71 0.27 -1.90
C ARG A 31 -11.32 0.06 -1.32
N LEU A 32 -10.30 0.36 -2.12
CA LEU A 32 -8.91 0.22 -1.69
C LEU A 32 -8.62 1.08 -0.46
N ARG A 33 -8.59 2.39 -0.67
CA ARG A 33 -8.33 3.33 0.42
C ARG A 33 -9.29 3.10 1.58
N LYS A 34 -10.44 2.49 1.28
CA LYS A 34 -11.43 2.21 2.31
C LYS A 34 -10.93 1.14 3.28
N ALA A 35 -10.19 0.17 2.75
CA ALA A 35 -9.65 -0.90 3.56
C ALA A 35 -8.22 -0.59 4.01
N PHE A 36 -7.86 0.69 3.98
CA PHE A 36 -6.53 1.12 4.38
C PHE A 36 -6.61 2.22 5.44
N SER A 37 -7.68 3.01 5.39
CA SER A 37 -7.87 4.10 6.33
C SER A 37 -7.87 3.58 7.76
N PRO A 38 -8.60 2.47 7.99
CA PRO A 38 -8.70 1.84 9.31
C PRO A 38 -7.34 1.67 9.98
N PHE A 39 -6.28 1.77 9.19
CA PHE A 39 -4.92 1.62 9.70
C PHE A 39 -4.27 2.98 9.90
N GLY A 40 -4.30 3.81 8.86
CA GLY A 40 -3.71 5.14 8.93
C GLY A 40 -4.24 6.07 7.87
N THR A 41 -4.02 7.37 8.05
CA THR A 41 -4.48 8.37 7.09
C THR A 41 -3.78 8.20 5.75
N ILE A 42 -4.55 8.38 4.67
CA ILE A 42 -4.00 8.25 3.33
C ILE A 42 -4.17 9.54 2.54
N THR A 43 -3.19 9.86 1.71
CA THR A 43 -3.22 11.07 0.89
C THR A 43 -3.21 10.73 -0.59
N SER A 44 -2.38 9.77 -0.97
CA SER A 44 -2.27 9.36 -2.37
C SER A 44 -2.74 7.91 -2.54
N ALA A 45 -3.92 7.74 -3.12
CA ALA A 45 -4.47 6.41 -3.34
C ALA A 45 -5.11 6.31 -4.73
N LYS A 46 -4.50 5.50 -5.59
CA LYS A 46 -5.01 5.32 -6.95
C LYS A 46 -4.82 3.88 -7.41
N VAL A 47 -5.78 3.38 -8.19
CA VAL A 47 -5.71 2.02 -8.70
C VAL A 47 -5.45 2.00 -10.20
N MET A 48 -4.31 1.43 -10.59
CA MET A 48 -3.95 1.36 -12.01
C MET A 48 -5.05 0.67 -12.82
N MET A 49 -5.29 1.16 -14.03
CA MET A 49 -6.31 0.61 -14.90
C MET A 49 -5.89 0.70 -16.36
N GLU A 50 -6.58 -0.04 -17.22
CA GLU A 50 -6.28 -0.03 -18.65
C GLU A 50 -7.42 0.60 -19.46
N GLY A 51 -7.65 1.88 -19.22
CA GLY A 51 -8.71 2.59 -19.93
C GLY A 51 -10.08 2.31 -19.33
N GLY A 52 -10.32 1.06 -18.97
CA GLY A 52 -11.60 0.69 -18.39
C GLY A 52 -11.50 -0.50 -17.46
N ARG A 53 -10.62 -1.45 -17.80
CA ARG A 53 -10.44 -2.64 -17.00
C ARG A 53 -9.43 -2.39 -15.87
N SER A 54 -9.55 -3.15 -14.79
CA SER A 54 -8.67 -3.01 -13.65
C SER A 54 -7.43 -3.89 -13.81
N LYS A 55 -6.27 -3.26 -14.02
CA LYS A 55 -5.03 -3.98 -14.19
C LYS A 55 -4.84 -5.02 -13.09
N GLY A 56 -4.97 -4.59 -11.85
CA GLY A 56 -4.82 -5.49 -10.72
C GLY A 56 -3.73 -5.05 -9.77
N PHE A 57 -3.56 -3.75 -9.63
CA PHE A 57 -2.54 -3.19 -8.74
C PHE A 57 -2.67 -1.68 -8.63
N GLY A 58 -2.11 -1.12 -7.57
CA GLY A 58 -2.18 0.32 -7.36
C GLY A 58 -1.14 0.82 -6.38
N PHE A 59 -1.25 2.08 -5.99
CA PHE A 59 -0.32 2.68 -5.04
C PHE A 59 -1.07 3.41 -3.93
N VAL A 60 -0.55 3.30 -2.71
CA VAL A 60 -1.16 3.95 -1.55
C VAL A 60 -0.11 4.61 -0.66
N CYS A 61 -0.29 5.89 -0.40
CA CYS A 61 0.65 6.63 0.44
C CYS A 61 0.01 6.99 1.78
N PHE A 62 0.75 6.79 2.86
CA PHE A 62 0.26 7.09 4.20
C PHE A 62 0.95 8.34 4.76
N SER A 63 0.37 8.88 5.83
CA SER A 63 0.93 10.07 6.47
C SER A 63 2.21 9.74 7.23
N SER A 64 2.21 8.59 7.90
CA SER A 64 3.37 8.16 8.67
C SER A 64 3.79 6.75 8.28
N PRO A 65 5.11 6.53 8.19
CA PRO A 65 5.68 5.23 7.82
C PRO A 65 5.04 4.07 8.59
N GLU A 66 5.17 4.11 9.91
CA GLU A 66 4.62 3.07 10.76
C GLU A 66 3.24 2.64 10.27
N GLU A 67 2.32 3.61 10.17
CA GLU A 67 0.97 3.33 9.72
C GLU A 67 0.99 2.48 8.45
N ALA A 68 1.83 2.86 7.51
CA ALA A 68 1.94 2.13 6.25
C ALA A 68 2.44 0.70 6.48
N THR A 69 3.43 0.56 7.36
CA THR A 69 3.99 -0.73 7.67
C THR A 69 2.90 -1.72 8.08
N LYS A 70 2.23 -1.43 9.20
CA LYS A 70 1.17 -2.29 9.70
C LYS A 70 0.26 -2.75 8.56
N ALA A 71 -0.41 -1.79 7.92
CA ALA A 71 -1.30 -2.10 6.81
C ALA A 71 -0.75 -3.24 5.95
N VAL A 72 0.51 -3.09 5.53
CA VAL A 72 1.15 -4.11 4.71
C VAL A 72 0.80 -5.51 5.18
N THR A 73 1.06 -5.78 6.46
CA THR A 73 0.76 -7.09 7.04
C THR A 73 -0.72 -7.23 7.36
N GLU A 74 -1.24 -6.29 8.15
CA GLU A 74 -2.65 -6.32 8.53
C GLU A 74 -3.54 -6.61 7.32
N MET A 75 -3.06 -6.24 6.14
CA MET A 75 -3.81 -6.47 4.91
C MET A 75 -3.25 -7.66 4.14
N ASN A 76 -1.94 -7.64 3.91
CA ASN A 76 -1.29 -8.73 3.19
C ASN A 76 -1.95 -10.06 3.49
N GLY A 77 -2.49 -10.70 2.45
CA GLY A 77 -3.15 -11.98 2.63
C GLY A 77 -4.55 -11.84 3.19
N ARG A 78 -5.12 -10.65 3.05
CA ARG A 78 -6.46 -10.38 3.55
C ARG A 78 -7.48 -10.43 2.40
N ILE A 79 -8.51 -11.24 2.57
CA ILE A 79 -9.55 -11.38 1.55
C ILE A 79 -10.66 -10.36 1.76
N VAL A 80 -11.15 -9.79 0.66
CA VAL A 80 -12.22 -8.80 0.72
C VAL A 80 -13.37 -9.16 -0.21
N ALA A 81 -13.03 -9.76 -1.35
CA ALA A 81 -14.03 -10.16 -2.33
C ALA A 81 -13.80 -11.60 -2.78
N THR A 82 -12.73 -11.82 -3.53
CA THR A 82 -12.41 -13.15 -4.03
C THR A 82 -10.93 -13.48 -3.82
N LYS A 83 -10.06 -12.57 -4.25
CA LYS A 83 -8.62 -12.76 -4.10
C LYS A 83 -8.07 -11.87 -2.99
N PRO A 84 -6.92 -12.28 -2.42
CA PRO A 84 -6.27 -11.53 -1.34
C PRO A 84 -5.51 -10.32 -1.86
N LEU A 85 -5.53 -9.23 -1.09
CA LEU A 85 -4.83 -8.01 -1.49
C LEU A 85 -3.35 -8.11 -1.18
N TYR A 86 -2.57 -8.54 -2.16
CA TYR A 86 -1.13 -8.69 -2.00
C TYR A 86 -0.47 -7.32 -1.78
N VAL A 87 -0.22 -6.99 -0.51
CA VAL A 87 0.40 -5.73 -0.16
C VAL A 87 1.89 -5.91 0.14
N ALA A 88 2.69 -4.92 -0.22
CA ALA A 88 4.12 -4.97 0.01
C ALA A 88 4.73 -3.57 0.00
N LEU A 89 5.85 -3.41 0.69
CA LEU A 89 6.54 -2.12 0.76
C LEU A 89 7.01 -1.68 -0.62
N ALA A 90 6.88 -0.38 -0.90
CA ALA A 90 7.29 0.17 -2.19
C ALA A 90 8.38 1.22 -2.01
N GLN A 91 9.63 0.81 -2.26
CA GLN A 91 10.76 1.72 -2.13
C GLN A 91 11.41 1.98 -3.48
N ARG A 92 10.59 2.16 -4.50
CA ARG A 92 11.08 2.43 -5.85
C ARG A 92 11.29 3.92 -6.08
N LYS A 93 10.25 4.70 -5.82
CA LYS A 93 10.32 6.15 -6.00
C LYS A 93 9.59 6.86 -4.87
N GLU A 94 10.01 8.09 -4.60
CA GLU A 94 9.40 8.89 -3.53
C GLU A 94 8.94 10.24 -4.06
N GLU A 95 7.65 10.52 -3.91
CA GLU A 95 7.07 11.78 -4.38
C GLU A 95 7.51 12.93 -3.48
N ARG A 96 7.70 14.11 -4.09
CA ARG A 96 8.12 15.28 -3.34
C ARG A 96 7.52 16.55 -3.96
N GLN A 97 7.53 17.63 -3.19
CA GLN A 97 6.99 18.91 -3.65
C GLN A 97 8.07 19.74 -4.35
N SER A 98 8.13 19.63 -5.67
CA SER A 98 9.11 20.37 -6.44
C SER A 98 8.74 20.40 -7.92
N GLY A 99 9.03 21.51 -8.58
CA GLY A 99 8.73 21.63 -10.00
C GLY A 99 7.78 22.79 -10.29
N PRO A 100 8.35 23.93 -10.71
CA PRO A 100 7.58 25.13 -11.03
C PRO A 100 6.84 25.02 -12.37
N SER A 101 5.69 25.67 -12.47
CA SER A 101 4.90 25.65 -13.69
C SER A 101 5.12 26.92 -14.51
N SER A 102 5.33 26.75 -15.81
CA SER A 102 5.55 27.87 -16.70
C SER A 102 5.40 27.45 -18.16
N GLY A 103 5.26 28.44 -19.04
CA GLY A 103 5.11 28.16 -20.46
C GLY A 103 4.94 29.42 -21.29
N GLY A 1 14.73 -16.09 30.15
CA GLY A 1 14.69 -17.17 29.19
C GLY A 1 14.46 -16.67 27.77
N SER A 2 15.50 -16.11 27.16
CA SER A 2 15.40 -15.58 25.81
C SER A 2 15.87 -16.62 24.79
N SER A 3 14.99 -16.94 23.85
CA SER A 3 15.30 -17.93 22.81
C SER A 3 16.39 -17.40 21.88
N GLY A 4 16.15 -16.22 21.31
CA GLY A 4 17.11 -15.63 20.40
C GLY A 4 16.61 -15.57 18.98
N SER A 5 16.81 -14.43 18.33
CA SER A 5 16.37 -14.25 16.95
C SER A 5 17.56 -14.09 16.01
N SER A 6 17.31 -14.29 14.72
CA SER A 6 18.37 -14.18 13.71
C SER A 6 17.98 -13.17 12.64
N GLY A 7 18.55 -11.97 12.74
CA GLY A 7 18.25 -10.93 11.77
C GLY A 7 18.78 -9.58 12.20
N ASP A 8 19.14 -8.75 11.22
CA ASP A 8 19.66 -7.42 11.51
C ASP A 8 18.52 -6.40 11.64
N ARG A 9 18.08 -6.16 12.87
CA ARG A 9 17.00 -5.21 13.12
C ARG A 9 17.44 -3.79 12.80
N ILE A 10 18.72 -3.50 13.03
CA ILE A 10 19.27 -2.18 12.76
C ILE A 10 18.88 -1.69 11.38
N THR A 11 17.86 -0.83 11.32
CA THR A 11 17.39 -0.29 10.05
C THR A 11 16.84 1.12 10.23
N ARG A 12 17.34 2.05 9.42
CA ARG A 12 16.89 3.44 9.50
C ARG A 12 16.49 3.96 8.11
N TYR A 13 15.19 3.90 7.83
CA TYR A 13 14.67 4.35 6.55
C TYR A 13 13.17 4.62 6.63
N GLN A 14 12.77 5.79 6.16
CA GLN A 14 11.36 6.18 6.18
C GLN A 14 10.65 5.72 4.91
N VAL A 15 9.69 4.81 5.05
CA VAL A 15 8.94 4.30 3.91
C VAL A 15 7.43 4.35 4.18
N VAL A 16 6.75 5.22 3.44
CA VAL A 16 5.31 5.37 3.60
C VAL A 16 4.56 4.79 2.39
N ASN A 17 5.16 4.94 1.21
CA ASN A 17 4.57 4.43 -0.02
C ASN A 17 4.34 2.93 0.05
N LEU A 18 3.25 2.47 -0.53
CA LEU A 18 2.91 1.05 -0.54
C LEU A 18 2.47 0.59 -1.92
N TYR A 19 2.67 -0.69 -2.20
CA TYR A 19 2.29 -1.25 -3.50
C TYR A 19 1.19 -2.29 -3.32
N VAL A 20 0.04 -2.03 -3.95
CA VAL A 20 -1.10 -2.94 -3.88
C VAL A 20 -1.20 -3.80 -5.13
N LYS A 21 -1.47 -5.08 -4.95
CA LYS A 21 -1.59 -6.01 -6.07
C LYS A 21 -2.76 -6.97 -5.85
N ASN A 22 -3.28 -7.51 -6.95
CA ASN A 22 -4.40 -8.44 -6.88
C ASN A 22 -5.71 -7.71 -6.57
N LEU A 23 -5.87 -6.53 -7.15
CA LEU A 23 -7.07 -5.73 -6.94
C LEU A 23 -8.27 -6.34 -7.67
N ASP A 24 -8.99 -7.20 -6.97
CA ASP A 24 -10.17 -7.85 -7.56
C ASP A 24 -10.98 -6.86 -8.39
N ASP A 25 -11.48 -7.32 -9.53
CA ASP A 25 -12.28 -6.48 -10.41
C ASP A 25 -13.31 -5.69 -9.62
N GLY A 26 -13.94 -6.34 -8.64
CA GLY A 26 -14.94 -5.68 -7.83
C GLY A 26 -14.38 -4.49 -7.09
N ILE A 27 -13.16 -4.62 -6.59
CA ILE A 27 -12.51 -3.55 -5.85
C ILE A 27 -12.23 -2.35 -6.74
N ASP A 28 -12.37 -1.15 -6.19
CA ASP A 28 -12.12 0.08 -6.94
C ASP A 28 -11.23 1.03 -6.16
N ASP A 29 -11.03 2.22 -6.71
CA ASP A 29 -10.19 3.23 -6.05
C ASP A 29 -10.73 3.56 -4.66
N GLU A 30 -12.05 3.69 -4.54
CA GLU A 30 -12.69 4.00 -3.27
C GLU A 30 -12.47 2.87 -2.27
N ARG A 31 -13.04 1.70 -2.59
CA ARG A 31 -12.92 0.54 -1.72
C ARG A 31 -11.47 0.36 -1.24
N LEU A 32 -10.54 0.49 -2.17
CA LEU A 32 -9.12 0.33 -1.85
C LEU A 32 -8.72 1.28 -0.72
N ARG A 33 -8.58 2.56 -1.05
CA ARG A 33 -8.21 3.57 -0.07
C ARG A 33 -9.06 3.44 1.20
N LYS A 34 -10.29 2.97 1.03
CA LYS A 34 -11.21 2.80 2.15
C LYS A 34 -10.77 1.63 3.03
N ALA A 35 -10.21 0.60 2.41
CA ALA A 35 -9.76 -0.58 3.12
C ALA A 35 -8.35 -0.39 3.65
N PHE A 36 -7.93 0.86 3.77
CA PHE A 36 -6.59 1.18 4.26
C PHE A 36 -6.65 2.22 5.38
N SER A 37 -7.65 3.08 5.31
CA SER A 37 -7.83 4.12 6.33
C SER A 37 -7.84 3.52 7.73
N PRO A 38 -8.59 2.42 7.90
CA PRO A 38 -8.71 1.73 9.18
C PRO A 38 -7.35 1.50 9.83
N PHE A 39 -6.29 1.61 9.04
CA PHE A 39 -4.94 1.39 9.54
C PHE A 39 -4.25 2.73 9.82
N GLY A 40 -4.36 3.65 8.88
CA GLY A 40 -3.74 4.96 9.04
C GLY A 40 -4.20 5.96 7.99
N THR A 41 -3.92 7.23 8.23
CA THR A 41 -4.31 8.28 7.29
C THR A 41 -3.62 8.10 5.95
N ILE A 42 -4.36 8.34 4.87
CA ILE A 42 -3.82 8.21 3.52
C ILE A 42 -3.65 9.57 2.85
N THR A 43 -2.60 9.71 2.04
CA THR A 43 -2.33 10.95 1.33
C THR A 43 -2.59 10.82 -0.16
N SER A 44 -2.11 9.72 -0.74
CA SER A 44 -2.28 9.47 -2.16
C SER A 44 -2.68 8.02 -2.42
N ALA A 45 -3.88 7.83 -2.96
CA ALA A 45 -4.37 6.49 -3.25
C ALA A 45 -5.01 6.43 -4.63
N LYS A 46 -4.51 5.53 -5.47
CA LYS A 46 -5.03 5.37 -6.83
C LYS A 46 -4.86 3.94 -7.32
N VAL A 47 -5.75 3.51 -8.22
CA VAL A 47 -5.69 2.16 -8.76
C VAL A 47 -5.32 2.18 -10.24
N MET A 48 -4.33 1.37 -10.61
CA MET A 48 -3.89 1.29 -11.99
C MET A 48 -4.88 0.51 -12.84
N MET A 49 -5.52 1.20 -13.77
CA MET A 49 -6.50 0.57 -14.66
C MET A 49 -6.55 1.28 -16.01
N GLU A 50 -7.24 0.67 -16.96
CA GLU A 50 -7.38 1.26 -18.29
C GLU A 50 -8.83 1.19 -18.78
N GLY A 51 -9.46 2.34 -18.90
CA GLY A 51 -10.84 2.39 -19.35
C GLY A 51 -11.79 1.71 -18.39
N GLY A 52 -12.39 0.61 -18.83
CA GLY A 52 -13.31 -0.12 -17.99
C GLY A 52 -12.76 -1.47 -17.54
N ARG A 53 -11.47 -1.50 -17.22
CA ARG A 53 -10.83 -2.73 -16.78
C ARG A 53 -9.68 -2.41 -15.82
N SER A 54 -9.72 -3.04 -14.64
CA SER A 54 -8.69 -2.84 -13.64
C SER A 54 -7.52 -3.80 -13.84
N LYS A 55 -6.33 -3.24 -14.03
CA LYS A 55 -5.13 -4.05 -14.23
C LYS A 55 -4.98 -5.09 -13.13
N GLY A 56 -4.84 -4.62 -11.90
CA GLY A 56 -4.69 -5.53 -10.77
C GLY A 56 -3.61 -5.07 -9.80
N PHE A 57 -3.52 -3.75 -9.59
CA PHE A 57 -2.53 -3.19 -8.69
C PHE A 57 -2.72 -1.68 -8.54
N GLY A 58 -2.14 -1.12 -7.49
CA GLY A 58 -2.26 0.31 -7.26
C GLY A 58 -1.16 0.83 -6.35
N PHE A 59 -1.32 2.08 -5.89
CA PHE A 59 -0.34 2.70 -5.02
C PHE A 59 -1.02 3.51 -3.91
N VAL A 60 -0.51 3.37 -2.69
CA VAL A 60 -1.07 4.08 -1.55
C VAL A 60 0.03 4.64 -0.66
N CYS A 61 -0.15 5.88 -0.22
CA CYS A 61 0.84 6.54 0.64
C CYS A 61 0.20 6.96 1.97
N PHE A 62 0.89 6.66 3.07
CA PHE A 62 0.39 7.00 4.40
C PHE A 62 1.14 8.21 4.95
N SER A 63 0.52 8.88 5.92
CA SER A 63 1.12 10.06 6.54
C SER A 63 2.41 9.69 7.28
N SER A 64 2.36 8.57 8.00
CA SER A 64 3.52 8.11 8.76
C SER A 64 3.87 6.67 8.38
N PRO A 65 5.18 6.41 8.22
CA PRO A 65 5.67 5.08 7.87
C PRO A 65 5.05 3.98 8.72
N GLU A 66 5.21 4.10 10.04
CA GLU A 66 4.66 3.11 10.96
C GLU A 66 3.24 2.72 10.56
N GLU A 67 2.34 3.70 10.56
CA GLU A 67 0.95 3.46 10.20
C GLU A 67 0.86 2.64 8.92
N ALA A 68 1.63 3.04 7.91
CA ALA A 68 1.63 2.34 6.63
C ALA A 68 2.08 0.89 6.80
N THR A 69 3.09 0.68 7.62
CA THR A 69 3.62 -0.66 7.86
C THR A 69 2.51 -1.63 8.24
N LYS A 70 1.83 -1.34 9.34
CA LYS A 70 0.73 -2.18 9.80
C LYS A 70 -0.13 -2.66 8.63
N ALA A 71 -0.67 -1.69 7.88
CA ALA A 71 -1.51 -2.01 6.74
C ALA A 71 -0.88 -3.09 5.87
N VAL A 72 0.37 -2.86 5.47
CA VAL A 72 1.10 -3.81 4.64
C VAL A 72 0.79 -5.25 5.05
N THR A 73 1.08 -5.57 6.30
CA THR A 73 0.84 -6.92 6.82
C THR A 73 -0.65 -7.14 7.08
N GLU A 74 -1.23 -6.32 7.94
CA GLU A 74 -2.65 -6.43 8.28
C GLU A 74 -3.48 -6.71 7.03
N MET A 75 -2.99 -6.25 5.88
CA MET A 75 -3.68 -6.46 4.62
C MET A 75 -3.07 -7.63 3.85
N ASN A 76 -1.74 -7.71 3.85
CA ASN A 76 -1.04 -8.78 3.16
C ASN A 76 -1.68 -10.13 3.43
N GLY A 77 -2.34 -10.68 2.42
CA GLY A 77 -2.99 -11.97 2.57
C GLY A 77 -4.38 -11.85 3.17
N ARG A 78 -4.97 -10.67 3.05
CA ARG A 78 -6.31 -10.43 3.59
C ARG A 78 -7.37 -10.56 2.50
N ILE A 79 -8.36 -11.42 2.74
CA ILE A 79 -9.42 -11.63 1.77
C ILE A 79 -10.58 -10.66 2.00
N VAL A 80 -10.98 -9.96 0.95
CA VAL A 80 -12.08 -9.00 1.04
C VAL A 80 -13.27 -9.46 0.22
N ALA A 81 -13.00 -9.96 -0.98
CA ALA A 81 -14.06 -10.43 -1.86
C ALA A 81 -13.84 -11.89 -2.26
N THR A 82 -12.87 -12.12 -3.14
CA THR A 82 -12.56 -13.46 -3.61
C THR A 82 -11.06 -13.75 -3.49
N LYS A 83 -10.25 -12.84 -3.99
CA LYS A 83 -8.80 -12.99 -3.93
C LYS A 83 -8.20 -12.06 -2.88
N PRO A 84 -7.07 -12.50 -2.30
CA PRO A 84 -6.36 -11.73 -1.27
C PRO A 84 -5.57 -10.57 -1.85
N LEU A 85 -5.57 -9.44 -1.16
CA LEU A 85 -4.85 -8.25 -1.61
C LEU A 85 -3.37 -8.36 -1.26
N TYR A 86 -2.53 -8.41 -2.29
CA TYR A 86 -1.09 -8.51 -2.10
C TYR A 86 -0.48 -7.14 -1.84
N VAL A 87 -0.22 -6.83 -0.58
CA VAL A 87 0.37 -5.55 -0.20
C VAL A 87 1.84 -5.70 0.13
N ALA A 88 2.64 -4.72 -0.28
CA ALA A 88 4.07 -4.74 -0.01
C ALA A 88 4.70 -3.38 -0.29
N LEU A 89 5.80 -3.10 0.40
CA LEU A 89 6.50 -1.83 0.23
C LEU A 89 7.10 -1.71 -1.18
N ALA A 90 6.88 -0.58 -1.82
CA ALA A 90 7.40 -0.34 -3.16
C ALA A 90 8.88 0.04 -3.11
N GLN A 91 9.48 0.16 -4.29
CA GLN A 91 10.89 0.51 -4.39
C GLN A 91 11.06 1.88 -5.04
N ARG A 92 10.29 2.14 -6.09
CA ARG A 92 10.35 3.41 -6.80
C ARG A 92 10.65 4.56 -5.84
N LYS A 93 9.95 4.57 -4.71
CA LYS A 93 10.13 5.60 -3.70
C LYS A 93 9.91 6.99 -4.30
N GLU A 94 8.80 7.15 -5.02
CA GLU A 94 8.48 8.42 -5.66
C GLU A 94 6.98 8.63 -5.73
N GLU A 95 6.56 9.88 -5.76
CA GLU A 95 5.13 10.21 -5.84
C GLU A 95 4.88 11.31 -6.86
N ARG A 96 3.70 11.28 -7.47
CA ARG A 96 3.34 12.28 -8.48
C ARG A 96 1.91 12.79 -8.25
N GLN A 97 1.79 14.03 -7.80
CA GLN A 97 0.48 14.63 -7.55
C GLN A 97 -0.50 14.27 -8.65
N SER A 98 -1.77 14.15 -8.29
CA SER A 98 -2.81 13.82 -9.26
C SER A 98 -4.16 14.40 -8.83
N GLY A 99 -4.77 15.16 -9.73
CA GLY A 99 -6.05 15.77 -9.43
C GLY A 99 -7.01 15.71 -10.61
N PRO A 100 -8.31 15.57 -10.31
CA PRO A 100 -9.35 15.50 -11.34
C PRO A 100 -9.70 16.86 -11.91
N SER A 101 -10.33 16.86 -13.09
CA SER A 101 -10.71 18.10 -13.75
C SER A 101 -11.70 17.84 -14.88
N SER A 102 -12.18 18.91 -15.51
CA SER A 102 -13.14 18.79 -16.60
C SER A 102 -12.51 19.20 -17.92
N GLY A 103 -12.09 18.21 -18.70
CA GLY A 103 -11.48 18.49 -20.00
C GLY A 103 -11.04 17.24 -20.72
N GLY A 1 4.96 -26.92 25.13
CA GLY A 1 5.47 -25.85 24.30
C GLY A 1 6.87 -26.14 23.78
N SER A 2 7.30 -25.39 22.77
CA SER A 2 8.61 -25.57 22.18
C SER A 2 9.48 -24.33 22.39
N SER A 3 10.78 -24.49 22.15
CA SER A 3 11.71 -23.38 22.32
C SER A 3 12.77 -23.39 21.22
N GLY A 4 12.90 -22.28 20.50
CA GLY A 4 13.87 -22.19 19.43
C GLY A 4 13.25 -21.73 18.12
N SER A 5 12.57 -20.60 18.16
CA SER A 5 11.92 -20.05 16.97
C SER A 5 12.32 -18.59 16.76
N SER A 6 13.27 -18.36 15.87
CA SER A 6 13.75 -17.01 15.57
C SER A 6 14.06 -16.86 14.09
N GLY A 7 14.12 -15.62 13.63
CA GLY A 7 14.41 -15.36 12.23
C GLY A 7 13.47 -14.34 11.62
N ASP A 8 13.82 -13.06 11.75
CA ASP A 8 12.99 -11.99 11.20
C ASP A 8 13.85 -10.80 10.78
N ARG A 9 13.48 -10.18 9.67
CA ARG A 9 14.22 -9.02 9.17
C ARG A 9 13.39 -7.75 9.27
N ILE A 10 14.06 -6.63 9.53
CA ILE A 10 13.38 -5.35 9.66
C ILE A 10 14.15 -4.24 8.93
N THR A 11 13.48 -3.11 8.72
CA THR A 11 14.11 -1.99 8.04
C THR A 11 13.50 -0.66 8.51
N ARG A 12 14.28 0.11 9.26
CA ARG A 12 13.82 1.39 9.76
C ARG A 12 14.08 2.51 8.76
N TYR A 13 13.13 2.74 7.87
CA TYR A 13 13.27 3.78 6.85
C TYR A 13 11.94 4.50 6.62
N GLN A 14 12.02 5.67 5.99
CA GLN A 14 10.82 6.46 5.71
C GLN A 14 10.06 5.88 4.53
N VAL A 15 9.25 4.86 4.79
CA VAL A 15 8.46 4.23 3.74
C VAL A 15 6.97 4.33 4.04
N VAL A 16 6.26 5.09 3.22
CA VAL A 16 4.81 5.26 3.39
C VAL A 16 4.05 4.72 2.19
N ASN A 17 4.69 4.73 1.04
CA ASN A 17 4.08 4.24 -0.20
C ASN A 17 3.98 2.72 -0.20
N LEU A 18 2.75 2.21 -0.18
CA LEU A 18 2.52 0.78 -0.18
C LEU A 18 2.04 0.30 -1.55
N TYR A 19 2.65 -0.78 -2.04
CA TYR A 19 2.28 -1.33 -3.34
C TYR A 19 1.18 -2.38 -3.20
N VAL A 20 0.05 -2.12 -3.84
CA VAL A 20 -1.09 -3.04 -3.79
C VAL A 20 -1.17 -3.90 -5.05
N LYS A 21 -1.44 -5.18 -4.87
CA LYS A 21 -1.55 -6.11 -5.99
C LYS A 21 -2.74 -7.04 -5.83
N ASN A 22 -3.17 -7.65 -6.92
CA ASN A 22 -4.30 -8.57 -6.89
C ASN A 22 -5.58 -7.84 -6.49
N LEU A 23 -5.82 -6.70 -7.12
CA LEU A 23 -7.01 -5.91 -6.84
C LEU A 23 -8.24 -6.47 -7.56
N ASP A 24 -9.08 -7.18 -6.81
CA ASP A 24 -10.28 -7.77 -7.39
C ASP A 24 -11.02 -6.76 -8.26
N ASP A 25 -11.61 -7.26 -9.34
CA ASP A 25 -12.34 -6.40 -10.27
C ASP A 25 -13.38 -5.57 -9.53
N GLY A 26 -14.04 -6.18 -8.55
CA GLY A 26 -15.05 -5.47 -7.78
C GLY A 26 -14.47 -4.28 -7.03
N ILE A 27 -13.25 -4.43 -6.52
CA ILE A 27 -12.60 -3.36 -5.78
C ILE A 27 -12.31 -2.17 -6.67
N ASP A 28 -12.35 -0.98 -6.10
CA ASP A 28 -12.08 0.24 -6.84
C ASP A 28 -11.19 1.20 -6.04
N ASP A 29 -10.88 2.34 -6.63
CA ASP A 29 -10.04 3.33 -5.97
C ASP A 29 -10.58 3.67 -4.58
N GLU A 30 -11.89 3.74 -4.46
CA GLU A 30 -12.53 4.05 -3.19
C GLU A 30 -12.35 2.91 -2.20
N ARG A 31 -13.05 1.81 -2.44
CA ARG A 31 -12.98 0.64 -1.57
C ARG A 31 -11.55 0.45 -1.05
N LEU A 32 -10.58 0.68 -1.92
CA LEU A 32 -9.17 0.52 -1.57
C LEU A 32 -8.78 1.51 -0.47
N ARG A 33 -8.72 2.79 -0.82
CA ARG A 33 -8.36 3.83 0.14
C ARG A 33 -9.19 3.72 1.40
N LYS A 34 -10.38 3.13 1.27
CA LYS A 34 -11.28 2.97 2.40
C LYS A 34 -10.87 1.79 3.26
N ALA A 35 -10.31 0.76 2.62
CA ALA A 35 -9.86 -0.43 3.34
C ALA A 35 -8.43 -0.26 3.83
N PHE A 36 -7.97 0.98 3.90
CA PHE A 36 -6.62 1.28 4.37
C PHE A 36 -6.64 2.34 5.46
N SER A 37 -7.61 3.24 5.38
CA SER A 37 -7.74 4.32 6.37
C SER A 37 -7.70 3.76 7.79
N PRO A 38 -8.45 2.67 8.02
CA PRO A 38 -8.51 2.02 9.33
C PRO A 38 -7.13 1.79 9.94
N PHE A 39 -6.11 1.86 9.09
CA PHE A 39 -4.74 1.66 9.54
C PHE A 39 -4.03 2.99 9.75
N GLY A 40 -4.15 3.88 8.76
CA GLY A 40 -3.52 5.17 8.85
C GLY A 40 -4.04 6.15 7.82
N THR A 41 -3.87 7.45 8.08
CA THR A 41 -4.33 8.48 7.16
C THR A 41 -3.65 8.34 5.80
N ILE A 42 -4.43 8.55 4.74
CA ILE A 42 -3.90 8.45 3.38
C ILE A 42 -3.87 9.82 2.71
N THR A 43 -2.83 10.07 1.94
CA THR A 43 -2.67 11.34 1.23
C THR A 43 -2.85 11.17 -0.27
N SER A 44 -2.29 10.07 -0.80
CA SER A 44 -2.38 9.79 -2.22
C SER A 44 -2.80 8.34 -2.47
N ALA A 45 -3.91 8.17 -3.16
CA ALA A 45 -4.43 6.84 -3.46
C ALA A 45 -4.82 6.72 -4.94
N LYS A 46 -4.26 5.72 -5.60
CA LYS A 46 -4.54 5.49 -7.03
C LYS A 46 -4.61 4.01 -7.33
N VAL A 47 -5.33 3.66 -8.39
CA VAL A 47 -5.48 2.26 -8.79
C VAL A 47 -5.18 2.09 -10.27
N MET A 48 -4.15 1.31 -10.59
CA MET A 48 -3.76 1.06 -11.96
C MET A 48 -4.85 0.26 -12.69
N MET A 49 -5.57 0.93 -13.58
CA MET A 49 -6.63 0.28 -14.34
C MET A 49 -6.25 0.16 -15.82
N GLU A 50 -6.76 -0.87 -16.48
CA GLU A 50 -6.47 -1.09 -17.89
C GLU A 50 -7.58 -0.52 -18.77
N GLY A 51 -8.09 0.65 -18.38
CA GLY A 51 -9.14 1.29 -19.15
C GLY A 51 -10.45 0.52 -19.08
N GLY A 52 -10.96 0.31 -17.87
CA GLY A 52 -12.20 -0.42 -17.70
C GLY A 52 -12.04 -1.65 -16.82
N ARG A 53 -10.93 -2.36 -17.01
CA ARG A 53 -10.67 -3.56 -16.22
C ARG A 53 -9.44 -3.37 -15.34
N SER A 54 -9.68 -3.14 -14.05
CA SER A 54 -8.59 -2.94 -13.09
C SER A 54 -7.49 -3.97 -13.31
N LYS A 55 -6.30 -3.49 -13.68
CA LYS A 55 -5.16 -4.36 -13.91
C LYS A 55 -5.01 -5.37 -12.78
N GLY A 56 -4.95 -4.86 -11.55
CA GLY A 56 -4.79 -5.73 -10.40
C GLY A 56 -3.72 -5.25 -9.45
N PHE A 57 -3.56 -3.93 -9.35
CA PHE A 57 -2.56 -3.34 -8.46
C PHE A 57 -2.68 -1.83 -8.45
N GLY A 58 -2.17 -1.20 -7.39
CA GLY A 58 -2.23 0.25 -7.27
C GLY A 58 -1.17 0.79 -6.34
N PHE A 59 -1.38 2.02 -5.87
CA PHE A 59 -0.42 2.66 -4.97
C PHE A 59 -1.15 3.49 -3.91
N VAL A 60 -0.77 3.31 -2.66
CA VAL A 60 -1.38 4.04 -1.55
C VAL A 60 -0.33 4.72 -0.70
N CYS A 61 -0.57 5.99 -0.36
CA CYS A 61 0.36 6.76 0.45
C CYS A 61 -0.23 7.02 1.83
N PHE A 62 0.61 6.91 2.86
CA PHE A 62 0.17 7.14 4.24
C PHE A 62 0.86 8.37 4.82
N SER A 63 0.31 8.86 5.93
CA SER A 63 0.87 10.04 6.60
C SER A 63 2.24 9.73 7.20
N SER A 64 2.33 8.59 7.89
CA SER A 64 3.58 8.18 8.52
C SER A 64 3.92 6.73 8.17
N PRO A 65 5.20 6.45 7.97
CA PRO A 65 5.68 5.10 7.63
C PRO A 65 5.08 4.04 8.53
N GLU A 66 5.31 4.16 9.83
CA GLU A 66 4.79 3.20 10.80
C GLU A 66 3.40 2.71 10.38
N GLU A 67 2.46 3.64 10.30
CA GLU A 67 1.09 3.30 9.92
C GLU A 67 1.08 2.40 8.69
N ALA A 68 1.85 2.78 7.67
CA ALA A 68 1.93 2.02 6.44
C ALA A 68 2.46 0.61 6.70
N THR A 69 3.46 0.51 7.57
CA THR A 69 4.05 -0.77 7.90
C THR A 69 2.98 -1.80 8.27
N LYS A 70 2.25 -1.52 9.35
CA LYS A 70 1.19 -2.41 9.81
C LYS A 70 0.31 -2.85 8.64
N ALA A 71 -0.38 -1.89 8.03
CA ALA A 71 -1.25 -2.18 6.90
C ALA A 71 -0.68 -3.28 6.02
N VAL A 72 0.61 -3.14 5.67
CA VAL A 72 1.27 -4.12 4.82
C VAL A 72 0.90 -5.54 5.23
N THR A 73 1.15 -5.86 6.50
CA THR A 73 0.83 -7.19 7.02
C THR A 73 -0.65 -7.33 7.34
N GLU A 74 -1.17 -6.38 8.12
CA GLU A 74 -2.58 -6.40 8.49
C GLU A 74 -3.46 -6.68 7.27
N MET A 75 -2.99 -6.27 6.11
CA MET A 75 -3.74 -6.47 4.86
C MET A 75 -3.18 -7.66 4.08
N ASN A 76 -1.87 -7.63 3.84
CA ASN A 76 -1.21 -8.70 3.10
C ASN A 76 -1.86 -10.05 3.39
N GLY A 77 -2.44 -10.65 2.37
CA GLY A 77 -3.09 -11.95 2.54
C GLY A 77 -4.50 -11.81 3.07
N ARG A 78 -5.12 -10.67 2.83
CA ARG A 78 -6.48 -10.42 3.30
C ARG A 78 -7.50 -10.64 2.17
N ILE A 79 -8.39 -11.59 2.37
CA ILE A 79 -9.41 -11.90 1.37
C ILE A 79 -10.64 -11.01 1.56
N VAL A 80 -11.04 -10.34 0.48
CA VAL A 80 -12.21 -9.46 0.53
C VAL A 80 -13.35 -10.02 -0.33
N ALA A 81 -13.03 -10.42 -1.56
CA ALA A 81 -14.02 -10.96 -2.46
C ALA A 81 -13.64 -12.38 -2.90
N THR A 82 -12.57 -12.49 -3.68
CA THR A 82 -12.10 -13.78 -4.16
C THR A 82 -10.61 -13.95 -3.92
N LYS A 83 -9.82 -13.00 -4.42
CA LYS A 83 -8.38 -13.03 -4.26
C LYS A 83 -7.93 -12.12 -3.13
N PRO A 84 -6.81 -12.48 -2.49
CA PRO A 84 -6.24 -11.70 -1.38
C PRO A 84 -5.52 -10.45 -1.86
N LEU A 85 -5.63 -9.38 -1.09
CA LEU A 85 -4.97 -8.12 -1.44
C LEU A 85 -3.49 -8.15 -1.09
N TYR A 86 -2.67 -8.56 -2.05
CA TYR A 86 -1.24 -8.64 -1.85
C TYR A 86 -0.64 -7.26 -1.59
N VAL A 87 -0.36 -6.97 -0.32
CA VAL A 87 0.22 -5.69 0.06
C VAL A 87 1.69 -5.82 0.41
N ALA A 88 2.51 -4.91 -0.10
CA ALA A 88 3.93 -4.92 0.15
C ALA A 88 4.54 -3.53 0.02
N LEU A 89 5.64 -3.30 0.72
CA LEU A 89 6.32 -2.00 0.68
C LEU A 89 6.81 -1.69 -0.73
N ALA A 90 6.61 -0.44 -1.15
CA ALA A 90 7.04 -0.02 -2.48
C ALA A 90 7.95 1.20 -2.40
N GLN A 91 9.23 0.99 -2.69
CA GLN A 91 10.21 2.07 -2.64
C GLN A 91 10.36 2.73 -4.02
N ARG A 92 10.25 4.05 -4.05
CA ARG A 92 10.36 4.80 -5.29
C ARG A 92 10.68 6.26 -5.01
N LYS A 93 11.24 6.94 -6.01
CA LYS A 93 11.60 8.35 -5.88
C LYS A 93 10.77 9.21 -6.84
N GLU A 94 10.86 10.52 -6.66
CA GLU A 94 10.12 11.46 -7.50
C GLU A 94 8.69 10.98 -7.72
N GLU A 95 8.06 10.53 -6.64
CA GLU A 95 6.69 10.04 -6.70
C GLU A 95 5.81 10.99 -7.51
N ARG A 96 6.05 12.29 -7.36
CA ARG A 96 5.29 13.30 -8.07
C ARG A 96 5.85 14.69 -7.81
N GLN A 97 6.12 15.43 -8.88
CA GLN A 97 6.67 16.78 -8.76
C GLN A 97 6.40 17.59 -10.02
N SER A 98 5.50 18.56 -9.92
CA SER A 98 5.14 19.40 -11.06
C SER A 98 4.70 20.78 -10.59
N GLY A 99 4.61 21.72 -11.54
CA GLY A 99 4.20 23.07 -11.20
C GLY A 99 3.19 23.63 -12.19
N PRO A 100 1.90 23.51 -11.86
CA PRO A 100 0.81 24.01 -12.72
C PRO A 100 0.63 25.51 -12.62
N SER A 101 1.75 26.23 -12.53
CA SER A 101 1.71 27.68 -12.42
C SER A 101 0.73 28.29 -13.43
N SER A 102 0.55 27.59 -14.55
CA SER A 102 -0.35 28.04 -15.60
C SER A 102 -1.55 27.11 -15.73
N GLY A 103 -2.71 27.57 -15.24
CA GLY A 103 -3.91 26.76 -15.31
C GLY A 103 -4.60 26.63 -13.96
N GLY A 1 17.24 -14.33 27.21
CA GLY A 1 16.99 -14.64 25.81
C GLY A 1 18.27 -14.94 25.05
N SER A 2 18.13 -15.44 23.82
CA SER A 2 19.28 -15.78 23.00
C SER A 2 19.39 -14.83 21.81
N SER A 3 18.30 -14.69 21.06
CA SER A 3 18.28 -13.82 19.90
C SER A 3 18.93 -12.48 20.21
N GLY A 4 18.57 -11.91 21.35
CA GLY A 4 19.13 -10.63 21.76
C GLY A 4 19.10 -9.60 20.63
N SER A 5 17.91 -9.37 20.09
CA SER A 5 17.75 -8.41 19.00
C SER A 5 17.90 -6.98 19.50
N SER A 6 19.13 -6.48 19.48
CA SER A 6 19.41 -5.12 19.94
C SER A 6 18.56 -4.10 19.17
N GLY A 7 18.74 -4.06 17.86
CA GLY A 7 18.00 -3.13 17.03
C GLY A 7 17.40 -3.80 15.80
N ASP A 8 16.18 -3.40 15.45
CA ASP A 8 15.49 -3.96 14.29
C ASP A 8 16.45 -4.07 13.11
N ARG A 9 17.11 -2.96 12.78
CA ARG A 9 18.05 -2.93 11.66
C ARG A 9 17.40 -3.50 10.40
N ILE A 10 16.16 -3.12 10.16
CA ILE A 10 15.43 -3.59 8.99
C ILE A 10 15.59 -2.63 7.82
N THR A 11 15.45 -1.33 8.11
CA THR A 11 15.57 -0.31 7.09
C THR A 11 15.87 1.05 7.71
N ARG A 12 16.54 1.92 6.95
CA ARG A 12 16.89 3.25 7.43
C ARG A 12 16.38 4.32 6.47
N TYR A 13 15.16 4.12 5.97
CA TYR A 13 14.55 5.07 5.04
C TYR A 13 13.04 5.13 5.24
N GLN A 14 12.47 6.31 4.99
CA GLN A 14 11.03 6.49 5.13
C GLN A 14 10.28 5.93 3.93
N VAL A 15 9.43 4.94 4.18
CA VAL A 15 8.66 4.30 3.12
C VAL A 15 7.17 4.32 3.45
N VAL A 16 6.46 5.34 2.98
CA VAL A 16 5.03 5.46 3.21
C VAL A 16 4.22 4.85 2.08
N ASN A 17 4.77 4.94 0.86
CA ASN A 17 4.10 4.40 -0.31
C ASN A 17 3.98 2.88 -0.23
N LEU A 18 2.81 2.36 -0.57
CA LEU A 18 2.57 0.93 -0.52
C LEU A 18 2.14 0.41 -1.90
N TYR A 19 2.68 -0.74 -2.28
CA TYR A 19 2.35 -1.34 -3.57
C TYR A 19 1.29 -2.44 -3.41
N VAL A 20 0.07 -2.14 -3.84
CA VAL A 20 -1.02 -3.10 -3.74
C VAL A 20 -1.11 -3.96 -5.00
N LYS A 21 -1.31 -5.26 -4.80
CA LYS A 21 -1.41 -6.19 -5.92
C LYS A 21 -2.60 -7.13 -5.73
N ASN A 22 -2.98 -7.81 -6.82
CA ASN A 22 -4.10 -8.74 -6.77
C ASN A 22 -5.41 -8.01 -6.45
N LEU A 23 -5.62 -6.87 -7.11
CA LEU A 23 -6.83 -6.08 -6.89
C LEU A 23 -7.94 -6.51 -7.85
N ASP A 24 -8.85 -7.34 -7.36
CA ASP A 24 -9.96 -7.82 -8.16
C ASP A 24 -10.62 -6.68 -8.92
N ASP A 25 -11.41 -7.02 -9.93
CA ASP A 25 -12.11 -6.02 -10.73
C ASP A 25 -13.13 -5.26 -9.89
N GLY A 26 -13.78 -5.97 -8.97
CA GLY A 26 -14.78 -5.36 -8.12
C GLY A 26 -14.21 -4.22 -7.29
N ILE A 27 -13.03 -4.44 -6.72
CA ILE A 27 -12.38 -3.43 -5.90
C ILE A 27 -12.09 -2.16 -6.71
N ASP A 28 -12.15 -1.02 -6.03
CA ASP A 28 -11.89 0.27 -6.69
C ASP A 28 -11.02 1.15 -5.81
N ASP A 29 -10.78 2.38 -6.27
CA ASP A 29 -9.96 3.33 -5.53
C ASP A 29 -10.58 3.62 -4.16
N GLU A 30 -11.90 3.63 -4.11
CA GLU A 30 -12.61 3.88 -2.85
C GLU A 30 -12.48 2.71 -1.89
N ARG A 31 -13.00 1.56 -2.30
CA ARG A 31 -12.93 0.36 -1.47
C ARG A 31 -11.53 0.16 -0.91
N LEU A 32 -10.53 0.37 -1.75
CA LEU A 32 -9.14 0.21 -1.33
C LEU A 32 -8.79 1.19 -0.23
N ARG A 33 -8.68 2.47 -0.58
CA ARG A 33 -8.34 3.52 0.37
C ARG A 33 -9.22 3.40 1.62
N LYS A 34 -10.41 2.84 1.45
CA LYS A 34 -11.34 2.67 2.56
C LYS A 34 -10.83 1.61 3.54
N ALA A 35 -10.16 0.59 3.01
CA ALA A 35 -9.63 -0.48 3.83
C ALA A 35 -8.19 -0.19 4.25
N PHE A 36 -7.80 1.07 4.16
CA PHE A 36 -6.45 1.48 4.53
C PHE A 36 -6.48 2.57 5.61
N SER A 37 -7.53 3.40 5.57
CA SER A 37 -7.68 4.48 6.53
C SER A 37 -7.67 3.94 7.96
N PRO A 38 -8.41 2.85 8.19
CA PRO A 38 -8.51 2.22 9.51
C PRO A 38 -7.14 2.01 10.14
N PHE A 39 -6.09 2.08 9.33
CA PHE A 39 -4.73 1.89 9.81
C PHE A 39 -4.03 3.23 10.00
N GLY A 40 -4.12 4.09 9.00
CA GLY A 40 -3.49 5.40 9.07
C GLY A 40 -4.04 6.37 8.05
N THR A 41 -3.70 7.64 8.21
CA THR A 41 -4.16 8.68 7.29
C THR A 41 -3.61 8.46 5.89
N ILE A 42 -4.45 8.67 4.88
CA ILE A 42 -4.04 8.51 3.50
C ILE A 42 -4.09 9.83 2.74
N THR A 43 -3.02 10.11 1.99
CA THR A 43 -2.94 11.35 1.21
C THR A 43 -3.10 11.07 -0.27
N SER A 44 -2.48 9.99 -0.74
CA SER A 44 -2.55 9.62 -2.15
C SER A 44 -2.94 8.16 -2.31
N ALA A 45 -4.12 7.92 -2.85
CA ALA A 45 -4.62 6.56 -3.06
C ALA A 45 -5.31 6.43 -4.42
N LYS A 46 -4.84 5.49 -5.22
CA LYS A 46 -5.41 5.26 -6.54
C LYS A 46 -5.00 3.90 -7.10
N VAL A 47 -5.89 3.27 -7.85
CA VAL A 47 -5.60 1.97 -8.45
C VAL A 47 -5.21 2.10 -9.91
N MET A 48 -4.18 1.37 -10.32
CA MET A 48 -3.71 1.41 -11.70
C MET A 48 -4.66 0.64 -12.60
N MET A 49 -5.59 1.35 -13.23
CA MET A 49 -6.56 0.73 -14.14
C MET A 49 -6.28 1.12 -15.59
N GLU A 50 -6.86 0.38 -16.51
CA GLU A 50 -6.69 0.65 -17.94
C GLU A 50 -7.90 0.19 -18.74
N GLY A 51 -8.39 1.07 -19.62
CA GLY A 51 -9.54 0.74 -20.43
C GLY A 51 -10.69 0.17 -19.62
N GLY A 52 -11.25 1.00 -18.74
CA GLY A 52 -12.35 0.57 -17.91
C GLY A 52 -12.14 -0.83 -17.35
N ARG A 53 -10.91 -1.13 -16.97
CA ARG A 53 -10.59 -2.44 -16.42
C ARG A 53 -9.34 -2.36 -15.53
N SER A 54 -9.49 -2.78 -14.28
CA SER A 54 -8.39 -2.76 -13.33
C SER A 54 -7.42 -3.90 -13.59
N LYS A 55 -6.16 -3.55 -13.84
CA LYS A 55 -5.13 -4.54 -14.12
C LYS A 55 -5.00 -5.52 -12.96
N GLY A 56 -4.80 -4.98 -11.75
CA GLY A 56 -4.66 -5.82 -10.59
C GLY A 56 -3.57 -5.33 -9.64
N PHE A 57 -3.44 -4.02 -9.52
CA PHE A 57 -2.43 -3.42 -8.66
C PHE A 57 -2.63 -1.92 -8.55
N GLY A 58 -2.19 -1.34 -7.43
CA GLY A 58 -2.32 0.08 -7.22
C GLY A 58 -1.28 0.63 -6.27
N PHE A 59 -1.40 1.91 -5.93
CA PHE A 59 -0.46 2.56 -5.03
C PHE A 59 -1.19 3.37 -3.96
N VAL A 60 -0.66 3.37 -2.75
CA VAL A 60 -1.25 4.11 -1.65
C VAL A 60 -0.19 4.82 -0.81
N CYS A 61 -0.55 5.97 -0.26
CA CYS A 61 0.37 6.75 0.56
C CYS A 61 -0.23 7.03 1.93
N PHE A 62 0.63 7.12 2.94
CA PHE A 62 0.20 7.38 4.30
C PHE A 62 0.89 8.61 4.88
N SER A 63 0.51 8.99 6.10
CA SER A 63 1.10 10.14 6.77
C SER A 63 2.50 9.81 7.27
N SER A 64 2.72 8.55 7.63
CA SER A 64 4.01 8.10 8.14
C SER A 64 4.19 6.61 7.92
N PRO A 65 5.45 6.20 7.64
CA PRO A 65 5.78 4.80 7.41
C PRO A 65 5.14 3.86 8.43
N GLU A 66 5.37 4.16 9.71
CA GLU A 66 4.81 3.34 10.79
C GLU A 66 3.39 2.89 10.45
N GLU A 67 2.63 3.79 9.82
CA GLU A 67 1.25 3.49 9.44
C GLU A 67 1.21 2.58 8.22
N ALA A 68 2.11 2.82 7.28
CA ALA A 68 2.17 2.03 6.06
C ALA A 68 2.57 0.58 6.36
N THR A 69 3.58 0.42 7.20
CA THR A 69 4.07 -0.90 7.58
C THR A 69 2.91 -1.81 8.01
N LYS A 70 2.30 -1.48 9.14
CA LYS A 70 1.18 -2.26 9.66
C LYS A 70 0.24 -2.67 8.53
N ALA A 71 -0.33 -1.67 7.84
CA ALA A 71 -1.25 -1.93 6.74
C ALA A 71 -0.76 -3.10 5.88
N VAL A 72 0.49 -3.01 5.44
CA VAL A 72 1.08 -4.05 4.61
C VAL A 72 0.65 -5.44 5.07
N THR A 73 0.98 -5.75 6.32
CA THR A 73 0.63 -7.05 6.90
C THR A 73 -0.84 -7.10 7.30
N GLU A 74 -1.24 -6.19 8.19
CA GLU A 74 -2.62 -6.14 8.66
C GLU A 74 -3.59 -6.43 7.52
N MET A 75 -3.18 -6.09 6.30
CA MET A 75 -4.01 -6.32 5.12
C MET A 75 -3.56 -7.57 4.37
N ASN A 76 -2.33 -7.56 3.89
CA ASN A 76 -1.78 -8.69 3.16
C ASN A 76 -2.27 -10.01 3.75
N GLY A 77 -3.26 -10.61 3.08
CA GLY A 77 -3.81 -11.87 3.55
C GLY A 77 -5.31 -11.81 3.74
N ARG A 78 -5.87 -10.61 3.65
CA ARG A 78 -7.31 -10.42 3.82
C ARG A 78 -8.04 -10.59 2.49
N ILE A 79 -9.04 -11.46 2.48
CA ILE A 79 -9.81 -11.72 1.26
C ILE A 79 -10.98 -10.75 1.15
N VAL A 80 -11.18 -10.20 -0.05
CA VAL A 80 -12.27 -9.27 -0.29
C VAL A 80 -13.30 -9.85 -1.25
N ALA A 81 -12.84 -10.29 -2.42
CA ALA A 81 -13.71 -10.87 -3.41
C ALA A 81 -13.36 -12.34 -3.66
N THR A 82 -12.18 -12.58 -4.20
CA THR A 82 -11.72 -13.93 -4.50
C THR A 82 -10.30 -14.15 -4.01
N LYS A 83 -9.40 -13.26 -4.43
CA LYS A 83 -7.99 -13.35 -4.04
C LYS A 83 -7.66 -12.35 -2.95
N PRO A 84 -6.64 -12.65 -2.14
CA PRO A 84 -6.20 -11.79 -1.04
C PRO A 84 -5.46 -10.56 -1.54
N LEU A 85 -5.59 -9.46 -0.81
CA LEU A 85 -4.92 -8.21 -1.18
C LEU A 85 -3.42 -8.31 -0.97
N TYR A 86 -2.70 -8.67 -2.02
CA TYR A 86 -1.25 -8.81 -1.95
C TYR A 86 -0.59 -7.45 -1.76
N VAL A 87 -0.44 -7.04 -0.50
CA VAL A 87 0.19 -5.76 -0.18
C VAL A 87 1.69 -5.92 0.05
N ALA A 88 2.45 -4.96 -0.45
CA ALA A 88 3.91 -4.99 -0.29
C ALA A 88 4.50 -3.59 -0.39
N LEU A 89 5.46 -3.29 0.49
CA LEU A 89 6.11 -1.98 0.50
C LEU A 89 6.75 -1.68 -0.86
N ALA A 90 6.65 -0.42 -1.28
CA ALA A 90 7.22 0.00 -2.56
C ALA A 90 8.54 0.73 -2.35
N GLN A 91 9.64 0.00 -2.43
CA GLN A 91 10.97 0.57 -2.26
C GLN A 91 11.63 0.82 -3.61
N ARG A 92 11.33 -0.03 -4.58
CA ARG A 92 11.90 0.10 -5.91
C ARG A 92 12.01 1.57 -6.31
N LYS A 93 10.90 2.29 -6.19
CA LYS A 93 10.87 3.72 -6.54
C LYS A 93 9.57 4.35 -6.10
N GLU A 94 9.67 5.50 -5.43
CA GLU A 94 8.48 6.21 -4.95
C GLU A 94 8.00 7.22 -5.99
N GLU A 95 6.73 7.62 -5.86
CA GLU A 95 6.14 8.58 -6.79
C GLU A 95 6.32 10.00 -6.29
N ARG A 96 7.30 10.71 -6.85
CA ARG A 96 7.58 12.08 -6.45
C ARG A 96 8.38 12.81 -7.53
N GLN A 97 7.95 14.01 -7.89
CA GLN A 97 8.63 14.80 -8.90
C GLN A 97 9.83 15.52 -8.31
N SER A 98 10.96 15.46 -9.02
CA SER A 98 12.18 16.10 -8.56
C SER A 98 12.80 16.94 -9.67
N GLY A 99 13.09 16.29 -10.80
CA GLY A 99 13.69 16.99 -11.92
C GLY A 99 15.07 17.51 -11.61
N PRO A 100 16.10 16.73 -11.98
CA PRO A 100 17.50 17.11 -11.75
C PRO A 100 17.78 18.57 -12.09
N SER A 101 17.39 18.97 -13.29
CA SER A 101 17.59 20.35 -13.74
C SER A 101 16.72 20.66 -14.95
N SER A 102 16.50 21.95 -15.19
CA SER A 102 15.67 22.38 -16.32
C SER A 102 16.42 22.18 -17.64
N GLY A 103 15.86 21.33 -18.50
CA GLY A 103 16.48 21.07 -19.78
C GLY A 103 16.46 19.60 -20.14
N GLY A 1 -0.92 -27.59 16.87
CA GLY A 1 -1.71 -27.43 18.07
C GLY A 1 -2.11 -25.99 18.32
N SER A 2 -1.18 -25.20 18.85
CA SER A 2 -1.45 -23.80 19.13
C SER A 2 -0.39 -22.90 18.49
N SER A 3 -0.83 -21.76 17.96
CA SER A 3 0.09 -20.82 17.31
C SER A 3 -0.43 -19.40 17.46
N GLY A 4 0.34 -18.44 16.95
CA GLY A 4 -0.05 -17.04 17.02
C GLY A 4 1.09 -16.15 17.47
N SER A 5 2.14 -16.07 16.66
CA SER A 5 3.30 -15.25 16.98
C SER A 5 3.65 -14.33 15.81
N SER A 6 4.50 -13.34 16.09
CA SER A 6 4.91 -12.39 15.06
C SER A 6 6.33 -12.69 14.57
N GLY A 7 7.27 -12.77 15.51
CA GLY A 7 8.65 -13.05 15.15
C GLY A 7 9.55 -11.85 15.32
N ASP A 8 10.86 -12.07 15.21
CA ASP A 8 11.83 -10.99 15.35
C ASP A 8 12.06 -10.29 14.01
N ARG A 9 11.71 -9.01 13.96
CA ARG A 9 11.87 -8.23 12.74
C ARG A 9 12.18 -6.77 13.07
N ILE A 10 13.06 -6.17 12.28
CA ILE A 10 13.44 -4.77 12.50
C ILE A 10 13.30 -3.97 11.21
N THR A 11 12.69 -2.79 11.31
CA THR A 11 12.49 -1.93 10.15
C THR A 11 12.67 -0.47 10.53
N ARG A 12 13.78 0.13 10.09
CA ARG A 12 14.07 1.52 10.38
C ARG A 12 14.28 2.32 9.09
N TYR A 13 13.17 2.68 8.45
CA TYR A 13 13.23 3.45 7.20
C TYR A 13 11.93 4.20 6.97
N GLN A 14 12.00 5.23 6.13
CA GLN A 14 10.82 6.04 5.81
C GLN A 14 10.12 5.52 4.56
N VAL A 15 9.11 4.69 4.77
CA VAL A 15 8.35 4.13 3.65
C VAL A 15 6.85 4.24 3.90
N VAL A 16 6.25 5.30 3.36
CA VAL A 16 4.82 5.53 3.50
C VAL A 16 4.04 4.97 2.32
N ASN A 17 4.72 4.84 1.18
CA ASN A 17 4.10 4.32 -0.02
C ASN A 17 3.98 2.79 0.04
N LEU A 18 2.83 2.28 -0.39
CA LEU A 18 2.60 0.84 -0.39
C LEU A 18 2.14 0.36 -1.76
N TYR A 19 2.59 -0.82 -2.15
CA TYR A 19 2.21 -1.40 -3.44
C TYR A 19 1.10 -2.42 -3.29
N VAL A 20 -0.01 -2.18 -3.97
CA VAL A 20 -1.16 -3.08 -3.91
C VAL A 20 -1.20 -4.02 -5.12
N LYS A 21 -1.34 -5.31 -4.87
CA LYS A 21 -1.39 -6.30 -5.93
C LYS A 21 -2.61 -7.20 -5.78
N ASN A 22 -3.03 -7.82 -6.88
CA ASN A 22 -4.19 -8.70 -6.88
C ASN A 22 -5.46 -7.93 -6.52
N LEU A 23 -5.74 -6.88 -7.27
CA LEU A 23 -6.92 -6.05 -7.04
C LEU A 23 -8.09 -6.54 -7.89
N ASP A 24 -8.97 -7.33 -7.28
CA ASP A 24 -10.13 -7.85 -7.98
C ASP A 24 -10.89 -6.74 -8.69
N ASP A 25 -11.21 -6.96 -9.96
CA ASP A 25 -11.93 -5.97 -10.75
C ASP A 25 -12.95 -5.23 -9.89
N GLY A 26 -13.76 -5.98 -9.16
CA GLY A 26 -14.77 -5.37 -8.31
C GLY A 26 -14.20 -4.25 -7.45
N ILE A 27 -13.04 -4.49 -6.86
CA ILE A 27 -12.40 -3.49 -6.01
C ILE A 27 -12.01 -2.26 -6.81
N ASP A 28 -12.13 -1.09 -6.20
CA ASP A 28 -11.80 0.16 -6.85
C ASP A 28 -10.98 1.06 -5.92
N ASP A 29 -10.68 2.27 -6.39
CA ASP A 29 -9.92 3.23 -5.60
C ASP A 29 -10.53 3.41 -4.22
N GLU A 30 -11.86 3.52 -4.17
CA GLU A 30 -12.55 3.70 -2.91
C GLU A 30 -12.34 2.50 -1.99
N ARG A 31 -12.94 1.37 -2.35
CA ARG A 31 -12.80 0.16 -1.56
C ARG A 31 -11.38 -0.02 -1.06
N LEU A 32 -10.41 0.27 -1.92
CA LEU A 32 -9.00 0.14 -1.57
C LEU A 32 -8.65 1.06 -0.39
N ARG A 33 -8.63 2.36 -0.65
CA ARG A 33 -8.31 3.34 0.39
C ARG A 33 -9.19 3.13 1.61
N LYS A 34 -10.36 2.52 1.41
CA LYS A 34 -11.30 2.27 2.49
C LYS A 34 -10.75 1.22 3.46
N ALA A 35 -10.07 0.22 2.91
CA ALA A 35 -9.49 -0.84 3.72
C ALA A 35 -8.05 -0.51 4.10
N PHE A 36 -7.70 0.76 4.02
CA PHE A 36 -6.35 1.21 4.36
C PHE A 36 -6.39 2.32 5.41
N SER A 37 -7.45 3.11 5.39
CA SER A 37 -7.61 4.21 6.33
C SER A 37 -7.54 3.71 7.78
N PRO A 38 -8.25 2.60 8.04
CA PRO A 38 -8.29 2.00 9.38
C PRO A 38 -6.90 1.83 9.97
N PHE A 39 -5.88 1.90 9.13
CA PHE A 39 -4.50 1.77 9.58
C PHE A 39 -3.83 3.14 9.70
N GLY A 40 -3.89 3.92 8.62
CA GLY A 40 -3.29 5.24 8.63
C GLY A 40 -4.07 6.24 7.81
N THR A 41 -3.70 7.51 7.93
CA THR A 41 -4.38 8.58 7.19
C THR A 41 -3.80 8.74 5.79
N ILE A 42 -4.43 8.09 4.82
CA ILE A 42 -3.97 8.16 3.43
C ILE A 42 -4.04 9.59 2.91
N THR A 43 -3.06 9.95 2.08
CA THR A 43 -3.01 11.29 1.50
C THR A 43 -3.26 11.25 0.01
N SER A 44 -2.90 10.14 -0.63
CA SER A 44 -3.08 9.98 -2.07
C SER A 44 -3.18 8.50 -2.43
N ALA A 45 -4.38 8.08 -2.82
CA ALA A 45 -4.62 6.70 -3.21
C ALA A 45 -5.19 6.60 -4.62
N LYS A 46 -4.65 5.67 -5.40
CA LYS A 46 -5.11 5.48 -6.78
C LYS A 46 -4.81 4.07 -7.26
N VAL A 47 -5.60 3.58 -8.20
CA VAL A 47 -5.42 2.24 -8.75
C VAL A 47 -5.08 2.31 -10.24
N MET A 48 -4.14 1.46 -10.65
CA MET A 48 -3.71 1.41 -12.05
C MET A 48 -4.81 0.82 -12.93
N MET A 49 -5.03 1.43 -14.09
CA MET A 49 -6.05 0.96 -15.02
C MET A 49 -5.50 0.92 -16.43
N GLU A 50 -6.33 0.46 -17.37
CA GLU A 50 -5.94 0.37 -18.77
C GLU A 50 -6.77 1.30 -19.65
N GLY A 51 -8.01 1.53 -19.23
CA GLY A 51 -8.90 2.41 -19.98
C GLY A 51 -10.35 1.98 -19.88
N GLY A 52 -10.77 1.60 -18.68
CA GLY A 52 -12.15 1.17 -18.48
C GLY A 52 -12.29 0.24 -17.29
N ARG A 53 -11.37 -0.71 -17.15
CA ARG A 53 -11.40 -1.66 -16.06
C ARG A 53 -10.07 -1.68 -15.32
N SER A 54 -10.09 -2.17 -14.09
CA SER A 54 -8.89 -2.25 -13.27
C SER A 54 -8.07 -3.48 -13.62
N LYS A 55 -6.75 -3.32 -13.65
CA LYS A 55 -5.85 -4.43 -13.98
C LYS A 55 -5.72 -5.38 -12.80
N GLY A 56 -5.23 -4.88 -11.68
CA GLY A 56 -5.07 -5.71 -10.50
C GLY A 56 -3.91 -5.27 -9.62
N PHE A 57 -3.72 -3.96 -9.52
CA PHE A 57 -2.63 -3.42 -8.72
C PHE A 57 -2.72 -1.89 -8.65
N GLY A 58 -2.24 -1.32 -7.54
CA GLY A 58 -2.29 0.12 -7.38
C GLY A 58 -1.27 0.60 -6.36
N PHE A 59 -1.38 1.87 -5.98
CA PHE A 59 -0.46 2.46 -5.01
C PHE A 59 -1.22 3.30 -3.99
N VAL A 60 -0.76 3.27 -2.74
CA VAL A 60 -1.39 4.02 -1.66
C VAL A 60 -0.35 4.75 -0.83
N CYS A 61 -0.54 6.05 -0.66
CA CYS A 61 0.39 6.87 0.13
C CYS A 61 -0.18 7.15 1.51
N PHE A 62 0.61 6.86 2.54
CA PHE A 62 0.18 7.07 3.92
C PHE A 62 0.81 8.35 4.48
N SER A 63 0.32 8.78 5.64
CA SER A 63 0.82 9.98 6.29
C SER A 63 2.14 9.70 7.00
N SER A 64 2.20 8.56 7.69
CA SER A 64 3.40 8.17 8.42
C SER A 64 3.79 6.73 8.10
N PRO A 65 5.11 6.50 7.95
CA PRO A 65 5.64 5.17 7.64
C PRO A 65 5.04 4.09 8.52
N GLU A 66 5.22 4.23 9.83
CA GLU A 66 4.69 3.25 10.78
C GLU A 66 3.35 2.71 10.33
N GLU A 67 2.38 3.60 10.15
CA GLU A 67 1.04 3.22 9.71
C GLU A 67 1.12 2.33 8.48
N ALA A 68 1.90 2.77 7.49
CA ALA A 68 2.05 2.01 6.25
C ALA A 68 2.53 0.60 6.53
N THR A 69 3.48 0.46 7.45
CA THR A 69 4.03 -0.84 7.80
C THR A 69 2.91 -1.81 8.19
N LYS A 70 2.25 -1.54 9.31
CA LYS A 70 1.16 -2.38 9.78
C LYS A 70 0.27 -2.84 8.63
N ALA A 71 -0.39 -1.88 7.98
CA ALA A 71 -1.27 -2.19 6.86
C ALA A 71 -0.70 -3.33 6.02
N VAL A 72 0.58 -3.23 5.68
CA VAL A 72 1.24 -4.25 4.87
C VAL A 72 0.88 -5.65 5.36
N THR A 73 1.06 -5.89 6.65
CA THR A 73 0.75 -7.18 7.25
C THR A 73 -0.73 -7.31 7.55
N GLU A 74 -1.27 -6.32 8.24
CA GLU A 74 -2.69 -6.31 8.60
C GLU A 74 -3.55 -6.62 7.37
N MET A 75 -3.06 -6.27 6.19
CA MET A 75 -3.79 -6.51 4.96
C MET A 75 -3.23 -7.73 4.22
N ASN A 76 -1.91 -7.77 4.07
CA ASN A 76 -1.25 -8.87 3.39
C ASN A 76 -1.97 -10.20 3.69
N GLY A 77 -2.62 -10.75 2.68
CA GLY A 77 -3.33 -12.00 2.86
C GLY A 77 -4.75 -11.80 3.34
N ARG A 78 -5.27 -10.60 3.15
CA ARG A 78 -6.63 -10.28 3.57
C ARG A 78 -7.60 -10.36 2.40
N ILE A 79 -8.61 -11.22 2.53
CA ILE A 79 -9.60 -11.39 1.48
C ILE A 79 -10.75 -10.39 1.64
N VAL A 80 -11.09 -9.72 0.56
CA VAL A 80 -12.17 -8.74 0.57
C VAL A 80 -13.31 -9.16 -0.34
N ALA A 81 -12.97 -9.68 -1.52
CA ALA A 81 -13.97 -10.12 -2.48
C ALA A 81 -13.71 -11.56 -2.90
N THR A 82 -12.63 -11.76 -3.65
CA THR A 82 -12.27 -13.09 -4.13
C THR A 82 -10.82 -13.41 -3.84
N LYS A 83 -9.92 -12.55 -4.30
CA LYS A 83 -8.49 -12.73 -4.08
C LYS A 83 -8.00 -11.86 -2.94
N PRO A 84 -6.88 -12.28 -2.31
CA PRO A 84 -6.29 -11.55 -1.18
C PRO A 84 -5.51 -10.32 -1.64
N LEU A 85 -5.71 -9.21 -0.93
CA LEU A 85 -5.03 -7.96 -1.26
C LEU A 85 -3.55 -8.04 -0.90
N TYR A 86 -2.74 -8.51 -1.85
CA TYR A 86 -1.30 -8.64 -1.63
C TYR A 86 -0.66 -7.27 -1.43
N VAL A 87 -0.39 -6.93 -0.17
CA VAL A 87 0.23 -5.65 0.15
C VAL A 87 1.72 -5.80 0.41
N ALA A 88 2.51 -4.90 -0.16
CA ALA A 88 3.95 -4.94 0.01
C ALA A 88 4.57 -3.55 -0.15
N LEU A 89 5.59 -3.26 0.64
CA LEU A 89 6.26 -1.96 0.58
C LEU A 89 6.72 -1.64 -0.83
N ALA A 90 6.67 -0.37 -1.20
CA ALA A 90 7.09 0.06 -2.52
C ALA A 90 7.98 1.30 -2.43
N GLN A 91 8.48 1.74 -3.59
CA GLN A 91 9.35 2.90 -3.64
C GLN A 91 8.54 4.19 -3.70
N ARG A 92 8.86 5.13 -2.81
CA ARG A 92 8.15 6.40 -2.76
C ARG A 92 8.89 7.46 -3.57
N LYS A 93 8.16 8.48 -4.02
CA LYS A 93 8.74 9.57 -4.80
C LYS A 93 8.83 10.85 -3.97
N GLU A 94 9.69 11.76 -4.41
CA GLU A 94 9.87 13.03 -3.71
C GLU A 94 8.73 13.99 -4.04
N GLU A 95 8.43 14.13 -5.33
CA GLU A 95 7.37 15.03 -5.78
C GLU A 95 7.02 14.76 -7.24
N ARG A 96 5.80 15.12 -7.62
CA ARG A 96 5.34 14.92 -8.99
C ARG A 96 4.25 15.93 -9.35
N GLN A 97 4.40 16.56 -10.51
CA GLN A 97 3.44 17.55 -10.97
C GLN A 97 2.86 17.17 -12.33
N SER A 98 1.56 17.38 -12.50
CA SER A 98 0.89 17.05 -13.75
C SER A 98 1.50 17.82 -14.92
N GLY A 99 1.71 19.12 -14.73
CA GLY A 99 2.28 19.95 -15.76
C GLY A 99 1.76 19.60 -17.14
N PRO A 100 0.52 20.01 -17.43
CA PRO A 100 -0.13 19.76 -18.72
C PRO A 100 0.38 20.67 -19.81
N SER A 101 0.96 21.80 -19.42
CA SER A 101 1.48 22.77 -20.38
C SER A 101 2.69 23.50 -19.79
N SER A 102 3.76 23.57 -20.58
CA SER A 102 4.98 24.25 -20.14
C SER A 102 4.66 25.48 -19.30
N GLY A 103 3.83 26.36 -19.86
CA GLY A 103 3.46 27.58 -19.15
C GLY A 103 4.01 28.82 -19.80
N GLY A 1 -4.37 -15.49 21.72
CA GLY A 1 -3.25 -14.71 21.24
C GLY A 1 -2.02 -15.55 20.95
N SER A 2 -2.00 -16.17 19.77
CA SER A 2 -0.88 -17.01 19.37
C SER A 2 0.37 -16.18 19.15
N SER A 3 0.27 -15.18 18.29
CA SER A 3 1.40 -14.31 17.99
C SER A 3 1.18 -12.90 18.55
N GLY A 4 2.26 -12.15 18.73
CA GLY A 4 2.16 -10.80 19.26
C GLY A 4 3.40 -10.40 20.03
N SER A 5 4.56 -10.58 19.42
CA SER A 5 5.83 -10.23 20.07
C SER A 5 6.17 -8.76 19.84
N SER A 6 6.93 -8.19 20.76
CA SER A 6 7.31 -6.79 20.67
C SER A 6 8.79 -6.66 20.30
N GLY A 7 9.15 -5.51 19.72
CA GLY A 7 10.53 -5.28 19.33
C GLY A 7 10.89 -5.97 18.03
N ASP A 8 10.29 -5.50 16.94
CA ASP A 8 10.55 -6.07 15.62
C ASP A 8 10.84 -4.98 14.60
N ARG A 9 12.13 -4.69 14.39
CA ARG A 9 12.54 -3.66 13.45
C ARG A 9 12.64 -4.23 12.04
N ILE A 10 11.74 -3.77 11.16
CA ILE A 10 11.73 -4.24 9.78
C ILE A 10 12.49 -3.28 8.87
N THR A 11 12.09 -2.01 8.89
CA THR A 11 12.73 -1.00 8.06
C THR A 11 12.72 0.36 8.75
N ARG A 12 13.77 1.14 8.54
CA ARG A 12 13.87 2.47 9.14
C ARG A 12 13.64 3.55 8.10
N TYR A 13 13.67 3.17 6.83
CA TYR A 13 13.46 4.12 5.74
C TYR A 13 12.00 4.52 5.64
N GLN A 14 11.75 5.81 5.50
CA GLN A 14 10.39 6.33 5.39
C GLN A 14 9.71 5.79 4.14
N VAL A 15 8.94 4.71 4.32
CA VAL A 15 8.23 4.10 3.20
C VAL A 15 6.72 4.09 3.45
N VAL A 16 6.06 5.18 3.04
CA VAL A 16 4.61 5.30 3.22
C VAL A 16 3.86 4.68 2.04
N ASN A 17 4.49 4.72 0.87
CA ASN A 17 3.88 4.16 -0.34
C ASN A 17 3.82 2.64 -0.26
N LEU A 18 2.62 2.09 -0.39
CA LEU A 18 2.43 0.65 -0.34
C LEU A 18 1.99 0.10 -1.70
N TYR A 19 2.58 -1.02 -2.09
CA TYR A 19 2.26 -1.64 -3.38
C TYR A 19 1.10 -2.63 -3.22
N VAL A 20 0.01 -2.38 -3.93
CA VAL A 20 -1.16 -3.25 -3.88
C VAL A 20 -1.29 -4.06 -5.16
N LYS A 21 -1.45 -5.38 -5.01
CA LYS A 21 -1.61 -6.26 -6.16
C LYS A 21 -2.83 -7.16 -5.99
N ASN A 22 -3.27 -7.75 -7.10
CA ASN A 22 -4.43 -8.64 -7.07
C ASN A 22 -5.69 -7.88 -6.67
N LEU A 23 -5.94 -6.77 -7.34
CA LEU A 23 -7.11 -5.95 -7.06
C LEU A 23 -8.33 -6.45 -7.83
N ASP A 24 -9.18 -7.21 -7.15
CA ASP A 24 -10.39 -7.75 -7.76
C ASP A 24 -11.13 -6.67 -8.55
N ASP A 25 -11.72 -7.06 -9.67
CA ASP A 25 -12.46 -6.13 -10.51
C ASP A 25 -13.41 -5.28 -9.67
N GLY A 26 -14.05 -5.90 -8.69
CA GLY A 26 -14.98 -5.19 -7.83
C GLY A 26 -14.30 -4.06 -7.06
N ILE A 27 -13.07 -4.30 -6.64
CA ILE A 27 -12.31 -3.30 -5.89
C ILE A 27 -11.94 -2.12 -6.76
N ASP A 28 -12.11 -0.91 -6.23
CA ASP A 28 -11.79 0.30 -6.96
C ASP A 28 -11.04 1.29 -6.07
N ASP A 29 -10.76 2.47 -6.62
CA ASP A 29 -10.06 3.50 -5.87
C ASP A 29 -10.59 3.61 -4.44
N GLU A 30 -11.85 3.98 -4.32
CA GLU A 30 -12.48 4.12 -3.02
C GLU A 30 -12.18 2.91 -2.13
N ARG A 31 -12.65 1.74 -2.55
CA ARG A 31 -12.43 0.51 -1.80
C ARG A 31 -11.02 0.47 -1.24
N LEU A 32 -10.03 0.67 -2.10
CA LEU A 32 -8.63 0.67 -1.68
C LEU A 32 -8.41 1.56 -0.47
N ARG A 33 -8.43 2.87 -0.70
CA ARG A 33 -8.24 3.84 0.37
C ARG A 33 -9.23 3.59 1.51
N LYS A 34 -10.32 2.92 1.20
CA LYS A 34 -11.35 2.61 2.20
C LYS A 34 -10.92 1.44 3.07
N ALA A 35 -10.12 0.54 2.51
CA ALA A 35 -9.64 -0.62 3.25
C ALA A 35 -8.22 -0.40 3.75
N PHE A 36 -7.80 0.85 3.79
CA PHE A 36 -6.46 1.20 4.25
C PHE A 36 -6.51 2.28 5.32
N SER A 37 -7.52 3.14 5.22
CA SER A 37 -7.68 4.23 6.18
C SER A 37 -7.66 3.70 7.61
N PRO A 38 -8.41 2.61 7.85
CA PRO A 38 -8.49 1.98 9.17
C PRO A 38 -7.12 1.78 9.82
N PHE A 39 -6.07 1.85 9.00
CA PHE A 39 -4.71 1.68 9.48
C PHE A 39 -4.02 3.03 9.67
N GLY A 40 -4.09 3.87 8.65
CA GLY A 40 -3.48 5.18 8.72
C GLY A 40 -4.25 6.23 7.96
N THR A 41 -3.89 7.50 8.15
CA THR A 41 -4.56 8.61 7.48
C THR A 41 -4.04 8.80 6.07
N ILE A 42 -4.64 8.08 5.11
CA ILE A 42 -4.23 8.18 3.72
C ILE A 42 -4.51 9.56 3.16
N THR A 43 -3.51 10.14 2.49
CA THR A 43 -3.64 11.47 1.90
C THR A 43 -3.70 11.39 0.38
N SER A 44 -3.05 10.38 -0.17
CA SER A 44 -3.03 10.19 -1.62
C SER A 44 -3.16 8.71 -1.99
N ALA A 45 -4.14 8.41 -2.84
CA ALA A 45 -4.37 7.03 -3.26
C ALA A 45 -4.71 6.97 -4.74
N LYS A 46 -4.20 5.95 -5.43
CA LYS A 46 -4.45 5.78 -6.86
C LYS A 46 -4.27 4.33 -7.27
N VAL A 47 -5.00 3.91 -8.29
CA VAL A 47 -4.92 2.53 -8.79
C VAL A 47 -4.60 2.51 -10.28
N MET A 48 -3.67 1.64 -10.67
CA MET A 48 -3.29 1.51 -12.07
C MET A 48 -4.41 0.88 -12.88
N MET A 49 -5.08 1.71 -13.69
CA MET A 49 -6.18 1.23 -14.53
C MET A 49 -5.80 1.29 -16.00
N GLU A 50 -6.42 0.44 -16.80
CA GLU A 50 -6.15 0.39 -18.23
C GLU A 50 -7.43 0.57 -19.04
N GLY A 51 -7.62 1.77 -19.58
CA GLY A 51 -8.80 2.06 -20.37
C GLY A 51 -10.07 2.02 -19.54
N GLY A 52 -10.82 0.94 -19.66
CA GLY A 52 -12.07 0.81 -18.92
C GLY A 52 -12.08 -0.41 -18.03
N ARG A 53 -10.94 -0.71 -17.40
CA ARG A 53 -10.83 -1.87 -16.53
C ARG A 53 -9.54 -1.80 -15.71
N SER A 54 -9.63 -2.20 -14.45
CA SER A 54 -8.48 -2.18 -13.56
C SER A 54 -7.52 -3.32 -13.89
N LYS A 55 -6.25 -2.97 -14.11
CA LYS A 55 -5.23 -3.95 -14.44
C LYS A 55 -5.12 -5.02 -13.35
N GLY A 56 -4.88 -4.56 -12.12
CA GLY A 56 -4.76 -5.49 -11.01
C GLY A 56 -3.67 -5.09 -10.03
N PHE A 57 -3.51 -3.79 -9.82
CA PHE A 57 -2.49 -3.27 -8.92
C PHE A 57 -2.63 -1.76 -8.75
N GLY A 58 -2.03 -1.23 -7.69
CA GLY A 58 -2.10 0.19 -7.43
C GLY A 58 -1.07 0.65 -6.39
N PHE A 59 -1.22 1.88 -5.92
CA PHE A 59 -0.30 2.42 -4.93
C PHE A 59 -1.05 3.32 -3.94
N VAL A 60 -0.73 3.17 -2.67
CA VAL A 60 -1.36 3.97 -1.62
C VAL A 60 -0.33 4.73 -0.80
N CYS A 61 -0.59 6.01 -0.55
CA CYS A 61 0.32 6.84 0.22
C CYS A 61 -0.25 7.12 1.62
N PHE A 62 0.56 6.88 2.63
CA PHE A 62 0.14 7.09 4.01
C PHE A 62 0.80 8.35 4.58
N SER A 63 0.21 8.88 5.66
CA SER A 63 0.73 10.08 6.30
C SER A 63 2.09 9.81 6.94
N SER A 64 2.29 8.58 7.40
CA SER A 64 3.54 8.19 8.05
C SER A 64 3.85 6.72 7.78
N PRO A 65 5.15 6.41 7.61
CA PRO A 65 5.60 5.05 7.35
C PRO A 65 4.97 4.04 8.31
N GLU A 66 5.21 4.24 9.61
CA GLU A 66 4.68 3.35 10.63
C GLU A 66 3.29 2.85 10.24
N GLU A 67 2.33 3.77 10.17
CA GLU A 67 0.97 3.42 9.80
C GLU A 67 0.94 2.46 8.61
N ALA A 68 1.74 2.78 7.60
CA ALA A 68 1.82 1.95 6.40
C ALA A 68 2.36 0.56 6.73
N THR A 69 3.40 0.53 7.56
CA THR A 69 4.03 -0.74 7.95
C THR A 69 2.97 -1.77 8.32
N LYS A 70 2.20 -1.48 9.36
CA LYS A 70 1.16 -2.39 9.81
C LYS A 70 0.30 -2.86 8.65
N ALA A 71 -0.40 -1.93 8.02
CA ALA A 71 -1.26 -2.24 6.89
C ALA A 71 -0.65 -3.35 6.04
N VAL A 72 0.63 -3.22 5.71
CA VAL A 72 1.33 -4.20 4.90
C VAL A 72 0.98 -5.62 5.34
N THR A 73 1.18 -5.90 6.63
CA THR A 73 0.90 -7.21 7.19
C THR A 73 -0.59 -7.37 7.48
N GLU A 74 -1.16 -6.38 8.16
CA GLU A 74 -2.57 -6.42 8.51
C GLU A 74 -3.43 -6.70 7.29
N MET A 75 -2.92 -6.35 6.12
CA MET A 75 -3.63 -6.58 4.87
C MET A 75 -3.05 -7.78 4.12
N ASN A 76 -1.74 -7.77 3.95
CA ASN A 76 -1.06 -8.87 3.25
C ASN A 76 -1.65 -10.22 3.63
N GLY A 77 -2.43 -10.80 2.72
CA GLY A 77 -3.04 -12.09 2.98
C GLY A 77 -4.46 -11.95 3.49
N ARG A 78 -5.06 -10.78 3.31
CA ARG A 78 -6.42 -10.52 3.75
C ARG A 78 -7.41 -10.69 2.60
N ILE A 79 -8.37 -11.59 2.78
CA ILE A 79 -9.38 -11.85 1.76
C ILE A 79 -10.58 -10.91 1.93
N VAL A 80 -11.03 -10.33 0.82
CA VAL A 80 -12.16 -9.42 0.84
C VAL A 80 -13.32 -9.97 0.00
N ALA A 81 -13.06 -10.16 -1.28
CA ALA A 81 -14.07 -10.68 -2.20
C ALA A 81 -13.80 -12.14 -2.55
N THR A 82 -12.75 -12.36 -3.33
CA THR A 82 -12.38 -13.72 -3.74
C THR A 82 -10.89 -13.95 -3.58
N LYS A 83 -10.09 -13.01 -4.05
CA LYS A 83 -8.63 -13.11 -3.95
C LYS A 83 -8.09 -12.21 -2.85
N PRO A 84 -6.93 -12.56 -2.30
CA PRO A 84 -6.28 -11.79 -1.25
C PRO A 84 -5.58 -10.53 -1.78
N LEU A 85 -5.62 -9.46 -1.00
CA LEU A 85 -4.99 -8.20 -1.39
C LEU A 85 -3.50 -8.24 -1.12
N TYR A 86 -2.71 -8.64 -2.10
CA TYR A 86 -1.27 -8.71 -1.97
C TYR A 86 -0.68 -7.33 -1.68
N VAL A 87 -0.34 -7.10 -0.41
CA VAL A 87 0.24 -5.83 0.00
C VAL A 87 1.72 -5.98 0.34
N ALA A 88 2.53 -5.02 -0.10
CA ALA A 88 3.96 -5.04 0.16
C ALA A 88 4.58 -3.67 -0.08
N LEU A 89 5.64 -3.36 0.67
CA LEU A 89 6.32 -2.08 0.54
C LEU A 89 6.87 -1.90 -0.86
N ALA A 90 6.92 -0.65 -1.31
CA ALA A 90 7.44 -0.34 -2.64
C ALA A 90 8.73 0.47 -2.55
N GLN A 91 9.35 0.71 -3.71
CA GLN A 91 10.59 1.48 -3.77
C GLN A 91 10.71 2.22 -5.09
N ARG A 92 11.41 3.34 -5.07
CA ARG A 92 11.60 4.16 -6.26
C ARG A 92 13.03 4.70 -6.33
N LYS A 93 13.36 5.36 -7.44
CA LYS A 93 14.68 5.94 -7.62
C LYS A 93 14.58 7.43 -7.94
N GLU A 94 15.02 8.26 -7.01
CA GLU A 94 14.98 9.71 -7.19
C GLU A 94 16.25 10.20 -7.88
N GLU A 95 17.39 10.04 -7.21
CA GLU A 95 18.66 10.46 -7.76
C GLU A 95 19.79 9.53 -7.32
N ARG A 96 20.90 9.55 -8.05
CA ARG A 96 22.04 8.71 -7.72
C ARG A 96 23.09 9.50 -6.96
N GLN A 97 23.58 10.57 -7.56
CA GLN A 97 24.58 11.41 -6.92
C GLN A 97 24.06 12.03 -5.64
N SER A 98 24.95 12.21 -4.67
CA SER A 98 24.57 12.79 -3.38
C SER A 98 24.93 14.27 -3.32
N GLY A 99 26.13 14.60 -3.78
CA GLY A 99 26.57 15.99 -3.77
C GLY A 99 28.06 16.11 -3.53
N PRO A 100 28.50 17.32 -3.15
CA PRO A 100 29.92 17.60 -2.88
C PRO A 100 30.57 16.53 -2.02
N SER A 101 31.33 15.64 -2.66
CA SER A 101 32.01 14.56 -1.94
C SER A 101 32.60 15.07 -0.64
N SER A 102 33.22 16.25 -0.69
CA SER A 102 33.85 16.84 0.48
C SER A 102 34.76 15.83 1.18
N GLY A 103 35.54 15.10 0.39
CA GLY A 103 36.44 14.11 0.95
C GLY A 103 37.90 14.42 0.64
N GLY A 1 24.23 -9.30 30.22
CA GLY A 1 23.65 -8.97 28.93
C GLY A 1 22.16 -9.25 28.87
N SER A 2 21.37 -8.21 28.59
CA SER A 2 19.92 -8.36 28.52
C SER A 2 19.44 -8.21 27.08
N SER A 3 19.78 -7.08 26.46
CA SER A 3 19.37 -6.81 25.08
C SER A 3 19.93 -7.86 24.13
N GLY A 4 19.05 -8.63 23.54
CA GLY A 4 19.47 -9.67 22.61
C GLY A 4 18.69 -9.65 21.31
N SER A 5 18.54 -8.45 20.74
CA SER A 5 17.80 -8.30 19.48
C SER A 5 18.61 -7.47 18.49
N SER A 6 18.31 -7.65 17.21
CA SER A 6 19.01 -6.91 16.15
C SER A 6 18.23 -5.66 15.77
N GLY A 7 18.94 -4.65 15.27
CA GLY A 7 18.32 -3.42 14.87
C GLY A 7 18.57 -2.28 15.84
N ASP A 8 19.24 -1.23 15.37
CA ASP A 8 19.55 -0.09 16.20
C ASP A 8 18.53 1.03 15.99
N ARG A 9 18.39 1.47 14.75
CA ARG A 9 17.46 2.54 14.43
C ARG A 9 16.06 1.98 14.19
N ILE A 10 15.05 2.71 14.66
CA ILE A 10 13.66 2.29 14.52
C ILE A 10 13.08 2.79 13.20
N THR A 11 13.28 4.07 12.92
CA THR A 11 12.76 4.68 11.69
C THR A 11 13.91 5.02 10.74
N ARG A 12 14.85 4.09 10.59
CA ARG A 12 15.99 4.31 9.70
C ARG A 12 15.53 4.65 8.29
N TYR A 13 14.67 3.81 7.73
CA TYR A 13 14.15 4.04 6.39
C TYR A 13 12.70 4.53 6.42
N GLN A 14 12.44 5.65 5.77
CA GLN A 14 11.10 6.22 5.74
C GLN A 14 10.34 5.74 4.50
N VAL A 15 9.44 4.79 4.70
CA VAL A 15 8.65 4.25 3.60
C VAL A 15 7.15 4.35 3.90
N VAL A 16 6.46 5.20 3.16
CA VAL A 16 5.03 5.38 3.35
C VAL A 16 4.25 4.86 2.15
N ASN A 17 4.92 4.77 1.00
CA ASN A 17 4.29 4.30 -0.22
C ASN A 17 4.11 2.78 -0.18
N LEU A 18 2.88 2.33 -0.40
CA LEU A 18 2.57 0.90 -0.39
C LEU A 18 2.21 0.41 -1.78
N TYR A 19 2.61 -0.82 -2.09
CA TYR A 19 2.32 -1.41 -3.40
C TYR A 19 1.31 -2.53 -3.28
N VAL A 20 0.08 -2.26 -3.71
CA VAL A 20 -0.99 -3.25 -3.64
C VAL A 20 -1.04 -4.09 -4.92
N LYS A 21 -1.22 -5.39 -4.76
CA LYS A 21 -1.29 -6.30 -5.91
C LYS A 21 -2.47 -7.25 -5.77
N ASN A 22 -2.85 -7.86 -6.89
CA ASN A 22 -3.97 -8.80 -6.91
C ASN A 22 -5.28 -8.08 -6.55
N LEU A 23 -5.56 -7.00 -7.24
CA LEU A 23 -6.77 -6.23 -7.00
C LEU A 23 -7.91 -6.72 -7.88
N ASP A 24 -8.87 -7.42 -7.26
CA ASP A 24 -10.02 -7.94 -8.00
C ASP A 24 -10.70 -6.85 -8.81
N ASP A 25 -11.31 -7.23 -9.92
CA ASP A 25 -12.00 -6.28 -10.78
C ASP A 25 -13.07 -5.52 -10.00
N GLY A 26 -13.70 -6.19 -9.05
CA GLY A 26 -14.73 -5.57 -8.25
C GLY A 26 -14.20 -4.43 -7.39
N ILE A 27 -13.02 -4.64 -6.83
CA ILE A 27 -12.40 -3.62 -5.98
C ILE A 27 -12.10 -2.35 -6.77
N ASP A 28 -12.35 -1.21 -6.14
CA ASP A 28 -12.12 0.09 -6.78
C ASP A 28 -11.27 0.98 -5.89
N ASP A 29 -10.89 2.15 -6.42
CA ASP A 29 -10.08 3.10 -5.68
C ASP A 29 -10.65 3.33 -4.28
N GLU A 30 -11.97 3.48 -4.21
CA GLU A 30 -12.65 3.71 -2.94
C GLU A 30 -12.46 2.52 -2.00
N ARG A 31 -13.00 1.37 -2.38
CA ARG A 31 -12.89 0.17 -1.58
C ARG A 31 -11.48 0.01 -1.01
N LEU A 32 -10.49 0.43 -1.81
CA LEU A 32 -9.10 0.34 -1.39
C LEU A 32 -8.82 1.28 -0.22
N ARG A 33 -8.72 2.57 -0.51
CA ARG A 33 -8.45 3.57 0.51
C ARG A 33 -9.37 3.37 1.71
N LYS A 34 -10.52 2.78 1.47
CA LYS A 34 -11.50 2.53 2.54
C LYS A 34 -10.99 1.44 3.49
N ALA A 35 -10.31 0.45 2.94
CA ALA A 35 -9.78 -0.65 3.73
C ALA A 35 -8.33 -0.37 4.14
N PHE A 36 -7.94 0.90 4.11
CA PHE A 36 -6.59 1.29 4.48
C PHE A 36 -6.61 2.39 5.55
N SER A 37 -7.66 3.20 5.53
CA SER A 37 -7.80 4.30 6.48
C SER A 37 -7.79 3.77 7.90
N PRO A 38 -8.51 2.66 8.13
CA PRO A 38 -8.60 2.03 9.46
C PRO A 38 -7.23 1.87 10.11
N PHE A 39 -6.18 1.96 9.31
CA PHE A 39 -4.82 1.82 9.82
C PHE A 39 -4.16 3.19 10.01
N GLY A 40 -4.21 4.01 8.96
CA GLY A 40 -3.62 5.34 9.04
C GLY A 40 -4.20 6.30 8.01
N THR A 41 -3.79 7.55 8.06
CA THR A 41 -4.27 8.56 7.13
C THR A 41 -3.59 8.42 5.78
N ILE A 42 -4.39 8.48 4.71
CA ILE A 42 -3.85 8.37 3.36
C ILE A 42 -3.94 9.70 2.61
N THR A 43 -2.90 10.02 1.87
CA THR A 43 -2.86 11.27 1.12
C THR A 43 -2.98 11.01 -0.38
N SER A 44 -2.35 9.94 -0.85
CA SER A 44 -2.38 9.57 -2.26
C SER A 44 -2.81 8.12 -2.44
N ALA A 45 -4.04 7.93 -2.90
CA ALA A 45 -4.57 6.58 -3.11
C ALA A 45 -5.21 6.46 -4.49
N LYS A 46 -4.61 5.64 -5.34
CA LYS A 46 -5.13 5.42 -6.70
C LYS A 46 -4.87 3.99 -7.15
N VAL A 47 -5.81 3.46 -7.93
CA VAL A 47 -5.68 2.09 -8.45
C VAL A 47 -5.34 2.09 -9.93
N MET A 48 -4.46 1.18 -10.33
CA MET A 48 -4.05 1.07 -11.72
C MET A 48 -5.01 0.19 -12.50
N MET A 49 -6.03 0.80 -13.09
CA MET A 49 -7.02 0.07 -13.87
C MET A 49 -7.12 0.62 -15.29
N GLU A 50 -7.94 -0.02 -16.11
CA GLU A 50 -8.11 0.41 -17.50
C GLU A 50 -9.37 1.27 -17.64
N GLY A 51 -10.53 0.67 -17.36
CA GLY A 51 -11.78 1.39 -17.46
C GLY A 51 -12.98 0.51 -17.14
N GLY A 52 -12.81 -0.37 -16.16
CA GLY A 52 -13.89 -1.26 -15.77
C GLY A 52 -13.42 -2.40 -14.89
N ARG A 53 -12.19 -2.84 -15.11
CA ARG A 53 -11.62 -3.94 -14.33
C ARG A 53 -10.20 -3.60 -13.86
N SER A 54 -10.02 -3.51 -12.56
CA SER A 54 -8.72 -3.19 -11.99
C SER A 54 -7.67 -4.20 -12.42
N LYS A 55 -6.71 -3.75 -13.22
CA LYS A 55 -5.64 -4.63 -13.71
C LYS A 55 -5.27 -5.66 -12.65
N GLY A 56 -5.03 -5.19 -11.43
CA GLY A 56 -4.65 -6.10 -10.35
C GLY A 56 -3.53 -5.54 -9.50
N PHE A 57 -3.48 -4.22 -9.35
CA PHE A 57 -2.44 -3.57 -8.57
C PHE A 57 -2.72 -2.09 -8.42
N GLY A 58 -2.19 -1.49 -7.35
CA GLY A 58 -2.40 -0.07 -7.11
C GLY A 58 -1.35 0.51 -6.19
N PHE A 59 -1.46 1.81 -5.93
CA PHE A 59 -0.50 2.50 -5.06
C PHE A 59 -1.24 3.30 -3.98
N VAL A 60 -0.84 3.10 -2.73
CA VAL A 60 -1.46 3.78 -1.60
C VAL A 60 -0.40 4.41 -0.70
N CYS A 61 -0.58 5.69 -0.38
CA CYS A 61 0.36 6.41 0.48
C CYS A 61 -0.26 6.68 1.84
N PHE A 62 0.59 6.83 2.85
CA PHE A 62 0.12 7.11 4.20
C PHE A 62 0.79 8.35 4.77
N SER A 63 0.40 8.72 5.98
CA SER A 63 0.97 9.91 6.64
C SER A 63 2.35 9.62 7.19
N SER A 64 2.52 8.41 7.72
CA SER A 64 3.81 8.00 8.29
C SER A 64 4.09 6.53 8.00
N PRO A 65 5.38 6.20 7.81
CA PRO A 65 5.81 4.83 7.52
C PRO A 65 5.16 3.81 8.46
N GLU A 66 5.40 3.96 9.75
CA GLU A 66 4.84 3.05 10.74
C GLU A 66 3.44 2.61 10.34
N GLU A 67 2.49 3.53 10.39
CA GLU A 67 1.10 3.23 10.03
C GLU A 67 1.04 2.41 8.76
N ALA A 68 1.84 2.81 7.77
CA ALA A 68 1.88 2.10 6.49
C ALA A 68 2.31 0.65 6.68
N THR A 69 3.33 0.44 7.49
CA THR A 69 3.84 -0.90 7.76
C THR A 69 2.72 -1.85 8.19
N LYS A 70 2.07 -1.51 9.29
CA LYS A 70 0.97 -2.33 9.81
C LYS A 70 0.01 -2.72 8.68
N ALA A 71 -0.46 -1.71 7.94
CA ALA A 71 -1.38 -1.96 6.84
C ALA A 71 -0.81 -2.99 5.87
N VAL A 72 0.40 -2.76 5.40
CA VAL A 72 1.05 -3.67 4.46
C VAL A 72 0.76 -5.12 4.82
N THR A 73 0.95 -5.47 6.10
CA THR A 73 0.72 -6.83 6.57
C THR A 73 -0.76 -7.04 6.88
N GLU A 74 -1.28 -6.29 7.84
CA GLU A 74 -2.68 -6.40 8.23
C GLU A 74 -3.58 -6.56 7.01
N MET A 75 -3.10 -6.09 5.87
CA MET A 75 -3.85 -6.18 4.61
C MET A 75 -3.32 -7.30 3.74
N ASN A 76 -2.00 -7.40 3.65
CA ASN A 76 -1.36 -8.44 2.84
C ASN A 76 -1.77 -9.83 3.32
N GLY A 77 -2.58 -10.52 2.52
CA GLY A 77 -3.02 -11.85 2.88
C GLY A 77 -4.49 -11.88 3.26
N ARG A 78 -5.08 -10.71 3.45
CA ARG A 78 -6.49 -10.61 3.82
C ARG A 78 -7.38 -10.60 2.58
N ILE A 79 -8.57 -11.16 2.71
CA ILE A 79 -9.52 -11.21 1.60
C ILE A 79 -10.53 -10.08 1.70
N VAL A 80 -11.00 -9.61 0.54
CA VAL A 80 -11.99 -8.54 0.49
C VAL A 80 -13.13 -8.88 -0.45
N ALA A 81 -12.80 -9.23 -1.69
CA ALA A 81 -13.80 -9.60 -2.68
C ALA A 81 -13.70 -11.07 -3.06
N THR A 82 -12.66 -11.42 -3.81
CA THR A 82 -12.46 -12.79 -4.23
C THR A 82 -11.02 -13.23 -3.98
N LYS A 83 -10.07 -12.41 -4.41
CA LYS A 83 -8.65 -12.72 -4.23
C LYS A 83 -8.08 -11.94 -3.05
N PRO A 84 -7.01 -12.48 -2.44
CA PRO A 84 -6.34 -11.85 -1.30
C PRO A 84 -5.46 -10.68 -1.72
N LEU A 85 -5.64 -9.54 -1.05
CA LEU A 85 -4.86 -8.35 -1.36
C LEU A 85 -3.39 -8.54 -0.99
N TYR A 86 -2.51 -8.38 -1.97
CA TYR A 86 -1.08 -8.54 -1.74
C TYR A 86 -0.39 -7.19 -1.63
N VAL A 87 -0.26 -6.71 -0.38
CA VAL A 87 0.39 -5.43 -0.13
C VAL A 87 1.87 -5.61 0.20
N ALA A 88 2.69 -4.66 -0.24
CA ALA A 88 4.13 -4.72 0.02
C ALA A 88 4.77 -3.35 -0.20
N LEU A 89 5.79 -3.06 0.59
CA LEU A 89 6.50 -1.79 0.48
C LEU A 89 6.98 -1.55 -0.95
N ALA A 90 6.97 -0.29 -1.36
CA ALA A 90 7.41 0.07 -2.71
C ALA A 90 8.42 1.21 -2.67
N GLN A 91 8.95 1.57 -3.84
CA GLN A 91 9.93 2.64 -3.94
C GLN A 91 9.45 3.72 -4.90
N ARG A 92 9.27 4.94 -4.38
CA ARG A 92 8.83 6.07 -5.19
C ARG A 92 9.44 7.37 -4.69
N LYS A 93 9.74 8.26 -5.63
CA LYS A 93 10.32 9.56 -5.30
C LYS A 93 10.41 10.45 -6.53
N GLU A 94 10.21 11.76 -6.32
CA GLU A 94 10.26 12.72 -7.41
C GLU A 94 10.34 14.14 -6.87
N GLU A 95 11.50 14.77 -7.03
CA GLU A 95 11.70 16.13 -6.57
C GLU A 95 12.34 16.99 -7.66
N ARG A 96 11.69 18.09 -8.00
CA ARG A 96 12.18 19.00 -9.02
C ARG A 96 11.31 20.24 -9.12
N GLN A 97 11.94 21.38 -9.39
CA GLN A 97 11.22 22.65 -9.52
C GLN A 97 10.88 22.93 -10.97
N SER A 98 10.03 23.94 -11.19
CA SER A 98 9.62 24.32 -12.54
C SER A 98 10.30 25.61 -12.97
N GLY A 99 10.46 25.78 -14.27
CA GLY A 99 11.09 26.98 -14.80
C GLY A 99 10.30 27.62 -15.92
N PRO A 100 9.46 28.61 -15.56
CA PRO A 100 8.62 29.32 -16.53
C PRO A 100 9.41 30.34 -17.34
N SER A 101 10.73 30.24 -17.29
CA SER A 101 11.60 31.16 -18.01
C SER A 101 11.64 30.81 -19.50
N SER A 102 10.80 31.50 -20.28
CA SER A 102 10.73 31.26 -21.72
C SER A 102 12.10 31.45 -22.36
N GLY A 103 12.25 30.92 -23.57
CA GLY A 103 13.51 31.04 -24.28
C GLY A 103 13.32 31.19 -25.78
N GLY A 1 16.20 -27.99 24.99
CA GLY A 1 16.04 -26.78 24.21
C GLY A 1 16.00 -27.05 22.72
N SER A 2 14.90 -26.71 22.08
CA SER A 2 14.73 -26.93 20.65
C SER A 2 14.58 -25.60 19.91
N SER A 3 15.65 -25.19 19.22
CA SER A 3 15.63 -23.94 18.48
C SER A 3 16.72 -23.94 17.41
N GLY A 4 16.60 -23.02 16.45
CA GLY A 4 17.57 -22.93 15.38
C GLY A 4 17.03 -22.20 14.17
N SER A 5 16.66 -20.94 14.35
CA SER A 5 16.12 -20.12 13.27
C SER A 5 16.95 -18.86 13.08
N SER A 6 17.13 -18.46 11.82
CA SER A 6 17.91 -17.27 11.50
C SER A 6 17.40 -16.62 10.21
N GLY A 7 17.69 -15.33 10.05
CA GLY A 7 17.25 -14.62 8.87
C GLY A 7 17.21 -13.11 9.08
N ASP A 8 18.12 -12.41 8.41
CA ASP A 8 18.19 -10.95 8.53
C ASP A 8 17.31 -10.28 7.48
N ARG A 9 16.10 -9.90 7.89
CA ARG A 9 15.16 -9.25 6.98
C ARG A 9 14.63 -7.95 7.59
N ILE A 10 15.53 -7.18 8.19
CA ILE A 10 15.14 -5.92 8.81
C ILE A 10 15.60 -4.73 7.97
N THR A 11 14.72 -3.76 7.80
CA THR A 11 15.02 -2.57 7.01
C THR A 11 14.66 -1.30 7.77
N ARG A 12 15.43 -0.24 7.55
CA ARG A 12 15.19 1.03 8.21
C ARG A 12 15.27 2.18 7.21
N TYR A 13 14.12 2.53 6.63
CA TYR A 13 14.05 3.62 5.66
C TYR A 13 12.63 4.14 5.53
N GLN A 14 12.46 5.45 5.69
CA GLN A 14 11.15 6.07 5.58
C GLN A 14 10.42 5.61 4.33
N VAL A 15 9.56 4.61 4.50
CA VAL A 15 8.79 4.07 3.37
C VAL A 15 7.29 4.17 3.63
N VAL A 16 6.67 5.24 3.14
CA VAL A 16 5.24 5.45 3.31
C VAL A 16 4.46 4.87 2.15
N ASN A 17 5.06 4.91 0.96
CA ASN A 17 4.41 4.39 -0.23
C ASN A 17 4.22 2.88 -0.14
N LEU A 18 3.03 2.41 -0.53
CA LEU A 18 2.72 0.99 -0.50
C LEU A 18 2.30 0.48 -1.86
N TYR A 19 2.81 -0.69 -2.24
CA TYR A 19 2.48 -1.29 -3.53
C TYR A 19 1.43 -2.38 -3.37
N VAL A 20 0.19 -2.06 -3.73
CA VAL A 20 -0.90 -3.02 -3.64
C VAL A 20 -1.02 -3.85 -4.92
N LYS A 21 -1.22 -5.15 -4.76
CA LYS A 21 -1.35 -6.06 -5.89
C LYS A 21 -2.50 -7.02 -5.68
N ASN A 22 -2.96 -7.64 -6.78
CA ASN A 22 -4.06 -8.60 -6.70
C ASN A 22 -5.34 -7.91 -6.26
N LEU A 23 -5.65 -6.78 -6.89
CA LEU A 23 -6.86 -6.02 -6.56
C LEU A 23 -8.05 -6.55 -7.36
N ASP A 24 -8.85 -7.39 -6.72
CA ASP A 24 -10.04 -7.95 -7.37
C ASP A 24 -10.77 -6.89 -8.18
N ASP A 25 -11.16 -7.26 -9.40
CA ASP A 25 -11.87 -6.34 -10.29
C ASP A 25 -12.97 -5.62 -9.53
N GLY A 26 -13.62 -6.31 -8.62
CA GLY A 26 -14.70 -5.71 -7.85
C GLY A 26 -14.24 -4.50 -7.06
N ILE A 27 -13.07 -4.60 -6.44
CA ILE A 27 -12.52 -3.51 -5.65
C ILE A 27 -12.30 -2.27 -6.51
N ASP A 28 -12.46 -1.10 -5.90
CA ASP A 28 -12.29 0.17 -6.62
C ASP A 28 -11.37 1.10 -5.84
N ASP A 29 -11.22 2.33 -6.33
CA ASP A 29 -10.37 3.31 -5.69
C ASP A 29 -10.92 3.70 -4.32
N GLU A 30 -12.24 3.59 -4.16
CA GLU A 30 -12.89 3.93 -2.90
C GLU A 30 -12.68 2.82 -1.88
N ARG A 31 -13.07 1.60 -2.25
CA ARG A 31 -12.94 0.45 -1.37
C ARG A 31 -11.51 0.35 -0.82
N LEU A 32 -10.53 0.58 -1.69
CA LEU A 32 -9.13 0.51 -1.31
C LEU A 32 -8.81 1.55 -0.24
N ARG A 33 -8.76 2.82 -0.65
CA ARG A 33 -8.47 3.90 0.27
C ARG A 33 -9.35 3.83 1.52
N LYS A 34 -10.51 3.20 1.37
CA LYS A 34 -11.44 3.05 2.48
C LYS A 34 -11.02 1.91 3.39
N ALA A 35 -10.35 0.91 2.83
CA ALA A 35 -9.88 -0.23 3.60
C ALA A 35 -8.45 -0.02 4.10
N PHE A 36 -8.00 1.22 4.08
CA PHE A 36 -6.66 1.57 4.52
C PHE A 36 -6.69 2.65 5.59
N SER A 37 -7.69 3.53 5.51
CA SER A 37 -7.83 4.62 6.47
C SER A 37 -7.82 4.08 7.90
N PRO A 38 -8.56 3.00 8.13
CA PRO A 38 -8.66 2.36 9.46
C PRO A 38 -7.29 2.15 10.09
N PHE A 39 -6.25 2.21 9.27
CA PHE A 39 -4.88 2.02 9.75
C PHE A 39 -4.19 3.37 9.96
N GLY A 40 -4.22 4.20 8.93
CA GLY A 40 -3.58 5.52 9.03
C GLY A 40 -4.07 6.47 7.96
N THR A 41 -3.76 7.75 8.13
CA THR A 41 -4.18 8.78 7.17
C THR A 41 -3.53 8.55 5.81
N ILE A 42 -4.26 8.84 4.75
CA ILE A 42 -3.76 8.68 3.39
C ILE A 42 -3.74 10.01 2.65
N THR A 43 -2.67 10.25 1.90
CA THR A 43 -2.53 11.48 1.14
C THR A 43 -2.85 11.26 -0.33
N SER A 44 -2.38 10.13 -0.87
CA SER A 44 -2.61 9.80 -2.27
C SER A 44 -2.86 8.30 -2.44
N ALA A 45 -3.99 7.96 -3.05
CA ALA A 45 -4.34 6.55 -3.26
C ALA A 45 -5.11 6.39 -4.57
N LYS A 46 -4.60 5.51 -5.44
CA LYS A 46 -5.22 5.26 -6.73
C LYS A 46 -4.98 3.82 -7.17
N VAL A 47 -5.83 3.33 -8.07
CA VAL A 47 -5.70 1.97 -8.59
C VAL A 47 -5.50 1.98 -10.10
N MET A 48 -4.42 1.35 -10.54
CA MET A 48 -4.11 1.27 -11.97
C MET A 48 -5.24 0.58 -12.73
N MET A 49 -5.44 0.99 -13.98
CA MET A 49 -6.49 0.41 -14.82
C MET A 49 -5.98 0.17 -16.23
N GLU A 50 -6.71 -0.64 -16.99
CA GLU A 50 -6.33 -0.96 -18.36
C GLU A 50 -7.30 -0.32 -19.36
N GLY A 51 -7.75 0.89 -19.05
CA GLY A 51 -8.67 1.58 -19.92
C GLY A 51 -10.08 1.58 -19.37
N GLY A 52 -10.70 0.40 -19.31
CA GLY A 52 -12.06 0.29 -18.80
C GLY A 52 -12.13 -0.47 -17.50
N ARG A 53 -11.34 -1.54 -17.39
CA ARG A 53 -11.32 -2.36 -16.19
C ARG A 53 -10.03 -2.14 -15.41
N SER A 54 -9.98 -2.70 -14.20
CA SER A 54 -8.80 -2.56 -13.34
C SER A 54 -7.75 -3.60 -13.70
N LYS A 55 -6.48 -3.18 -13.70
CA LYS A 55 -5.38 -4.08 -14.03
C LYS A 55 -5.18 -5.12 -12.93
N GLY A 56 -5.22 -4.67 -11.69
CA GLY A 56 -5.04 -5.58 -10.57
C GLY A 56 -3.93 -5.15 -9.63
N PHE A 57 -3.78 -3.83 -9.47
CA PHE A 57 -2.74 -3.28 -8.60
C PHE A 57 -2.86 -1.77 -8.50
N GLY A 58 -2.25 -1.20 -7.46
CA GLY A 58 -2.30 0.23 -7.27
C GLY A 58 -1.26 0.72 -6.28
N PHE A 59 -1.35 2.00 -5.91
CA PHE A 59 -0.40 2.59 -4.97
C PHE A 59 -1.14 3.36 -3.87
N VAL A 60 -0.58 3.35 -2.67
CA VAL A 60 -1.18 4.05 -1.54
C VAL A 60 -0.11 4.68 -0.66
N CYS A 61 -0.30 5.95 -0.32
CA CYS A 61 0.64 6.67 0.52
C CYS A 61 0.01 7.01 1.88
N PHE A 62 0.83 6.96 2.92
CA PHE A 62 0.37 7.25 4.27
C PHE A 62 1.10 8.46 4.86
N SER A 63 0.72 8.84 6.07
CA SER A 63 1.35 9.98 6.74
C SER A 63 2.71 9.61 7.31
N SER A 64 2.80 8.40 7.88
CA SER A 64 4.04 7.92 8.46
C SER A 64 4.29 6.46 8.09
N PRO A 65 5.56 6.12 7.86
CA PRO A 65 5.97 4.76 7.48
C PRO A 65 5.33 3.71 8.39
N GLU A 66 5.53 3.86 9.70
CA GLU A 66 4.98 2.93 10.67
C GLU A 66 3.56 2.54 10.30
N GLU A 67 2.71 3.54 10.08
CA GLU A 67 1.31 3.30 9.72
C GLU A 67 1.23 2.43 8.47
N ALA A 68 2.01 2.77 7.46
CA ALA A 68 2.03 2.03 6.20
C ALA A 68 2.39 0.57 6.43
N THR A 69 3.33 0.34 7.34
CA THR A 69 3.77 -1.02 7.65
C THR A 69 2.59 -1.92 7.99
N LYS A 70 2.03 -1.74 9.18
CA LYS A 70 0.89 -2.53 9.62
C LYS A 70 -0.03 -2.85 8.45
N ALA A 71 -0.64 -1.82 7.87
CA ALA A 71 -1.54 -1.99 6.75
C ALA A 71 -1.07 -3.12 5.83
N VAL A 72 0.18 -3.03 5.38
CA VAL A 72 0.75 -4.05 4.51
C VAL A 72 0.48 -5.45 5.04
N THR A 73 0.71 -5.63 6.33
CA THR A 73 0.49 -6.93 6.97
C THR A 73 -1.00 -7.18 7.22
N GLU A 74 -1.61 -6.29 8.00
CA GLU A 74 -3.03 -6.42 8.32
C GLU A 74 -3.86 -6.61 7.06
N MET A 75 -3.30 -6.20 5.92
CA MET A 75 -3.99 -6.33 4.64
C MET A 75 -3.47 -7.53 3.86
N ASN A 76 -2.16 -7.70 3.86
CA ASN A 76 -1.54 -8.82 3.16
C ASN A 76 -2.06 -10.16 3.69
N GLY A 77 -3.04 -10.73 2.99
CA GLY A 77 -3.60 -11.99 3.41
C GLY A 77 -5.10 -11.92 3.62
N ARG A 78 -5.64 -10.70 3.63
CA ARG A 78 -7.06 -10.49 3.84
C ARG A 78 -7.82 -10.61 2.52
N ILE A 79 -8.78 -11.53 2.47
CA ILE A 79 -9.57 -11.73 1.26
C ILE A 79 -10.75 -10.77 1.21
N VAL A 80 -11.16 -10.41 -0.01
CA VAL A 80 -12.27 -9.48 -0.20
C VAL A 80 -13.29 -10.04 -1.18
N ALA A 81 -12.80 -10.51 -2.33
CA ALA A 81 -13.67 -11.09 -3.35
C ALA A 81 -13.29 -12.53 -3.65
N THR A 82 -12.13 -12.72 -4.26
CA THR A 82 -11.65 -14.05 -4.60
C THR A 82 -10.18 -14.22 -4.22
N LYS A 83 -9.34 -13.29 -4.66
CA LYS A 83 -7.93 -13.33 -4.37
C LYS A 83 -7.57 -12.39 -3.22
N PRO A 84 -6.50 -12.73 -2.47
CA PRO A 84 -6.04 -11.92 -1.34
C PRO A 84 -5.34 -10.64 -1.79
N LEU A 85 -5.40 -9.62 -0.94
CA LEU A 85 -4.77 -8.35 -1.25
C LEU A 85 -3.26 -8.41 -1.03
N TYR A 86 -2.52 -8.66 -2.11
CA TYR A 86 -1.07 -8.75 -2.04
C TYR A 86 -0.44 -7.37 -1.87
N VAL A 87 -0.34 -6.91 -0.62
CA VAL A 87 0.24 -5.61 -0.33
C VAL A 87 1.70 -5.74 0.06
N ALA A 88 2.50 -4.76 -0.33
CA ALA A 88 3.93 -4.76 -0.01
C ALA A 88 4.48 -3.34 0.05
N LEU A 89 5.70 -3.21 0.57
CA LEU A 89 6.33 -1.90 0.70
C LEU A 89 6.76 -1.37 -0.66
N ALA A 90 6.69 -0.06 -0.83
CA ALA A 90 7.08 0.58 -2.07
C ALA A 90 8.16 1.63 -1.85
N GLN A 91 9.26 1.50 -2.58
CA GLN A 91 10.37 2.44 -2.45
C GLN A 91 10.59 3.19 -3.76
N ARG A 92 9.52 3.72 -4.33
CA ARG A 92 9.59 4.47 -5.58
C ARG A 92 8.99 5.86 -5.42
N LYS A 93 9.79 6.78 -4.90
CA LYS A 93 9.35 8.16 -4.70
C LYS A 93 10.25 9.14 -5.43
N GLU A 94 9.70 9.84 -6.42
CA GLU A 94 10.46 10.82 -7.19
C GLU A 94 9.79 12.18 -7.14
N GLU A 95 9.29 12.55 -5.97
CA GLU A 95 8.63 13.84 -5.80
C GLU A 95 9.17 14.57 -4.58
N ARG A 96 9.63 15.80 -4.78
CA ARG A 96 10.18 16.60 -3.70
C ARG A 96 9.24 17.78 -3.37
N GLN A 97 9.14 18.08 -2.07
CA GLN A 97 8.28 19.17 -1.62
C GLN A 97 9.01 20.06 -0.63
N SER A 98 9.15 21.33 -0.96
CA SER A 98 9.83 22.29 -0.10
C SER A 98 9.21 23.67 -0.21
N GLY A 99 9.44 24.51 0.80
CA GLY A 99 8.90 25.86 0.79
C GLY A 99 9.04 26.55 2.13
N PRO A 100 9.27 27.87 2.10
CA PRO A 100 9.44 28.68 3.31
C PRO A 100 8.10 29.01 3.98
N SER A 101 8.16 29.45 5.22
CA SER A 101 6.96 29.79 5.97
C SER A 101 7.14 31.09 6.74
N SER A 102 6.15 31.97 6.66
CA SER A 102 6.20 33.27 7.35
C SER A 102 4.83 33.91 7.42
N GLY A 103 4.39 34.23 8.63
CA GLY A 103 3.09 34.84 8.81
C GLY A 103 2.04 34.25 7.90
N GLY A 1 0.79 -30.44 8.95
CA GLY A 1 1.42 -29.15 9.08
C GLY A 1 2.90 -29.19 8.72
N SER A 2 3.41 -28.08 8.20
CA SER A 2 4.81 -27.99 7.80
C SER A 2 5.59 -27.09 8.76
N SER A 3 6.90 -27.03 8.56
CA SER A 3 7.77 -26.21 9.41
C SER A 3 7.43 -24.74 9.26
N GLY A 4 7.56 -24.23 8.03
CA GLY A 4 7.27 -22.83 7.77
C GLY A 4 8.52 -21.99 7.68
N SER A 5 8.67 -21.25 6.59
CA SER A 5 9.83 -20.40 6.38
C SER A 5 9.59 -19.00 6.95
N SER A 6 10.51 -18.55 7.80
CA SER A 6 10.40 -17.24 8.42
C SER A 6 11.65 -16.42 8.16
N GLY A 7 11.49 -15.09 8.13
CA GLY A 7 12.61 -14.21 7.90
C GLY A 7 12.17 -12.82 7.48
N ASP A 8 11.76 -12.01 8.46
CA ASP A 8 11.31 -10.65 8.18
C ASP A 8 11.95 -9.66 9.15
N ARG A 9 12.13 -8.43 8.69
CA ARG A 9 12.74 -7.39 9.51
C ARG A 9 11.69 -6.40 10.00
N ILE A 10 11.88 -5.89 11.21
CA ILE A 10 10.95 -4.93 11.80
C ILE A 10 10.82 -3.68 10.92
N THR A 11 11.96 -3.02 10.68
CA THR A 11 11.97 -1.82 9.86
C THR A 11 13.40 -1.41 9.52
N ARG A 12 13.56 -0.75 8.37
CA ARG A 12 14.88 -0.31 7.92
C ARG A 12 14.89 1.20 7.68
N TYR A 13 13.86 1.69 6.99
CA TYR A 13 13.76 3.11 6.68
C TYR A 13 12.30 3.53 6.57
N GLN A 14 12.07 4.84 6.55
CA GLN A 14 10.72 5.38 6.44
C GLN A 14 10.09 5.00 5.11
N VAL A 15 9.03 4.20 5.16
CA VAL A 15 8.34 3.78 3.95
C VAL A 15 6.83 3.93 4.09
N VAL A 16 6.32 5.06 3.62
CA VAL A 16 4.89 5.33 3.69
C VAL A 16 4.14 4.76 2.48
N ASN A 17 4.84 4.70 1.36
CA ASN A 17 4.26 4.18 0.12
C ASN A 17 4.11 2.65 0.20
N LEU A 18 2.95 2.16 -0.23
CA LEU A 18 2.69 0.72 -0.21
C LEU A 18 2.17 0.25 -1.57
N TYR A 19 2.74 -0.84 -2.05
CA TYR A 19 2.35 -1.41 -3.35
C TYR A 19 1.22 -2.43 -3.18
N VAL A 20 0.10 -2.17 -3.83
CA VAL A 20 -1.05 -3.06 -3.76
C VAL A 20 -1.19 -3.88 -5.03
N LYS A 21 -1.39 -5.19 -4.88
CA LYS A 21 -1.55 -6.09 -6.01
C LYS A 21 -2.75 -7.01 -5.82
N ASN A 22 -3.19 -7.63 -6.90
CA ASN A 22 -4.32 -8.55 -6.85
C ASN A 22 -5.60 -7.81 -6.45
N LEU A 23 -5.82 -6.66 -7.08
CA LEU A 23 -7.01 -5.86 -6.79
C LEU A 23 -8.20 -6.34 -7.61
N ASP A 24 -9.02 -7.20 -7.00
CA ASP A 24 -10.20 -7.73 -7.66
C ASP A 24 -10.90 -6.64 -8.47
N ASP A 25 -11.33 -6.99 -9.68
CA ASP A 25 -12.02 -6.05 -10.55
C ASP A 25 -13.09 -5.27 -9.78
N GLY A 26 -13.80 -5.99 -8.90
CA GLY A 26 -14.84 -5.36 -8.11
C GLY A 26 -14.31 -4.22 -7.25
N ILE A 27 -13.10 -4.38 -6.75
CA ILE A 27 -12.48 -3.36 -5.91
C ILE A 27 -12.15 -2.10 -6.72
N ASP A 28 -12.61 -0.96 -6.24
CA ASP A 28 -12.37 0.31 -6.91
C ASP A 28 -11.52 1.22 -6.04
N ASP A 29 -11.15 2.39 -6.59
CA ASP A 29 -10.34 3.35 -5.87
C ASP A 29 -10.81 3.48 -4.43
N GLU A 30 -12.03 3.96 -4.25
CA GLU A 30 -12.61 4.14 -2.92
C GLU A 30 -12.39 2.89 -2.06
N ARG A 31 -12.85 1.75 -2.57
CA ARG A 31 -12.70 0.50 -1.85
C ARG A 31 -11.29 0.35 -1.27
N LEU A 32 -10.29 0.53 -2.13
CA LEU A 32 -8.89 0.42 -1.72
C LEU A 32 -8.61 1.32 -0.52
N ARG A 33 -8.52 2.63 -0.78
CA ARG A 33 -8.25 3.60 0.26
C ARG A 33 -9.12 3.34 1.49
N LYS A 34 -10.29 2.75 1.26
CA LYS A 34 -11.22 2.44 2.34
C LYS A 34 -10.67 1.34 3.23
N ALA A 35 -10.10 0.31 2.62
CA ALA A 35 -9.53 -0.81 3.36
C ALA A 35 -8.10 -0.50 3.81
N PHE A 36 -7.80 0.79 3.95
CA PHE A 36 -6.47 1.23 4.38
C PHE A 36 -6.58 2.29 5.47
N SER A 37 -7.63 3.11 5.40
CA SER A 37 -7.84 4.17 6.37
C SER A 37 -7.78 3.62 7.80
N PRO A 38 -8.46 2.48 8.02
CA PRO A 38 -8.50 1.84 9.33
C PRO A 38 -7.11 1.70 9.95
N PHE A 39 -6.08 1.85 9.13
CA PHE A 39 -4.70 1.74 9.60
C PHE A 39 -4.09 3.11 9.80
N GLY A 40 -4.29 3.99 8.83
CA GLY A 40 -3.75 5.34 8.91
C GLY A 40 -4.33 6.27 7.87
N THR A 41 -4.10 7.57 8.03
CA THR A 41 -4.61 8.56 7.10
C THR A 41 -3.89 8.45 5.75
N ILE A 42 -4.65 8.63 4.67
CA ILE A 42 -4.08 8.56 3.33
C ILE A 42 -4.14 9.91 2.63
N THR A 43 -3.12 10.21 1.84
CA THR A 43 -3.06 11.47 1.11
C THR A 43 -3.14 11.26 -0.39
N SER A 44 -2.51 10.19 -0.87
CA SER A 44 -2.51 9.87 -2.29
C SER A 44 -2.81 8.38 -2.51
N ALA A 45 -3.98 8.10 -3.06
CA ALA A 45 -4.40 6.73 -3.33
C ALA A 45 -5.00 6.59 -4.72
N LYS A 46 -4.42 5.72 -5.54
CA LYS A 46 -4.92 5.50 -6.89
C LYS A 46 -4.72 4.04 -7.31
N VAL A 47 -5.57 3.58 -8.22
CA VAL A 47 -5.48 2.20 -8.71
C VAL A 47 -5.23 2.17 -10.21
N MET A 48 -4.31 1.30 -10.63
CA MET A 48 -3.98 1.18 -12.05
C MET A 48 -5.15 0.56 -12.83
N MET A 49 -5.72 1.35 -13.73
CA MET A 49 -6.85 0.90 -14.53
C MET A 49 -6.55 1.04 -16.03
N GLU A 50 -7.16 0.19 -16.83
CA GLU A 50 -6.95 0.23 -18.28
C GLU A 50 -8.18 0.78 -18.99
N GLY A 51 -8.75 1.86 -18.43
CA GLY A 51 -9.92 2.47 -19.02
C GLY A 51 -11.15 1.57 -18.94
N GLY A 52 -11.85 1.65 -17.82
CA GLY A 52 -13.03 0.83 -17.63
C GLY A 52 -12.80 -0.33 -16.68
N ARG A 53 -11.68 -1.02 -16.86
CA ARG A 53 -11.34 -2.15 -16.01
C ARG A 53 -10.06 -1.88 -15.21
N SER A 54 -9.88 -2.62 -14.12
CA SER A 54 -8.71 -2.45 -13.27
C SER A 54 -7.69 -3.56 -13.53
N LYS A 55 -6.46 -3.16 -13.82
CA LYS A 55 -5.39 -4.11 -14.09
C LYS A 55 -5.29 -5.14 -12.97
N GLY A 56 -5.23 -4.67 -11.73
CA GLY A 56 -5.13 -5.57 -10.59
C GLY A 56 -4.05 -5.15 -9.62
N PHE A 57 -3.87 -3.84 -9.46
CA PHE A 57 -2.85 -3.32 -8.55
C PHE A 57 -2.97 -1.80 -8.43
N GLY A 58 -2.30 -1.24 -7.42
CA GLY A 58 -2.34 0.19 -7.21
C GLY A 58 -1.29 0.66 -6.24
N PHE A 59 -1.36 1.93 -5.85
CA PHE A 59 -0.40 2.51 -4.92
C PHE A 59 -1.11 3.38 -3.87
N VAL A 60 -0.65 3.29 -2.62
CA VAL A 60 -1.25 4.07 -1.54
C VAL A 60 -0.17 4.77 -0.73
N CYS A 61 -0.38 6.05 -0.45
CA CYS A 61 0.57 6.84 0.32
C CYS A 61 -0.01 7.20 1.69
N PHE A 62 0.79 7.01 2.73
CA PHE A 62 0.35 7.32 4.09
C PHE A 62 1.09 8.54 4.63
N SER A 63 0.68 9.00 5.81
CA SER A 63 1.30 10.16 6.44
C SER A 63 2.51 9.76 7.27
N SER A 64 2.38 8.64 7.98
CA SER A 64 3.46 8.15 8.82
C SER A 64 3.83 6.71 8.45
N PRO A 65 5.13 6.47 8.26
CA PRO A 65 5.64 5.15 7.89
C PRO A 65 5.03 4.04 8.73
N GLU A 66 5.21 4.13 10.05
CA GLU A 66 4.68 3.14 10.97
C GLU A 66 3.31 2.66 10.52
N GLU A 67 2.40 3.61 10.29
CA GLU A 67 1.05 3.29 9.87
C GLU A 67 1.07 2.42 8.61
N ALA A 68 1.89 2.80 7.64
CA ALA A 68 1.99 2.06 6.39
C ALA A 68 2.50 0.64 6.64
N THR A 69 3.49 0.52 7.52
CA THR A 69 4.07 -0.78 7.86
C THR A 69 2.98 -1.79 8.21
N LYS A 70 2.21 -1.49 9.24
CA LYS A 70 1.14 -2.37 9.67
C LYS A 70 0.28 -2.80 8.49
N ALA A 71 -0.38 -1.84 7.86
CA ALA A 71 -1.23 -2.12 6.71
C ALA A 71 -0.64 -3.24 5.85
N VAL A 72 0.65 -3.11 5.52
CA VAL A 72 1.32 -4.11 4.71
C VAL A 72 0.93 -5.52 5.14
N THR A 73 1.16 -5.83 6.41
CA THR A 73 0.84 -7.15 6.95
C THR A 73 -0.65 -7.28 7.22
N GLU A 74 -1.19 -6.35 8.01
CA GLU A 74 -2.61 -6.36 8.35
C GLU A 74 -3.46 -6.65 7.12
N MET A 75 -2.96 -6.24 5.95
CA MET A 75 -3.68 -6.46 4.70
C MET A 75 -3.12 -7.67 3.95
N ASN A 76 -1.80 -7.69 3.77
CA ASN A 76 -1.14 -8.78 3.07
C ASN A 76 -1.77 -10.12 3.45
N GLY A 77 -2.58 -10.67 2.55
CA GLY A 77 -3.23 -11.94 2.81
C GLY A 77 -4.64 -11.78 3.32
N ARG A 78 -5.22 -10.60 3.10
CA ARG A 78 -6.58 -10.32 3.54
C ARG A 78 -7.57 -10.47 2.39
N ILE A 79 -8.50 -11.42 2.54
CA ILE A 79 -9.50 -11.67 1.51
C ILE A 79 -10.70 -10.73 1.67
N VAL A 80 -11.13 -10.14 0.56
CA VAL A 80 -12.27 -9.23 0.58
C VAL A 80 -13.41 -9.76 -0.28
N ALA A 81 -13.07 -10.28 -1.45
CA ALA A 81 -14.07 -10.83 -2.36
C ALA A 81 -13.72 -12.27 -2.75
N THR A 82 -12.61 -12.44 -3.46
CA THR A 82 -12.18 -13.76 -3.90
C THR A 82 -10.69 -13.96 -3.64
N LYS A 83 -9.87 -13.04 -4.14
CA LYS A 83 -8.43 -13.11 -3.97
C LYS A 83 -7.97 -12.16 -2.86
N PRO A 84 -6.82 -12.48 -2.24
CA PRO A 84 -6.25 -11.68 -1.17
C PRO A 84 -5.53 -10.44 -1.70
N LEU A 85 -5.62 -9.34 -0.96
CA LEU A 85 -4.98 -8.10 -1.36
C LEU A 85 -3.48 -8.16 -1.11
N TYR A 86 -2.72 -8.60 -2.10
CA TYR A 86 -1.28 -8.71 -1.99
C TYR A 86 -0.65 -7.35 -1.74
N VAL A 87 -0.33 -7.07 -0.47
CA VAL A 87 0.27 -5.80 -0.09
C VAL A 87 1.75 -5.98 0.25
N ALA A 88 2.57 -5.01 -0.15
CA ALA A 88 4.00 -5.05 0.11
C ALA A 88 4.63 -3.67 -0.02
N LEU A 89 5.78 -3.49 0.62
CA LEU A 89 6.49 -2.21 0.57
C LEU A 89 6.92 -1.88 -0.85
N ALA A 90 6.84 -0.61 -1.21
CA ALA A 90 7.23 -0.16 -2.53
C ALA A 90 8.18 1.03 -2.46
N GLN A 91 9.43 0.75 -2.09
CA GLN A 91 10.44 1.79 -1.98
C GLN A 91 11.84 1.23 -2.24
N ARG A 92 12.83 2.12 -2.24
CA ARG A 92 14.21 1.71 -2.48
C ARG A 92 15.18 2.58 -1.67
N LYS A 93 16.40 2.09 -1.52
CA LYS A 93 17.43 2.82 -0.78
C LYS A 93 17.33 4.32 -1.04
N GLU A 94 17.54 5.12 0.00
CA GLU A 94 17.48 6.57 -0.12
C GLU A 94 18.87 7.16 -0.33
N GLU A 95 18.92 8.44 -0.69
CA GLU A 95 20.19 9.12 -0.91
C GLU A 95 20.36 10.30 0.05
N ARG A 96 19.42 11.23 -0.02
CA ARG A 96 19.46 12.42 0.84
C ARG A 96 18.15 13.19 0.76
N GLN A 97 17.72 13.72 1.91
CA GLN A 97 16.49 14.49 1.97
C GLN A 97 16.75 15.93 2.38
N SER A 98 16.12 16.87 1.69
CA SER A 98 16.30 18.29 1.97
C SER A 98 14.95 19.00 2.03
N GLY A 99 14.84 19.97 2.95
CA GLY A 99 13.59 20.70 3.09
C GLY A 99 13.55 21.52 4.37
N PRO A 100 14.14 22.73 4.32
CA PRO A 100 14.19 23.64 5.47
C PRO A 100 12.85 24.34 5.70
N SER A 101 12.06 23.82 6.63
CA SER A 101 10.77 24.41 6.95
C SER A 101 10.84 25.24 8.22
N SER A 102 10.01 26.27 8.29
CA SER A 102 9.97 27.16 9.46
C SER A 102 8.61 27.12 10.14
N GLY A 103 8.57 27.56 11.39
CA GLY A 103 7.31 27.56 12.12
C GLY A 103 7.26 26.49 13.19
N GLY A 1 -0.82 -14.84 32.72
CA GLY A 1 -0.39 -13.76 31.85
C GLY A 1 -0.57 -14.07 30.39
N SER A 2 0.18 -13.38 29.54
CA SER A 2 0.09 -13.59 28.09
C SER A 2 1.47 -13.43 27.44
N SER A 3 1.61 -14.01 26.26
CA SER A 3 2.87 -13.95 25.53
C SER A 3 2.76 -13.01 24.34
N GLY A 4 3.89 -12.68 23.73
CA GLY A 4 3.90 -11.79 22.59
C GLY A 4 5.01 -12.12 21.60
N SER A 5 5.00 -13.34 21.09
CA SER A 5 6.01 -13.78 20.14
C SER A 5 5.84 -13.07 18.80
N SER A 6 6.94 -12.52 18.29
CA SER A 6 6.93 -11.80 17.01
C SER A 6 8.34 -11.52 16.53
N GLY A 7 8.44 -10.99 15.31
CA GLY A 7 9.75 -10.67 14.75
C GLY A 7 9.85 -9.24 14.28
N ASP A 8 11.06 -8.70 14.27
CA ASP A 8 11.28 -7.32 13.83
C ASP A 8 12.26 -7.27 12.67
N ARG A 9 11.95 -6.46 11.67
CA ARG A 9 12.80 -6.31 10.49
C ARG A 9 13.29 -4.88 10.34
N ILE A 10 14.45 -4.58 10.91
CA ILE A 10 15.02 -3.25 10.83
C ILE A 10 15.35 -2.87 9.39
N THR A 11 14.79 -1.75 8.94
CA THR A 11 15.02 -1.28 7.58
C THR A 11 15.84 0.01 7.57
N ARG A 12 15.61 0.85 8.58
CA ARG A 12 16.32 2.11 8.70
C ARG A 12 16.03 3.01 7.50
N TYR A 13 14.76 3.14 7.16
CA TYR A 13 14.35 3.97 6.03
C TYR A 13 12.86 4.33 6.12
N GLN A 14 12.47 5.36 5.39
CA GLN A 14 11.08 5.81 5.39
C GLN A 14 10.35 5.33 4.14
N VAL A 15 9.36 4.47 4.32
CA VAL A 15 8.60 3.94 3.20
C VAL A 15 7.10 3.95 3.51
N VAL A 16 6.44 5.04 3.12
CA VAL A 16 5.00 5.18 3.36
C VAL A 16 4.20 4.58 2.21
N ASN A 17 4.72 4.72 1.00
CA ASN A 17 4.05 4.20 -0.20
C ASN A 17 3.94 2.69 -0.12
N LEU A 18 2.73 2.18 -0.36
CA LEU A 18 2.48 0.74 -0.32
C LEU A 18 2.00 0.24 -1.68
N TYR A 19 2.55 -0.90 -2.11
CA TYR A 19 2.18 -1.48 -3.39
C TYR A 19 1.07 -2.52 -3.22
N VAL A 20 -0.02 -2.35 -3.96
CA VAL A 20 -1.14 -3.27 -3.89
C VAL A 20 -1.26 -4.09 -5.18
N LYS A 21 -1.66 -5.35 -5.02
CA LYS A 21 -1.81 -6.24 -6.17
C LYS A 21 -2.99 -7.19 -5.95
N ASN A 22 -3.44 -7.83 -7.04
CA ASN A 22 -4.55 -8.76 -6.97
C ASN A 22 -5.83 -8.04 -6.57
N LEU A 23 -6.07 -6.89 -7.18
CA LEU A 23 -7.27 -6.11 -6.88
C LEU A 23 -8.46 -6.59 -7.72
N ASP A 24 -9.32 -7.39 -7.09
CA ASP A 24 -10.49 -7.92 -7.77
C ASP A 24 -11.10 -6.88 -8.71
N ASP A 25 -11.82 -7.35 -9.72
CA ASP A 25 -12.45 -6.46 -10.69
C ASP A 25 -13.51 -5.59 -10.03
N GLY A 26 -14.15 -6.13 -8.99
CA GLY A 26 -15.18 -5.39 -8.29
C GLY A 26 -14.62 -4.20 -7.52
N ILE A 27 -13.45 -4.39 -6.93
CA ILE A 27 -12.80 -3.33 -6.15
C ILE A 27 -12.59 -2.09 -7.00
N ASP A 28 -12.35 -0.97 -6.34
CA ASP A 28 -12.12 0.30 -7.03
C ASP A 28 -11.18 1.19 -6.24
N ASP A 29 -10.95 2.40 -6.74
CA ASP A 29 -10.07 3.35 -6.09
C ASP A 29 -10.56 3.67 -4.67
N GLU A 30 -11.88 3.85 -4.54
CA GLU A 30 -12.48 4.16 -3.25
C GLU A 30 -12.30 3.00 -2.27
N ARG A 31 -12.78 1.83 -2.66
CA ARG A 31 -12.68 0.64 -1.82
C ARG A 31 -11.27 0.48 -1.27
N LEU A 32 -10.28 0.66 -2.14
CA LEU A 32 -8.88 0.54 -1.75
C LEU A 32 -8.54 1.51 -0.61
N ARG A 33 -8.49 2.80 -0.94
CA ARG A 33 -8.18 3.82 0.05
C ARG A 33 -9.05 3.65 1.29
N LYS A 34 -10.28 3.17 1.08
CA LYS A 34 -11.21 2.97 2.18
C LYS A 34 -10.80 1.78 3.04
N ALA A 35 -10.21 0.77 2.41
CA ALA A 35 -9.76 -0.42 3.11
C ALA A 35 -8.36 -0.23 3.68
N PHE A 36 -7.95 1.02 3.81
CA PHE A 36 -6.62 1.35 4.34
C PHE A 36 -6.73 2.39 5.45
N SER A 37 -7.73 3.25 5.37
CA SER A 37 -7.93 4.29 6.36
C SER A 37 -7.96 3.71 7.77
N PRO A 38 -8.70 2.60 7.93
CA PRO A 38 -8.81 1.91 9.22
C PRO A 38 -7.46 1.70 9.90
N PHE A 39 -6.39 1.82 9.11
CA PHE A 39 -5.05 1.64 9.64
C PHE A 39 -4.39 2.99 9.94
N GLY A 40 -4.36 3.86 8.92
CA GLY A 40 -3.77 5.17 9.09
C GLY A 40 -4.26 6.17 8.07
N THR A 41 -3.91 7.44 8.27
CA THR A 41 -4.34 8.50 7.36
C THR A 41 -3.73 8.31 5.98
N ILE A 42 -4.49 8.65 4.95
CA ILE A 42 -4.02 8.53 3.57
C ILE A 42 -4.12 9.85 2.83
N THR A 43 -3.12 10.14 2.01
CA THR A 43 -3.08 11.39 1.24
C THR A 43 -3.20 11.11 -0.25
N SER A 44 -2.42 10.14 -0.73
CA SER A 44 -2.42 9.78 -2.15
C SER A 44 -2.78 8.31 -2.33
N ALA A 45 -3.96 8.06 -2.89
CA ALA A 45 -4.43 6.70 -3.13
C ALA A 45 -5.12 6.58 -4.48
N LYS A 46 -4.58 5.71 -5.33
CA LYS A 46 -5.15 5.49 -6.65
C LYS A 46 -4.81 4.10 -7.18
N VAL A 47 -5.61 3.60 -8.10
CA VAL A 47 -5.39 2.28 -8.68
C VAL A 47 -4.96 2.39 -10.14
N MET A 48 -4.07 1.50 -10.56
CA MET A 48 -3.57 1.50 -11.93
C MET A 48 -4.65 0.98 -12.89
N MET A 49 -4.80 1.66 -14.01
CA MET A 49 -5.79 1.27 -15.02
C MET A 49 -5.21 1.39 -16.42
N GLU A 50 -5.96 0.91 -17.40
CA GLU A 50 -5.52 0.97 -18.80
C GLU A 50 -6.44 1.87 -19.62
N GLY A 51 -7.75 1.70 -19.44
CA GLY A 51 -8.71 2.50 -20.17
C GLY A 51 -10.10 1.89 -20.17
N GLY A 52 -10.50 1.32 -19.03
CA GLY A 52 -11.81 0.71 -18.93
C GLY A 52 -11.90 -0.27 -17.78
N ARG A 53 -10.81 -1.00 -17.53
CA ARG A 53 -10.77 -1.98 -16.45
C ARG A 53 -9.61 -1.70 -15.51
N SER A 54 -9.64 -2.34 -14.34
CA SER A 54 -8.59 -2.16 -13.35
C SER A 54 -7.41 -3.09 -13.63
N LYS A 55 -6.23 -2.50 -13.80
CA LYS A 55 -5.02 -3.27 -14.08
C LYS A 55 -4.85 -4.39 -13.06
N GLY A 56 -5.10 -4.07 -11.79
CA GLY A 56 -4.98 -5.06 -10.74
C GLY A 56 -4.12 -4.57 -9.59
N PHE A 57 -3.15 -3.73 -9.89
CA PHE A 57 -2.25 -3.19 -8.87
C PHE A 57 -2.50 -1.69 -8.67
N GLY A 58 -2.03 -1.17 -7.54
CA GLY A 58 -2.22 0.24 -7.24
C GLY A 58 -1.17 0.76 -6.28
N PHE A 59 -1.33 2.02 -5.86
CA PHE A 59 -0.39 2.64 -4.94
C PHE A 59 -1.13 3.43 -3.86
N VAL A 60 -0.63 3.36 -2.63
CA VAL A 60 -1.24 4.07 -1.52
C VAL A 60 -0.18 4.72 -0.64
N CYS A 61 -0.39 6.00 -0.33
CA CYS A 61 0.54 6.75 0.51
C CYS A 61 -0.08 7.06 1.87
N PHE A 62 0.73 6.99 2.92
CA PHE A 62 0.27 7.25 4.27
C PHE A 62 0.97 8.48 4.85
N SER A 63 0.51 8.93 6.01
CA SER A 63 1.09 10.09 6.67
C SER A 63 2.47 9.77 7.24
N SER A 64 2.63 8.55 7.74
CA SER A 64 3.90 8.11 8.32
C SER A 64 4.13 6.63 8.04
N PRO A 65 5.41 6.29 7.78
CA PRO A 65 5.81 4.91 7.49
C PRO A 65 5.19 3.91 8.46
N GLU A 66 5.44 4.12 9.76
CA GLU A 66 4.90 3.24 10.79
C GLU A 66 3.50 2.76 10.42
N GLU A 67 2.57 3.70 10.30
CA GLU A 67 1.20 3.37 9.95
C GLU A 67 1.14 2.46 8.74
N ALA A 68 1.94 2.77 7.74
CA ALA A 68 2.00 1.98 6.51
C ALA A 68 2.49 0.56 6.78
N THR A 69 3.49 0.45 7.65
CA THR A 69 4.05 -0.85 8.00
C THR A 69 2.96 -1.83 8.39
N LYS A 70 2.20 -1.51 9.43
CA LYS A 70 1.12 -2.36 9.90
C LYS A 70 0.24 -2.82 8.73
N ALA A 71 -0.35 -1.85 8.04
CA ALA A 71 -1.21 -2.16 6.90
C ALA A 71 -0.60 -3.25 6.03
N VAL A 72 0.68 -3.08 5.69
CA VAL A 72 1.38 -4.05 4.85
C VAL A 72 1.03 -5.48 5.26
N THR A 73 1.24 -5.80 6.53
CA THR A 73 0.94 -7.12 7.04
C THR A 73 -0.54 -7.30 7.31
N GLU A 74 -1.11 -6.41 8.11
CA GLU A 74 -2.53 -6.47 8.44
C GLU A 74 -3.37 -6.74 7.19
N MET A 75 -2.86 -6.30 6.04
CA MET A 75 -3.55 -6.49 4.77
C MET A 75 -2.97 -7.66 4.01
N ASN A 76 -1.65 -7.67 3.86
CA ASN A 76 -0.96 -8.74 3.14
C ASN A 76 -1.59 -10.10 3.47
N GLY A 77 -2.26 -10.69 2.47
CA GLY A 77 -2.89 -11.98 2.67
C GLY A 77 -4.27 -11.86 3.26
N ARG A 78 -4.87 -10.68 3.14
CA ARG A 78 -6.21 -10.44 3.67
C ARG A 78 -7.27 -10.55 2.57
N ILE A 79 -8.10 -11.57 2.66
CA ILE A 79 -9.15 -11.78 1.67
C ILE A 79 -10.33 -10.83 1.91
N VAL A 80 -11.02 -10.49 0.84
CA VAL A 80 -12.17 -9.59 0.93
C VAL A 80 -13.37 -10.14 0.15
N ALA A 81 -13.11 -10.56 -1.08
CA ALA A 81 -14.16 -11.12 -1.94
C ALA A 81 -13.78 -12.49 -2.45
N THR A 82 -12.78 -12.54 -3.33
CA THR A 82 -12.32 -13.80 -3.91
C THR A 82 -10.81 -13.92 -3.81
N LYS A 83 -10.10 -12.91 -4.30
CA LYS A 83 -8.64 -12.91 -4.27
C LYS A 83 -8.12 -12.05 -3.11
N PRO A 84 -6.93 -12.40 -2.61
CA PRO A 84 -6.31 -11.68 -1.50
C PRO A 84 -5.68 -10.36 -1.94
N LEU A 85 -5.53 -9.43 -1.01
CA LEU A 85 -4.95 -8.13 -1.31
C LEU A 85 -3.45 -8.13 -1.01
N TYR A 86 -2.66 -8.53 -1.99
CA TYR A 86 -1.21 -8.57 -1.83
C TYR A 86 -0.65 -7.17 -1.55
N VAL A 87 -0.24 -6.94 -0.31
CA VAL A 87 0.30 -5.64 0.08
C VAL A 87 1.77 -5.78 0.47
N ALA A 88 2.59 -4.84 -0.03
CA ALA A 88 4.01 -4.85 0.26
C ALA A 88 4.61 -3.46 0.12
N LEU A 89 5.59 -3.15 0.97
CA LEU A 89 6.25 -1.85 0.94
C LEU A 89 6.78 -1.53 -0.45
N ALA A 90 6.53 -0.32 -0.92
CA ALA A 90 7.00 0.10 -2.23
C ALA A 90 8.15 1.09 -2.12
N GLN A 91 9.17 0.92 -2.95
CA GLN A 91 10.34 1.80 -2.93
C GLN A 91 10.05 3.09 -3.70
N ARG A 92 9.52 2.94 -4.91
CA ARG A 92 9.20 4.09 -5.75
C ARG A 92 8.41 5.13 -4.96
N LYS A 93 8.83 6.38 -5.06
CA LYS A 93 8.16 7.47 -4.36
C LYS A 93 7.91 8.66 -5.30
N GLU A 94 6.65 8.85 -5.68
CA GLU A 94 6.29 9.94 -6.58
C GLU A 94 6.60 11.29 -5.94
N GLU A 95 7.22 12.18 -6.72
CA GLU A 95 7.59 13.50 -6.24
C GLU A 95 7.52 14.53 -7.35
N ARG A 96 6.65 15.52 -7.18
CA ARG A 96 6.47 16.57 -8.18
C ARG A 96 7.21 17.84 -7.76
N GLN A 97 8.04 18.36 -8.67
CA GLN A 97 8.80 19.57 -8.39
C GLN A 97 9.20 20.26 -9.69
N SER A 98 9.17 21.60 -9.68
CA SER A 98 9.53 22.38 -10.86
C SER A 98 10.41 23.56 -10.47
N GLY A 99 11.02 24.18 -11.48
CA GLY A 99 11.88 25.32 -11.23
C GLY A 99 12.75 25.67 -12.42
N PRO A 100 12.17 26.40 -13.39
CA PRO A 100 12.88 26.81 -14.61
C PRO A 100 13.82 27.98 -14.35
N SER A 101 15.08 27.80 -14.73
CA SER A 101 16.09 28.85 -14.54
C SER A 101 16.92 29.04 -15.81
N SER A 102 17.54 30.20 -15.94
CA SER A 102 18.35 30.51 -17.10
C SER A 102 19.22 31.74 -16.85
N GLY A 103 20.53 31.59 -17.02
CA GLY A 103 21.44 32.70 -16.81
C GLY A 103 22.46 32.41 -15.72
N GLY A 1 23.08 -26.41 15.37
CA GLY A 1 22.56 -25.67 14.24
C GLY A 1 23.01 -24.23 14.23
N SER A 2 22.05 -23.31 14.31
CA SER A 2 22.35 -21.89 14.32
C SER A 2 21.63 -21.18 15.46
N SER A 3 21.87 -19.88 15.59
CA SER A 3 21.24 -19.08 16.64
C SER A 3 20.48 -17.90 16.05
N GLY A 4 19.21 -18.15 15.71
CA GLY A 4 18.39 -17.10 15.14
C GLY A 4 19.11 -16.33 14.05
N SER A 5 19.18 -15.01 14.21
CA SER A 5 19.84 -14.15 13.24
C SER A 5 20.06 -12.75 13.81
N SER A 6 20.89 -11.97 13.13
CA SER A 6 21.19 -10.61 13.57
C SER A 6 20.38 -9.60 12.78
N GLY A 7 19.97 -8.52 13.45
CA GLY A 7 19.20 -7.48 12.80
C GLY A 7 19.67 -6.09 13.16
N ASP A 8 19.03 -5.08 12.57
CA ASP A 8 19.39 -3.69 12.83
C ASP A 8 18.15 -2.85 13.09
N ARG A 9 18.23 -2.00 14.11
CA ARG A 9 17.12 -1.13 14.47
C ARG A 9 17.34 0.29 13.99
N ILE A 10 16.74 0.62 12.85
CA ILE A 10 16.88 1.96 12.28
C ILE A 10 15.53 2.50 11.82
N THR A 11 15.36 3.82 11.92
CA THR A 11 14.12 4.46 11.51
C THR A 11 14.37 5.45 10.37
N ARG A 12 15.25 5.08 9.45
CA ARG A 12 15.57 5.94 8.32
C ARG A 12 14.92 5.40 7.05
N TYR A 13 15.08 6.14 5.95
CA TYR A 13 14.50 5.75 4.67
C TYR A 13 12.99 5.55 4.79
N GLN A 14 12.32 6.55 5.35
CA GLN A 14 10.88 6.49 5.52
C GLN A 14 10.19 6.01 4.25
N VAL A 15 9.40 4.95 4.37
CA VAL A 15 8.68 4.40 3.23
C VAL A 15 7.19 4.27 3.51
N VAL A 16 6.44 5.32 3.15
CA VAL A 16 5.00 5.32 3.37
C VAL A 16 4.25 4.67 2.20
N ASN A 17 4.76 4.89 0.99
CA ASN A 17 4.16 4.32 -0.20
C ASN A 17 3.97 2.80 -0.05
N LEU A 18 2.86 2.30 -0.58
CA LEU A 18 2.56 0.87 -0.50
C LEU A 18 2.05 0.36 -1.84
N TYR A 19 2.60 -0.78 -2.28
CA TYR A 19 2.20 -1.37 -3.55
C TYR A 19 1.27 -2.56 -3.31
N VAL A 20 0.02 -2.41 -3.74
CA VAL A 20 -0.96 -3.47 -3.58
C VAL A 20 -1.17 -4.23 -4.89
N LYS A 21 -1.42 -5.54 -4.77
CA LYS A 21 -1.63 -6.38 -5.94
C LYS A 21 -2.87 -7.25 -5.76
N ASN A 22 -3.34 -7.84 -6.85
CA ASN A 22 -4.51 -8.70 -6.82
C ASN A 22 -5.75 -7.91 -6.41
N LEU A 23 -5.94 -6.74 -7.02
CA LEU A 23 -7.09 -5.89 -6.72
C LEU A 23 -8.31 -6.35 -7.50
N ASP A 24 -9.11 -7.21 -6.87
CA ASP A 24 -10.32 -7.72 -7.50
C ASP A 24 -10.98 -6.64 -8.35
N ASP A 25 -11.35 -7.00 -9.58
CA ASP A 25 -12.01 -6.05 -10.48
C ASP A 25 -13.04 -5.22 -9.75
N GLY A 26 -13.80 -5.87 -8.87
CA GLY A 26 -14.82 -5.17 -8.11
C GLY A 26 -14.25 -4.05 -7.26
N ILE A 27 -13.06 -4.28 -6.71
CA ILE A 27 -12.40 -3.29 -5.86
C ILE A 27 -12.05 -2.04 -6.66
N ASP A 28 -12.61 -0.91 -6.27
CA ASP A 28 -12.35 0.36 -6.93
C ASP A 28 -11.39 1.22 -6.12
N ASP A 29 -11.15 2.44 -6.60
CA ASP A 29 -10.26 3.36 -5.90
C ASP A 29 -10.70 3.57 -4.46
N GLU A 30 -11.99 3.79 -4.27
CA GLU A 30 -12.54 4.00 -2.93
C GLU A 30 -12.34 2.77 -2.06
N ARG A 31 -12.71 1.62 -2.59
CA ARG A 31 -12.57 0.36 -1.85
C ARG A 31 -11.19 0.26 -1.20
N LEU A 32 -10.15 0.51 -1.99
CA LEU A 32 -8.78 0.44 -1.49
C LEU A 32 -8.59 1.38 -0.30
N ARG A 33 -8.54 2.68 -0.59
CA ARG A 33 -8.36 3.68 0.47
C ARG A 33 -9.30 3.41 1.64
N LYS A 34 -10.42 2.76 1.35
CA LYS A 34 -11.41 2.45 2.38
C LYS A 34 -10.87 1.37 3.32
N ALA A 35 -10.22 0.36 2.76
CA ALA A 35 -9.66 -0.73 3.56
C ALA A 35 -8.23 -0.40 4.00
N PHE A 36 -7.90 0.89 4.02
CA PHE A 36 -6.57 1.34 4.42
C PHE A 36 -6.67 2.43 5.48
N SER A 37 -7.74 3.22 5.41
CA SER A 37 -7.96 4.31 6.35
C SER A 37 -7.91 3.80 7.79
N PRO A 38 -8.59 2.68 8.05
CA PRO A 38 -8.65 2.06 9.37
C PRO A 38 -7.27 1.94 10.01
N PHE A 39 -6.22 2.07 9.20
CA PHE A 39 -4.86 1.97 9.69
C PHE A 39 -4.25 3.36 9.88
N GLY A 40 -4.34 4.18 8.83
CA GLY A 40 -3.79 5.53 8.91
C GLY A 40 -4.31 6.43 7.81
N THR A 41 -4.10 7.74 7.96
CA THR A 41 -4.56 8.70 6.98
C THR A 41 -3.81 8.55 5.66
N ILE A 42 -4.54 8.64 4.55
CA ILE A 42 -3.94 8.50 3.23
C ILE A 42 -3.94 9.84 2.50
N THR A 43 -2.86 10.10 1.75
CA THR A 43 -2.73 11.34 1.00
C THR A 43 -2.79 11.09 -0.50
N SER A 44 -2.22 9.95 -0.93
CA SER A 44 -2.21 9.60 -2.34
C SER A 44 -2.61 8.13 -2.53
N ALA A 45 -3.85 7.93 -2.99
CA ALA A 45 -4.36 6.58 -3.22
C ALA A 45 -5.06 6.48 -4.56
N LYS A 46 -4.59 5.58 -5.41
CA LYS A 46 -5.18 5.38 -6.73
C LYS A 46 -4.89 3.98 -7.25
N VAL A 47 -5.77 3.48 -8.12
CA VAL A 47 -5.60 2.15 -8.69
C VAL A 47 -5.21 2.24 -10.16
N MET A 48 -4.30 1.35 -10.58
CA MET A 48 -3.84 1.34 -11.96
C MET A 48 -4.76 0.49 -12.83
N MET A 49 -5.65 1.15 -13.57
CA MET A 49 -6.59 0.46 -14.45
C MET A 49 -6.08 0.44 -15.88
N GLU A 50 -6.82 -0.23 -16.76
CA GLU A 50 -6.44 -0.32 -18.16
C GLU A 50 -7.64 -0.72 -19.02
N GLY A 51 -7.83 0.00 -20.13
CA GLY A 51 -8.93 -0.30 -21.02
C GLY A 51 -10.25 -0.40 -20.29
N GLY A 52 -10.39 0.38 -19.22
CA GLY A 52 -11.62 0.35 -18.44
C GLY A 52 -11.60 -0.69 -17.35
N ARG A 53 -10.87 -1.78 -17.60
CA ARG A 53 -10.77 -2.86 -16.62
C ARG A 53 -9.53 -2.69 -15.75
N SER A 54 -9.69 -2.92 -14.45
CA SER A 54 -8.59 -2.78 -13.51
C SER A 54 -7.49 -3.80 -13.81
N LYS A 55 -6.24 -3.36 -13.69
CA LYS A 55 -5.10 -4.24 -13.95
C LYS A 55 -4.95 -5.28 -12.85
N GLY A 56 -4.80 -4.81 -11.61
CA GLY A 56 -4.65 -5.73 -10.49
C GLY A 56 -3.62 -5.24 -9.49
N PHE A 57 -3.55 -3.93 -9.30
CA PHE A 57 -2.59 -3.34 -8.37
C PHE A 57 -2.81 -1.84 -8.24
N GLY A 58 -2.24 -1.25 -7.20
CA GLY A 58 -2.39 0.18 -6.98
C GLY A 58 -1.35 0.73 -6.03
N PHE A 59 -1.41 2.03 -5.77
CA PHE A 59 -0.47 2.68 -4.86
C PHE A 59 -1.21 3.41 -3.74
N VAL A 60 -0.67 3.31 -2.53
CA VAL A 60 -1.28 3.96 -1.37
C VAL A 60 -0.23 4.66 -0.52
N CYS A 61 -0.46 5.94 -0.25
CA CYS A 61 0.46 6.74 0.55
C CYS A 61 -0.15 7.09 1.90
N PHE A 62 0.63 6.93 2.96
CA PHE A 62 0.17 7.23 4.31
C PHE A 62 0.89 8.44 4.88
N SER A 63 0.51 8.85 6.09
CA SER A 63 1.11 10.00 6.74
C SER A 63 2.46 9.64 7.34
N SER A 64 2.57 8.40 7.84
CA SER A 64 3.81 7.93 8.45
C SER A 64 4.06 6.46 8.10
N PRO A 65 5.33 6.12 7.86
CA PRO A 65 5.73 4.76 7.51
C PRO A 65 5.09 3.71 8.43
N GLU A 66 5.27 3.90 9.73
CA GLU A 66 4.71 2.97 10.71
C GLU A 66 3.31 2.54 10.32
N GLU A 67 2.39 3.50 10.28
CA GLU A 67 1.00 3.22 9.92
C GLU A 67 0.94 2.34 8.68
N ALA A 68 1.75 2.67 7.68
CA ALA A 68 1.79 1.89 6.44
C ALA A 68 2.14 0.44 6.70
N THR A 69 3.31 0.21 7.28
CA THR A 69 3.78 -1.13 7.59
C THR A 69 2.64 -1.98 8.15
N LYS A 70 2.02 -1.52 9.22
CA LYS A 70 0.92 -2.24 9.85
C LYS A 70 -0.07 -2.72 8.80
N ALA A 71 -0.59 -1.80 7.99
CA ALA A 71 -1.55 -2.15 6.95
C ALA A 71 -1.00 -3.23 6.04
N VAL A 72 0.22 -3.00 5.53
CA VAL A 72 0.86 -3.95 4.64
C VAL A 72 0.59 -5.40 5.08
N THR A 73 0.90 -5.68 6.35
CA THR A 73 0.70 -7.01 6.90
C THR A 73 -0.78 -7.28 7.18
N GLU A 74 -1.38 -6.45 8.02
CA GLU A 74 -2.79 -6.59 8.37
C GLU A 74 -3.64 -6.74 7.11
N MET A 75 -3.09 -6.34 5.97
CA MET A 75 -3.80 -6.44 4.71
C MET A 75 -3.22 -7.55 3.84
N ASN A 76 -1.90 -7.74 3.92
CA ASN A 76 -1.23 -8.77 3.15
C ASN A 76 -1.79 -10.15 3.48
N GLY A 77 -2.73 -10.61 2.65
CA GLY A 77 -3.34 -11.91 2.87
C GLY A 77 -4.80 -11.81 3.26
N ARG A 78 -5.22 -10.62 3.66
CA ARG A 78 -6.60 -10.40 4.07
C ARG A 78 -7.53 -10.39 2.86
N ILE A 79 -8.35 -11.42 2.75
CA ILE A 79 -9.30 -11.53 1.64
C ILE A 79 -10.38 -10.47 1.72
N VAL A 80 -10.91 -10.06 0.57
CA VAL A 80 -11.95 -9.05 0.52
C VAL A 80 -13.10 -9.49 -0.38
N ALA A 81 -12.75 -10.12 -1.51
CA ALA A 81 -13.76 -10.60 -2.45
C ALA A 81 -13.47 -12.03 -2.88
N THR A 82 -12.42 -12.21 -3.68
CA THR A 82 -12.04 -13.54 -4.16
C THR A 82 -10.57 -13.81 -3.90
N LYS A 83 -9.71 -12.92 -4.39
CA LYS A 83 -8.27 -13.06 -4.22
C LYS A 83 -7.77 -12.18 -3.07
N PRO A 84 -6.65 -12.59 -2.45
CA PRO A 84 -6.04 -11.85 -1.34
C PRO A 84 -5.34 -10.59 -1.81
N LEU A 85 -5.24 -9.60 -0.93
CA LEU A 85 -4.58 -8.34 -1.24
C LEU A 85 -3.08 -8.42 -0.96
N TYR A 86 -2.30 -8.64 -2.01
CA TYR A 86 -0.85 -8.73 -1.88
C TYR A 86 -0.22 -7.36 -1.78
N VAL A 87 -0.06 -6.87 -0.54
CA VAL A 87 0.53 -5.56 -0.30
C VAL A 87 2.03 -5.68 -0.02
N ALA A 88 2.80 -4.74 -0.54
CA ALA A 88 4.24 -4.73 -0.34
C ALA A 88 4.82 -3.34 -0.59
N LEU A 89 5.82 -2.97 0.22
CA LEU A 89 6.46 -1.67 0.07
C LEU A 89 6.94 -1.44 -1.36
N ALA A 90 7.03 -0.18 -1.75
CA ALA A 90 7.47 0.17 -3.09
C ALA A 90 8.82 0.88 -3.06
N GLN A 91 9.74 0.45 -3.91
CA GLN A 91 11.07 1.04 -3.98
C GLN A 91 11.18 2.00 -5.15
N ARG A 92 10.79 3.25 -4.92
CA ARG A 92 10.85 4.27 -5.95
C ARG A 92 11.85 5.37 -5.59
N LYS A 93 11.91 5.69 -4.30
CA LYS A 93 12.82 6.73 -3.81
C LYS A 93 14.23 6.17 -3.66
N GLU A 94 14.33 4.97 -3.09
CA GLU A 94 15.62 4.32 -2.88
C GLU A 94 16.56 4.59 -4.06
N GLU A 95 16.21 4.07 -5.23
CA GLU A 95 17.02 4.25 -6.42
C GLU A 95 17.53 5.69 -6.51
N ARG A 96 16.67 6.64 -6.18
CA ARG A 96 17.04 8.05 -6.23
C ARG A 96 17.83 8.46 -4.98
N GLN A 97 18.63 9.49 -5.11
CA GLN A 97 19.44 9.98 -4.01
C GLN A 97 20.06 8.82 -3.23
N SER A 98 20.52 7.81 -3.97
CA SER A 98 21.14 6.64 -3.35
C SER A 98 22.35 7.04 -2.50
N GLY A 99 23.26 7.79 -3.11
CA GLY A 99 24.45 8.21 -2.40
C GLY A 99 24.12 8.99 -1.13
N PRO A 100 24.00 10.32 -1.26
CA PRO A 100 23.69 11.19 -0.13
C PRO A 100 22.55 10.65 0.73
N SER A 101 22.87 10.29 1.97
CA SER A 101 21.88 9.75 2.89
C SER A 101 21.03 10.87 3.50
N SER A 102 19.72 10.68 3.50
CA SER A 102 18.81 11.68 4.06
C SER A 102 19.10 11.92 5.53
N GLY A 103 18.76 13.12 6.01
CA GLY A 103 19.00 13.47 7.39
C GLY A 103 17.80 13.16 8.28
N GLY A 1 24.03 -22.84 24.75
CA GLY A 1 22.62 -23.07 25.04
C GLY A 1 21.78 -23.12 23.78
N SER A 2 21.12 -22.01 23.46
CA SER A 2 20.27 -21.93 22.28
C SER A 2 21.09 -21.65 21.04
N SER A 3 20.53 -21.97 19.87
CA SER A 3 21.21 -21.75 18.61
C SER A 3 20.25 -21.19 17.55
N GLY A 4 20.80 -20.70 16.45
CA GLY A 4 19.99 -20.15 15.39
C GLY A 4 19.95 -18.64 15.41
N SER A 5 20.43 -18.03 14.33
CA SER A 5 20.47 -16.57 14.24
C SER A 5 19.37 -16.07 13.31
N SER A 6 18.97 -14.80 13.49
CA SER A 6 17.93 -14.20 12.68
C SER A 6 18.52 -13.50 11.45
N GLY A 7 19.40 -12.55 11.70
CA GLY A 7 20.02 -11.82 10.61
C GLY A 7 19.24 -10.59 10.20
N ASP A 8 19.00 -9.70 11.14
CA ASP A 8 18.24 -8.47 10.87
C ASP A 8 19.03 -7.25 11.31
N ARG A 9 19.48 -6.46 10.32
CA ARG A 9 20.25 -5.25 10.61
C ARG A 9 19.57 -4.03 10.00
N ILE A 10 18.79 -3.33 10.81
CA ILE A 10 18.10 -2.13 10.36
C ILE A 10 18.47 -0.91 11.21
N THR A 11 18.64 0.22 10.54
CA THR A 11 19.00 1.46 11.23
C THR A 11 17.84 2.46 11.21
N ARG A 12 17.44 2.84 10.01
CA ARG A 12 16.34 3.80 9.86
C ARG A 12 15.96 3.94 8.39
N TYR A 13 14.69 4.27 8.14
CA TYR A 13 14.19 4.45 6.78
C TYR A 13 12.76 4.95 6.78
N GLN A 14 12.45 5.86 5.86
CA GLN A 14 11.11 6.42 5.75
C GLN A 14 10.36 5.82 4.58
N VAL A 15 9.34 5.01 4.87
CA VAL A 15 8.54 4.37 3.83
C VAL A 15 7.06 4.53 4.11
N VAL A 16 6.39 5.37 3.33
CA VAL A 16 4.97 5.61 3.49
C VAL A 16 4.18 5.03 2.33
N ASN A 17 4.86 4.82 1.20
CA ASN A 17 4.22 4.28 0.02
C ASN A 17 3.98 2.76 0.18
N LEU A 18 2.95 2.27 -0.49
CA LEU A 18 2.62 0.85 -0.43
C LEU A 18 2.11 0.34 -1.78
N TYR A 19 2.62 -0.81 -2.19
CA TYR A 19 2.23 -1.40 -3.48
C TYR A 19 1.22 -2.54 -3.26
N VAL A 20 0.05 -2.39 -3.85
CA VAL A 20 -1.00 -3.40 -3.73
C VAL A 20 -1.11 -4.23 -5.00
N LYS A 21 -1.43 -5.52 -4.82
CA LYS A 21 -1.57 -6.42 -5.97
C LYS A 21 -2.79 -7.30 -5.81
N ASN A 22 -3.23 -7.91 -6.91
CA ASN A 22 -4.41 -8.78 -6.89
C ASN A 22 -5.65 -8.01 -6.49
N LEU A 23 -5.89 -6.89 -7.16
CA LEU A 23 -7.05 -6.05 -6.88
C LEU A 23 -8.25 -6.49 -7.72
N ASP A 24 -9.19 -7.17 -7.07
CA ASP A 24 -10.39 -7.65 -7.76
C ASP A 24 -10.99 -6.55 -8.64
N ASP A 25 -11.84 -6.95 -9.57
CA ASP A 25 -12.49 -5.99 -10.47
C ASP A 25 -13.40 -5.05 -9.70
N GLY A 26 -14.09 -5.57 -8.70
CA GLY A 26 -14.99 -4.76 -7.90
C GLY A 26 -14.26 -3.68 -7.14
N ILE A 27 -13.10 -4.02 -6.59
CA ILE A 27 -12.30 -3.06 -5.83
C ILE A 27 -11.96 -1.84 -6.67
N ASP A 28 -12.16 -0.66 -6.10
CA ASP A 28 -11.88 0.60 -6.79
C ASP A 28 -11.07 1.54 -5.90
N ASP A 29 -10.84 2.75 -6.40
CA ASP A 29 -10.09 3.74 -5.65
C ASP A 29 -10.61 3.88 -4.23
N GLU A 30 -11.94 3.97 -4.10
CA GLU A 30 -12.57 4.10 -2.80
C GLU A 30 -12.25 2.89 -1.91
N ARG A 31 -12.67 1.72 -2.36
CA ARG A 31 -12.43 0.48 -1.61
C ARG A 31 -11.03 0.47 -1.03
N LEU A 32 -10.04 0.82 -1.86
CA LEU A 32 -8.65 0.84 -1.42
C LEU A 32 -8.49 1.66 -0.14
N ARG A 33 -8.55 2.98 -0.28
CA ARG A 33 -8.41 3.87 0.87
C ARG A 33 -9.39 3.50 1.97
N LYS A 34 -10.49 2.86 1.58
CA LYS A 34 -11.52 2.45 2.53
C LYS A 34 -10.98 1.35 3.46
N ALA A 35 -10.22 0.42 2.90
CA ALA A 35 -9.65 -0.66 3.67
C ALA A 35 -8.21 -0.36 4.08
N PHE A 36 -7.85 0.92 4.04
CA PHE A 36 -6.50 1.33 4.40
C PHE A 36 -6.53 2.44 5.46
N SER A 37 -7.60 3.23 5.44
CA SER A 37 -7.75 4.32 6.39
C SER A 37 -7.72 3.80 7.83
N PRO A 38 -8.46 2.71 8.07
CA PRO A 38 -8.51 2.09 9.40
C PRO A 38 -7.14 1.90 10.03
N PHE A 39 -6.10 1.98 9.20
CA PHE A 39 -4.74 1.81 9.66
C PHE A 39 -4.06 3.17 9.85
N GLY A 40 -4.20 4.03 8.86
CA GLY A 40 -3.60 5.36 8.94
C GLY A 40 -4.16 6.31 7.90
N THR A 41 -3.89 7.60 8.08
CA THR A 41 -4.37 8.62 7.16
C THR A 41 -3.72 8.48 5.79
N ILE A 42 -4.53 8.54 4.74
CA ILE A 42 -4.03 8.43 3.38
C ILE A 42 -4.13 9.76 2.64
N THR A 43 -3.10 10.07 1.85
CA THR A 43 -3.08 11.31 1.09
C THR A 43 -3.22 11.04 -0.40
N SER A 44 -2.64 9.95 -0.86
CA SER A 44 -2.71 9.58 -2.27
C SER A 44 -2.96 8.08 -2.43
N ALA A 45 -4.00 7.75 -3.20
CA ALA A 45 -4.35 6.35 -3.44
C ALA A 45 -5.13 6.19 -4.73
N LYS A 46 -4.57 5.42 -5.67
CA LYS A 46 -5.22 5.19 -6.95
C LYS A 46 -4.85 3.82 -7.51
N VAL A 47 -5.86 3.08 -7.95
CA VAL A 47 -5.64 1.74 -8.51
C VAL A 47 -5.22 1.82 -9.97
N MET A 48 -4.08 1.20 -10.29
CA MET A 48 -3.56 1.21 -11.65
C MET A 48 -4.46 0.37 -12.56
N MET A 49 -5.49 1.00 -13.10
CA MET A 49 -6.41 0.31 -14.00
C MET A 49 -6.56 1.06 -15.32
N GLU A 50 -7.01 0.35 -16.36
CA GLU A 50 -7.18 0.96 -17.67
C GLU A 50 -8.65 0.95 -18.07
N GLY A 51 -9.10 2.04 -18.69
CA GLY A 51 -10.48 2.14 -19.12
C GLY A 51 -11.45 1.69 -18.04
N GLY A 52 -12.03 0.50 -18.23
CA GLY A 52 -12.97 -0.02 -17.25
C GLY A 52 -12.61 -1.41 -16.78
N ARG A 53 -11.37 -1.59 -16.36
CA ARG A 53 -10.90 -2.88 -15.89
C ARG A 53 -9.65 -2.72 -15.02
N SER A 54 -9.72 -3.25 -13.79
CA SER A 54 -8.60 -3.17 -12.87
C SER A 54 -7.52 -4.19 -13.21
N LYS A 55 -6.33 -3.70 -13.55
CA LYS A 55 -5.22 -4.57 -13.90
C LYS A 55 -4.97 -5.60 -12.82
N GLY A 56 -4.84 -5.12 -11.57
CA GLY A 56 -4.59 -6.02 -10.46
C GLY A 56 -3.53 -5.49 -9.51
N PHE A 57 -3.50 -4.17 -9.35
CA PHE A 57 -2.53 -3.53 -8.46
C PHE A 57 -2.78 -2.03 -8.37
N GLY A 58 -2.33 -1.43 -7.28
CA GLY A 58 -2.50 0.00 -7.09
C GLY A 58 -1.46 0.61 -6.19
N PHE A 59 -1.45 1.93 -6.08
CA PHE A 59 -0.49 2.63 -5.24
C PHE A 59 -1.20 3.39 -4.12
N VAL A 60 -0.61 3.36 -2.93
CA VAL A 60 -1.19 4.04 -1.78
C VAL A 60 -0.12 4.82 -1.02
N CYS A 61 -0.53 5.93 -0.40
CA CYS A 61 0.39 6.76 0.36
C CYS A 61 -0.20 7.12 1.72
N PHE A 62 0.61 6.99 2.76
CA PHE A 62 0.18 7.30 4.12
C PHE A 62 0.90 8.52 4.67
N SER A 63 0.48 8.99 5.83
CA SER A 63 1.09 10.15 6.46
C SER A 63 2.39 9.77 7.16
N SER A 64 2.35 8.70 7.93
CA SER A 64 3.53 8.23 8.66
C SER A 64 3.88 6.80 8.26
N PRO A 65 5.18 6.55 8.04
CA PRO A 65 5.67 5.22 7.65
C PRO A 65 5.07 4.11 8.51
N GLU A 66 5.35 4.14 9.81
CA GLU A 66 4.84 3.14 10.73
C GLU A 66 3.43 2.71 10.34
N GLU A 67 2.54 3.69 10.19
CA GLU A 67 1.15 3.42 9.82
C GLU A 67 1.09 2.55 8.56
N ALA A 68 1.90 2.90 7.57
CA ALA A 68 1.94 2.15 6.32
C ALA A 68 2.42 0.72 6.55
N THR A 69 3.45 0.57 7.38
CA THR A 69 4.01 -0.74 7.67
C THR A 69 2.91 -1.73 8.08
N LYS A 70 2.27 -1.45 9.21
CA LYS A 70 1.19 -2.31 9.70
C LYS A 70 0.27 -2.74 8.57
N ALA A 71 -0.39 -1.77 7.95
CA ALA A 71 -1.30 -2.05 6.84
C ALA A 71 -0.78 -3.18 5.97
N VAL A 72 0.46 -3.04 5.51
CA VAL A 72 1.08 -4.06 4.66
C VAL A 72 0.69 -5.46 5.12
N THR A 73 1.04 -5.79 6.36
CA THR A 73 0.73 -7.10 6.92
C THR A 73 -0.75 -7.21 7.29
N GLU A 74 -1.22 -6.28 8.10
CA GLU A 74 -2.61 -6.28 8.53
C GLU A 74 -3.54 -6.52 7.35
N MET A 75 -3.08 -6.17 6.15
CA MET A 75 -3.86 -6.35 4.95
C MET A 75 -3.40 -7.58 4.17
N ASN A 76 -2.14 -7.53 3.72
CA ASN A 76 -1.57 -8.65 2.97
C ASN A 76 -1.99 -9.99 3.55
N GLY A 77 -2.89 -10.68 2.86
CA GLY A 77 -3.36 -11.97 3.32
C GLY A 77 -4.85 -11.97 3.63
N ARG A 78 -5.45 -10.78 3.55
CA ARG A 78 -6.88 -10.65 3.83
C ARG A 78 -7.70 -10.70 2.54
N ILE A 79 -8.67 -11.61 2.50
CA ILE A 79 -9.52 -11.76 1.33
C ILE A 79 -10.69 -10.79 1.37
N VAL A 80 -11.16 -10.38 0.19
CA VAL A 80 -12.28 -9.45 0.09
C VAL A 80 -13.32 -9.94 -0.91
N ALA A 81 -12.84 -10.46 -2.03
CA ALA A 81 -13.72 -10.98 -3.08
C ALA A 81 -13.37 -12.42 -3.44
N THR A 82 -12.25 -12.59 -4.12
CA THR A 82 -11.79 -13.91 -4.55
C THR A 82 -10.33 -14.12 -4.20
N LYS A 83 -9.49 -13.15 -4.58
CA LYS A 83 -8.05 -13.24 -4.31
C LYS A 83 -7.66 -12.31 -3.17
N PRO A 84 -6.59 -12.65 -2.45
CA PRO A 84 -6.09 -11.86 -1.33
C PRO A 84 -5.36 -10.61 -1.79
N LEU A 85 -5.47 -9.54 -1.01
CA LEU A 85 -4.83 -8.27 -1.34
C LEU A 85 -3.33 -8.33 -1.02
N TYR A 86 -2.55 -8.77 -2.00
CA TYR A 86 -1.10 -8.87 -1.84
C TYR A 86 -0.48 -7.49 -1.68
N VAL A 87 -0.29 -7.07 -0.43
CA VAL A 87 0.30 -5.77 -0.14
C VAL A 87 1.80 -5.90 0.15
N ALA A 88 2.54 -4.84 -0.16
CA ALA A 88 3.98 -4.83 0.07
C ALA A 88 4.54 -3.42 0.00
N LEU A 89 5.78 -3.26 0.48
CA LEU A 89 6.43 -1.95 0.47
C LEU A 89 6.80 -1.53 -0.95
N ALA A 90 6.68 -0.24 -1.23
CA ALA A 90 7.01 0.30 -2.55
C ALA A 90 8.26 1.16 -2.50
N GLN A 91 8.15 2.31 -1.84
CA GLN A 91 9.27 3.23 -1.72
C GLN A 91 10.23 2.78 -0.62
N ARG A 92 11.43 2.37 -1.01
CA ARG A 92 12.44 1.91 -0.06
C ARG A 92 12.89 3.06 0.84
N LYS A 93 13.18 4.20 0.23
CA LYS A 93 13.62 5.37 0.97
C LYS A 93 13.74 6.59 0.06
N GLU A 94 13.35 7.75 0.57
CA GLU A 94 13.41 8.98 -0.20
C GLU A 94 14.82 9.55 -0.21
N GLU A 95 15.10 10.41 -1.19
CA GLU A 95 16.42 11.02 -1.31
C GLU A 95 16.32 12.44 -1.86
N ARG A 96 17.04 13.36 -1.25
CA ARG A 96 17.03 14.76 -1.68
C ARG A 96 17.62 14.90 -3.07
N GLN A 97 16.74 15.06 -4.07
CA GLN A 97 17.20 15.20 -5.45
C GLN A 97 16.70 16.52 -6.05
N SER A 98 17.54 17.15 -6.86
CA SER A 98 17.21 18.42 -7.49
C SER A 98 18.20 18.76 -8.59
N GLY A 99 17.68 19.00 -9.79
CA GLY A 99 18.54 19.34 -10.92
C GLY A 99 17.76 19.89 -12.09
N PRO A 100 18.38 20.83 -12.83
CA PRO A 100 17.75 21.47 -13.99
C PRO A 100 17.80 20.58 -15.23
N SER A 101 18.88 19.81 -15.35
CA SER A 101 19.04 18.91 -16.50
C SER A 101 18.42 17.56 -16.22
N SER A 102 17.54 17.12 -17.12
CA SER A 102 16.86 15.83 -16.96
C SER A 102 17.71 14.70 -17.53
N GLY A 103 18.20 14.89 -18.75
CA GLY A 103 19.03 13.88 -19.39
C GLY A 103 18.25 12.61 -19.68
N GLY A 1 3.15 -25.86 21.98
CA GLY A 1 2.83 -24.98 20.88
C GLY A 1 2.81 -23.52 21.28
N SER A 2 4.00 -22.92 21.35
CA SER A 2 4.13 -21.52 21.74
C SER A 2 5.45 -20.94 21.26
N SER A 3 5.40 -19.75 20.67
CA SER A 3 6.59 -19.08 20.16
C SER A 3 6.44 -17.57 20.24
N GLY A 4 7.37 -16.92 20.93
CA GLY A 4 7.33 -15.48 21.07
C GLY A 4 8.39 -14.78 20.23
N SER A 5 8.16 -14.70 18.93
CA SER A 5 9.11 -14.07 18.02
C SER A 5 9.09 -12.55 18.19
N SER A 6 10.10 -12.02 18.86
CA SER A 6 10.21 -10.58 19.09
C SER A 6 10.12 -9.81 17.77
N GLY A 7 11.01 -10.14 16.84
CA GLY A 7 11.01 -9.47 15.56
C GLY A 7 11.70 -8.12 15.61
N ASP A 8 12.23 -7.68 14.48
CA ASP A 8 12.92 -6.40 14.39
C ASP A 8 12.52 -5.65 13.13
N ARG A 9 11.73 -4.60 13.31
CA ARG A 9 11.27 -3.78 12.19
C ARG A 9 12.30 -2.73 11.81
N ILE A 10 13.12 -3.05 10.81
CA ILE A 10 14.16 -2.12 10.35
C ILE A 10 13.56 -0.97 9.55
N THR A 11 13.04 0.02 10.26
CA THR A 11 12.44 1.18 9.61
C THR A 11 13.45 2.30 9.43
N ARG A 12 14.65 1.94 8.97
CA ARG A 12 15.71 2.91 8.74
C ARG A 12 15.26 3.99 7.76
N TYR A 13 14.85 3.56 6.57
CA TYR A 13 14.40 4.48 5.54
C TYR A 13 12.90 4.71 5.64
N GLN A 14 12.48 5.95 5.36
CA GLN A 14 11.06 6.31 5.41
C GLN A 14 10.34 5.82 4.17
N VAL A 15 9.42 4.88 4.35
CA VAL A 15 8.64 4.33 3.24
C VAL A 15 7.16 4.27 3.58
N VAL A 16 6.36 5.05 2.85
CA VAL A 16 4.92 5.09 3.07
C VAL A 16 4.17 4.57 1.85
N ASN A 17 4.81 4.65 0.69
CA ASN A 17 4.19 4.19 -0.55
C ASN A 17 4.01 2.67 -0.54
N LEU A 18 2.77 2.24 -0.32
CA LEU A 18 2.47 0.81 -0.29
C LEU A 18 1.99 0.32 -1.66
N TYR A 19 2.53 -0.81 -2.10
CA TYR A 19 2.17 -1.38 -3.39
C TYR A 19 1.09 -2.45 -3.23
N VAL A 20 -0.10 -2.18 -3.76
CA VAL A 20 -1.21 -3.13 -3.67
C VAL A 20 -1.34 -3.94 -4.95
N LYS A 21 -1.62 -5.22 -4.81
CA LYS A 21 -1.78 -6.11 -5.96
C LYS A 21 -2.97 -7.04 -5.76
N ASN A 22 -3.42 -7.65 -6.86
CA ASN A 22 -4.55 -8.56 -6.81
C ASN A 22 -5.82 -7.84 -6.38
N LEU A 23 -6.10 -6.71 -7.02
CA LEU A 23 -7.28 -5.91 -6.71
C LEU A 23 -8.48 -6.39 -7.52
N ASP A 24 -9.49 -6.92 -6.83
CA ASP A 24 -10.69 -7.40 -7.49
C ASP A 24 -11.30 -6.33 -8.38
N ASP A 25 -11.78 -6.75 -9.55
CA ASP A 25 -12.39 -5.82 -10.49
C ASP A 25 -13.44 -4.95 -9.81
N GLY A 26 -14.24 -5.56 -8.95
CA GLY A 26 -15.28 -4.82 -8.24
C GLY A 26 -14.70 -3.69 -7.40
N ILE A 27 -13.48 -3.88 -6.92
CA ILE A 27 -12.83 -2.87 -6.09
C ILE A 27 -12.39 -1.67 -6.93
N ASP A 28 -12.73 -0.48 -6.46
CA ASP A 28 -12.37 0.75 -7.16
C ASP A 28 -11.39 1.58 -6.35
N ASP A 29 -11.01 2.73 -6.88
CA ASP A 29 -10.07 3.62 -6.20
C ASP A 29 -10.54 3.92 -4.79
N GLU A 30 -11.82 4.24 -4.66
CA GLU A 30 -12.40 4.55 -3.35
C GLU A 30 -12.29 3.36 -2.40
N ARG A 31 -12.79 2.22 -2.84
CA ARG A 31 -12.75 1.00 -2.04
C ARG A 31 -11.36 0.79 -1.44
N LEU A 32 -10.33 0.92 -2.28
CA LEU A 32 -8.95 0.75 -1.82
C LEU A 32 -8.65 1.66 -0.64
N ARG A 33 -8.47 2.95 -0.91
CA ARG A 33 -8.17 3.91 0.15
C ARG A 33 -9.16 3.77 1.31
N LYS A 34 -10.34 3.24 1.01
CA LYS A 34 -11.37 3.05 2.04
C LYS A 34 -11.08 1.80 2.86
N ALA A 35 -10.49 0.79 2.23
CA ALA A 35 -10.15 -0.45 2.91
C ALA A 35 -8.75 -0.41 3.49
N PHE A 36 -8.20 0.80 3.59
CA PHE A 36 -6.85 0.99 4.13
C PHE A 36 -6.85 2.05 5.22
N SER A 37 -7.78 3.00 5.12
CA SER A 37 -7.87 4.06 6.11
C SER A 37 -7.89 3.51 7.52
N PRO A 38 -8.70 2.47 7.74
CA PRO A 38 -8.83 1.81 9.05
C PRO A 38 -7.47 1.52 9.68
N PHE A 39 -6.42 1.54 8.85
CA PHE A 39 -5.08 1.26 9.34
C PHE A 39 -4.31 2.56 9.56
N GLY A 40 -4.47 3.51 8.64
CA GLY A 40 -3.78 4.77 8.76
C GLY A 40 -4.42 5.87 7.93
N THR A 41 -3.99 7.11 8.14
CA THR A 41 -4.54 8.24 7.40
C THR A 41 -3.84 8.40 6.05
N ILE A 42 -4.46 7.85 5.00
CA ILE A 42 -3.91 7.93 3.66
C ILE A 42 -3.87 9.38 3.16
N THR A 43 -2.85 9.71 2.38
CA THR A 43 -2.71 11.06 1.84
C THR A 43 -2.77 11.05 0.32
N SER A 44 -2.37 9.93 -0.28
CA SER A 44 -2.38 9.79 -1.73
C SER A 44 -2.52 8.34 -2.14
N ALA A 45 -3.68 7.99 -2.68
CA ALA A 45 -3.95 6.62 -3.11
C ALA A 45 -4.54 6.60 -4.53
N LYS A 46 -4.14 5.61 -5.31
CA LYS A 46 -4.63 5.46 -6.68
C LYS A 46 -4.57 4.01 -7.13
N VAL A 47 -5.16 3.73 -8.28
CA VAL A 47 -5.18 2.37 -8.83
C VAL A 47 -4.72 2.37 -10.28
N MET A 48 -3.65 1.61 -10.56
CA MET A 48 -3.12 1.52 -11.90
C MET A 48 -4.00 0.63 -12.78
N MET A 49 -4.58 1.22 -13.83
CA MET A 49 -5.44 0.49 -14.74
C MET A 49 -5.00 0.68 -16.19
N GLU A 50 -5.57 -0.11 -17.08
CA GLU A 50 -5.23 -0.03 -18.50
C GLU A 50 -6.19 0.90 -19.24
N GLY A 51 -7.45 0.51 -19.32
CA GLY A 51 -8.45 1.31 -19.99
C GLY A 51 -9.86 0.96 -19.59
N GLY A 52 -10.20 -0.32 -19.68
CA GLY A 52 -11.53 -0.78 -19.30
C GLY A 52 -11.50 -1.98 -18.39
N ARG A 53 -10.45 -2.10 -17.59
CA ARG A 53 -10.31 -3.22 -16.67
C ARG A 53 -9.18 -2.97 -15.68
N SER A 54 -9.55 -2.85 -14.40
CA SER A 54 -8.56 -2.61 -13.35
C SER A 54 -7.46 -3.67 -13.38
N LYS A 55 -6.28 -3.28 -13.87
CA LYS A 55 -5.15 -4.19 -13.95
C LYS A 55 -5.15 -5.15 -12.77
N GLY A 56 -5.16 -4.60 -11.57
CA GLY A 56 -5.16 -5.43 -10.37
C GLY A 56 -4.08 -5.02 -9.39
N PHE A 57 -3.74 -3.74 -9.38
CA PHE A 57 -2.71 -3.21 -8.49
C PHE A 57 -2.77 -1.70 -8.41
N GLY A 58 -2.24 -1.14 -7.32
CA GLY A 58 -2.24 0.30 -7.15
C GLY A 58 -1.20 0.76 -6.16
N PHE A 59 -1.31 2.02 -5.73
CA PHE A 59 -0.37 2.59 -4.77
C PHE A 59 -1.11 3.37 -3.69
N VAL A 60 -0.90 2.98 -2.44
CA VAL A 60 -1.53 3.64 -1.31
C VAL A 60 -0.51 4.30 -0.40
N CYS A 61 -0.31 5.60 -0.57
CA CYS A 61 0.66 6.35 0.23
C CYS A 61 0.00 6.85 1.52
N PHE A 62 0.72 6.69 2.63
CA PHE A 62 0.22 7.13 3.92
C PHE A 62 0.96 8.37 4.41
N SER A 63 0.55 8.89 5.56
CA SER A 63 1.17 10.08 6.13
C SER A 63 2.45 9.73 6.89
N SER A 64 2.44 8.57 7.55
CA SER A 64 3.59 8.12 8.31
C SER A 64 3.88 6.65 8.02
N PRO A 65 5.17 6.34 7.79
CA PRO A 65 5.62 4.97 7.50
C PRO A 65 5.02 3.95 8.45
N GLU A 66 5.29 4.12 9.74
CA GLU A 66 4.78 3.20 10.75
C GLU A 66 3.34 2.78 10.43
N GLU A 67 2.46 3.75 10.29
CA GLU A 67 1.06 3.48 9.98
C GLU A 67 0.94 2.62 8.72
N ALA A 68 1.69 2.99 7.69
CA ALA A 68 1.67 2.26 6.43
C ALA A 68 2.08 0.81 6.64
N THR A 69 3.17 0.61 7.38
CA THR A 69 3.68 -0.73 7.64
C THR A 69 2.55 -1.67 8.05
N LYS A 70 1.92 -1.38 9.19
CA LYS A 70 0.82 -2.19 9.69
C LYS A 70 -0.05 -2.70 8.54
N ALA A 71 -0.72 -1.77 7.86
CA ALA A 71 -1.59 -2.12 6.74
C ALA A 71 -0.95 -3.19 5.86
N VAL A 72 0.28 -2.93 5.42
CA VAL A 72 1.00 -3.87 4.57
C VAL A 72 0.78 -5.31 5.03
N THR A 73 1.01 -5.55 6.31
CA THR A 73 0.83 -6.88 6.88
C THR A 73 -0.64 -7.18 7.15
N GLU A 74 -1.27 -6.33 7.95
CA GLU A 74 -2.68 -6.49 8.28
C GLU A 74 -3.51 -6.79 7.03
N MET A 75 -2.99 -6.38 5.88
CA MET A 75 -3.68 -6.60 4.61
C MET A 75 -3.02 -7.72 3.83
N ASN A 76 -1.69 -7.71 3.78
CA ASN A 76 -0.94 -8.74 3.07
C ASN A 76 -1.44 -10.13 3.42
N GLY A 77 -1.99 -10.83 2.44
CA GLY A 77 -2.50 -12.17 2.66
C GLY A 77 -3.88 -12.15 3.28
N ARG A 78 -4.57 -11.02 3.20
CA ARG A 78 -5.90 -10.89 3.78
C ARG A 78 -6.97 -11.07 2.69
N ILE A 79 -7.85 -12.04 2.89
CA ILE A 79 -8.91 -12.31 1.93
C ILE A 79 -10.15 -11.47 2.25
N VAL A 80 -10.61 -10.73 1.24
CA VAL A 80 -11.79 -9.89 1.40
C VAL A 80 -12.99 -10.47 0.67
N ALA A 81 -12.86 -10.64 -0.64
CA ALA A 81 -13.94 -11.19 -1.46
C ALA A 81 -13.58 -12.61 -1.94
N THR A 82 -12.59 -12.70 -2.81
CA THR A 82 -12.16 -13.99 -3.34
C THR A 82 -10.64 -14.11 -3.33
N LYS A 83 -9.97 -13.09 -3.84
CA LYS A 83 -8.51 -13.09 -3.90
C LYS A 83 -7.93 -12.26 -2.76
N PRO A 84 -6.72 -12.62 -2.31
CA PRO A 84 -6.03 -11.92 -1.23
C PRO A 84 -5.41 -10.60 -1.69
N LEU A 85 -5.29 -9.65 -0.76
CA LEU A 85 -4.71 -8.35 -1.07
C LEU A 85 -3.21 -8.36 -0.86
N TYR A 86 -2.47 -8.65 -1.92
CA TYR A 86 -1.00 -8.68 -1.85
C TYR A 86 -0.43 -7.28 -1.68
N VAL A 87 -0.18 -6.90 -0.43
CA VAL A 87 0.37 -5.58 -0.13
C VAL A 87 1.83 -5.68 0.29
N ALA A 88 2.63 -4.72 -0.15
CA ALA A 88 4.06 -4.70 0.18
C ALA A 88 4.67 -3.33 -0.10
N LEU A 89 5.63 -2.94 0.71
CA LEU A 89 6.29 -1.64 0.55
C LEU A 89 6.91 -1.53 -0.84
N ALA A 90 6.77 -0.36 -1.45
CA ALA A 90 7.30 -0.11 -2.78
C ALA A 90 8.46 0.88 -2.73
N GLN A 91 9.06 1.15 -3.89
CA GLN A 91 10.18 2.08 -3.97
C GLN A 91 10.02 3.01 -5.17
N ARG A 92 9.67 4.26 -4.91
CA ARG A 92 9.48 5.24 -5.96
C ARG A 92 9.26 6.64 -5.38
N LYS A 93 9.98 7.62 -5.91
CA LYS A 93 9.87 8.99 -5.45
C LYS A 93 9.12 9.85 -6.46
N GLU A 94 8.20 10.68 -5.98
CA GLU A 94 7.42 11.55 -6.84
C GLU A 94 6.81 12.70 -6.05
N GLU A 95 6.51 13.80 -6.75
CA GLU A 95 5.93 14.97 -6.11
C GLU A 95 5.12 15.79 -7.11
N ARG A 96 3.85 16.02 -6.77
CA ARG A 96 2.96 16.79 -7.64
C ARG A 96 2.64 18.15 -7.04
N GLN A 97 1.96 18.99 -7.80
CA GLN A 97 1.59 20.32 -7.34
C GLN A 97 0.13 20.62 -7.63
N SER A 98 -0.62 20.95 -6.60
CA SER A 98 -2.04 21.26 -6.75
C SER A 98 -2.25 22.72 -7.11
N GLY A 99 -3.15 22.97 -8.06
CA GLY A 99 -3.42 24.33 -8.49
C GLY A 99 -4.37 24.38 -9.68
N PRO A 100 -5.68 24.27 -9.39
CA PRO A 100 -6.72 24.32 -10.41
C PRO A 100 -6.99 25.73 -10.93
N SER A 101 -6.63 25.97 -12.18
CA SER A 101 -6.82 27.29 -12.79
C SER A 101 -8.28 27.49 -13.20
N SER A 102 -8.99 28.28 -12.43
CA SER A 102 -10.41 28.55 -12.70
C SER A 102 -10.91 29.73 -11.88
N GLY A 103 -11.68 30.61 -12.52
CA GLY A 103 -12.21 31.77 -11.83
C GLY A 103 -11.13 32.74 -11.41
N GLY A 1 5.47 -34.05 3.64
CA GLY A 1 6.47 -33.00 3.59
C GLY A 1 6.55 -32.22 4.89
N SER A 2 6.37 -30.90 4.79
CA SER A 2 6.42 -30.03 5.97
C SER A 2 5.82 -28.67 5.66
N SER A 3 5.48 -27.92 6.71
CA SER A 3 4.89 -26.61 6.56
C SER A 3 5.98 -25.53 6.43
N GLY A 4 6.97 -25.60 7.32
CA GLY A 4 8.06 -24.64 7.29
C GLY A 4 7.75 -23.40 8.11
N SER A 5 8.52 -22.34 7.89
CA SER A 5 8.33 -21.09 8.62
C SER A 5 7.89 -19.98 7.68
N SER A 6 7.50 -18.85 8.27
CA SER A 6 7.04 -17.70 7.48
C SER A 6 8.11 -16.61 7.45
N GLY A 7 8.55 -16.19 8.64
CA GLY A 7 9.55 -15.15 8.73
C GLY A 7 8.98 -13.83 9.20
N ASP A 8 9.80 -12.78 9.14
CA ASP A 8 9.36 -11.45 9.56
C ASP A 8 10.06 -10.37 8.73
N ARG A 9 9.27 -9.48 8.15
CA ARG A 9 9.79 -8.40 7.33
C ARG A 9 9.78 -7.08 8.10
N ILE A 10 10.91 -6.39 8.10
CA ILE A 10 11.03 -5.11 8.80
C ILE A 10 11.82 -4.11 7.97
N THR A 11 11.41 -2.84 8.02
CA THR A 11 12.09 -1.79 7.28
C THR A 11 12.71 -0.77 8.22
N ARG A 12 13.76 -0.11 7.76
CA ARG A 12 14.45 0.90 8.57
C ARG A 12 14.11 2.31 8.09
N TYR A 13 14.42 2.58 6.83
CA TYR A 13 14.15 3.89 6.24
C TYR A 13 12.66 4.17 6.19
N GLN A 14 12.29 5.44 6.35
CA GLN A 14 10.89 5.84 6.32
C GLN A 14 10.25 5.52 4.97
N VAL A 15 9.38 4.53 4.95
CA VAL A 15 8.70 4.13 3.74
C VAL A 15 7.19 4.06 3.94
N VAL A 16 6.49 5.14 3.60
CA VAL A 16 5.05 5.20 3.75
C VAL A 16 4.34 4.60 2.52
N ASN A 17 4.92 4.84 1.35
CA ASN A 17 4.35 4.33 0.10
C ASN A 17 4.16 2.82 0.17
N LEU A 18 3.00 2.36 -0.31
CA LEU A 18 2.69 0.93 -0.31
C LEU A 18 2.27 0.46 -1.70
N TYR A 19 2.65 -0.76 -2.04
CA TYR A 19 2.30 -1.33 -3.34
C TYR A 19 1.22 -2.39 -3.20
N VAL A 20 0.03 -2.07 -3.71
CA VAL A 20 -1.09 -2.99 -3.64
C VAL A 20 -1.21 -3.81 -4.91
N LYS A 21 -1.32 -5.13 -4.76
CA LYS A 21 -1.43 -6.03 -5.90
C LYS A 21 -2.60 -6.99 -5.72
N ASN A 22 -3.02 -7.62 -6.81
CA ASN A 22 -4.13 -8.57 -6.77
C ASN A 22 -5.42 -7.87 -6.38
N LEU A 23 -5.72 -6.76 -7.03
CA LEU A 23 -6.94 -6.00 -6.75
C LEU A 23 -8.11 -6.53 -7.56
N ASP A 24 -9.01 -7.24 -6.89
CA ASP A 24 -10.19 -7.79 -7.54
C ASP A 24 -10.85 -6.75 -8.45
N ASP A 25 -11.62 -7.23 -9.42
CA ASP A 25 -12.31 -6.34 -10.35
C ASP A 25 -13.31 -5.44 -9.62
N GLY A 26 -13.96 -6.00 -8.60
CA GLY A 26 -14.93 -5.25 -7.84
C GLY A 26 -14.29 -4.13 -7.03
N ILE A 27 -13.12 -4.41 -6.47
CA ILE A 27 -12.40 -3.42 -5.68
C ILE A 27 -12.03 -2.20 -6.52
N ASP A 28 -12.65 -1.07 -6.20
CA ASP A 28 -12.39 0.18 -6.92
C ASP A 28 -11.42 1.07 -6.13
N ASP A 29 -11.16 2.26 -6.67
CA ASP A 29 -10.26 3.19 -6.02
C ASP A 29 -10.65 3.42 -4.56
N GLU A 30 -11.84 3.96 -4.36
CA GLU A 30 -12.34 4.23 -3.01
C GLU A 30 -12.24 2.98 -2.14
N ARG A 31 -12.71 1.85 -2.68
CA ARG A 31 -12.67 0.59 -1.95
C ARG A 31 -11.31 0.36 -1.31
N LEU A 32 -10.26 0.82 -2.00
CA LEU A 32 -8.90 0.66 -1.50
C LEU A 32 -8.60 1.67 -0.40
N ARG A 33 -8.78 2.96 -0.73
CA ARG A 33 -8.53 4.03 0.22
C ARG A 33 -9.39 3.86 1.48
N LYS A 34 -10.51 3.16 1.32
CA LYS A 34 -11.43 2.94 2.42
C LYS A 34 -10.99 1.72 3.24
N ALA A 35 -10.24 0.84 2.61
CA ALA A 35 -9.76 -0.38 3.28
C ALA A 35 -8.36 -0.16 3.84
N PHE A 36 -7.95 1.09 3.95
CA PHE A 36 -6.63 1.42 4.47
C PHE A 36 -6.73 2.47 5.57
N SER A 37 -7.75 3.32 5.50
CA SER A 37 -7.96 4.37 6.48
C SER A 37 -7.91 3.80 7.90
N PRO A 38 -8.60 2.67 8.10
CA PRO A 38 -8.65 1.99 9.41
C PRO A 38 -7.26 1.83 10.04
N PHE A 39 -6.23 2.02 9.22
CA PHE A 39 -4.86 1.89 9.69
C PHE A 39 -4.25 3.27 9.98
N GLY A 40 -4.32 4.15 8.98
CA GLY A 40 -3.77 5.48 9.14
C GLY A 40 -4.29 6.45 8.09
N THR A 41 -3.82 7.70 8.16
CA THR A 41 -4.24 8.71 7.21
C THR A 41 -3.59 8.51 5.85
N ILE A 42 -4.34 8.79 4.79
CA ILE A 42 -3.83 8.63 3.43
C ILE A 42 -3.75 9.98 2.72
N THR A 43 -2.83 10.08 1.76
CA THR A 43 -2.65 11.31 1.01
C THR A 43 -2.85 11.07 -0.49
N SER A 44 -2.32 9.95 -0.97
CA SER A 44 -2.44 9.61 -2.39
C SER A 44 -2.78 8.13 -2.56
N ALA A 45 -3.92 7.85 -3.18
CA ALA A 45 -4.36 6.48 -3.41
C ALA A 45 -5.12 6.36 -4.72
N LYS A 46 -4.68 5.44 -5.57
CA LYS A 46 -5.34 5.22 -6.85
C LYS A 46 -5.00 3.84 -7.40
N VAL A 47 -5.91 3.28 -8.19
CA VAL A 47 -5.70 1.97 -8.79
C VAL A 47 -5.50 2.07 -10.30
N MET A 48 -4.48 1.38 -10.80
CA MET A 48 -4.17 1.39 -12.22
C MET A 48 -5.29 0.74 -13.03
N MET A 49 -5.82 1.47 -14.01
CA MET A 49 -6.90 0.97 -14.85
C MET A 49 -6.50 0.99 -16.32
N GLU A 50 -7.22 0.25 -17.14
CA GLU A 50 -6.94 0.19 -18.56
C GLU A 50 -8.14 0.65 -19.38
N GLY A 51 -8.82 1.69 -18.88
CA GLY A 51 -9.98 2.23 -19.57
C GLY A 51 -11.17 1.28 -19.51
N GLY A 52 -11.96 1.40 -18.45
CA GLY A 52 -13.12 0.55 -18.29
C GLY A 52 -12.88 -0.61 -17.36
N ARG A 53 -11.71 -1.24 -17.49
CA ARG A 53 -11.36 -2.37 -16.65
C ARG A 53 -10.19 -2.02 -15.72
N SER A 54 -10.01 -2.81 -14.67
CA SER A 54 -8.94 -2.58 -13.72
C SER A 54 -7.80 -3.58 -13.92
N LYS A 55 -6.58 -3.07 -14.06
CA LYS A 55 -5.42 -3.91 -14.26
C LYS A 55 -5.31 -4.97 -13.16
N GLY A 56 -5.19 -4.52 -11.92
CA GLY A 56 -5.09 -5.43 -10.80
C GLY A 56 -4.02 -5.03 -9.81
N PHE A 57 -3.85 -3.72 -9.63
CA PHE A 57 -2.84 -3.20 -8.72
C PHE A 57 -2.95 -1.68 -8.58
N GLY A 58 -2.41 -1.15 -7.49
CA GLY A 58 -2.46 0.28 -7.26
C GLY A 58 -1.40 0.75 -6.29
N PHE A 59 -1.49 2.03 -5.90
CA PHE A 59 -0.52 2.59 -4.97
C PHE A 59 -1.23 3.42 -3.89
N VAL A 60 -0.73 3.32 -2.66
CA VAL A 60 -1.30 4.06 -1.54
C VAL A 60 -0.22 4.69 -0.68
N CYS A 61 -0.47 5.90 -0.21
CA CYS A 61 0.48 6.61 0.64
C CYS A 61 -0.11 6.88 2.02
N PHE A 62 0.77 7.06 3.01
CA PHE A 62 0.33 7.32 4.37
C PHE A 62 1.06 8.53 4.95
N SER A 63 0.65 8.95 6.15
CA SER A 63 1.26 10.10 6.81
C SER A 63 2.57 9.71 7.48
N SER A 64 2.59 8.54 8.10
CA SER A 64 3.78 8.05 8.79
C SER A 64 4.10 6.61 8.38
N PRO A 65 5.39 6.32 8.18
CA PRO A 65 5.86 4.99 7.78
C PRO A 65 5.23 3.89 8.63
N GLU A 66 5.38 4.00 9.94
CA GLU A 66 4.83 3.01 10.86
C GLU A 66 3.43 2.58 10.42
N GLU A 67 2.54 3.54 10.27
CA GLU A 67 1.17 3.26 9.85
C GLU A 67 1.15 2.40 8.60
N ALA A 68 2.00 2.75 7.64
CA ALA A 68 2.08 2.01 6.38
C ALA A 68 2.55 0.57 6.62
N THR A 69 3.54 0.42 7.50
CA THR A 69 4.07 -0.90 7.82
C THR A 69 2.96 -1.89 8.14
N LYS A 70 2.23 -1.61 9.22
CA LYS A 70 1.14 -2.48 9.63
C LYS A 70 0.24 -2.83 8.45
N ALA A 71 -0.37 -1.82 7.86
CA ALA A 71 -1.25 -2.02 6.71
C ALA A 71 -0.71 -3.12 5.79
N VAL A 72 0.57 -3.00 5.43
CA VAL A 72 1.20 -3.99 4.56
C VAL A 72 0.79 -5.41 4.94
N THR A 73 1.01 -5.77 6.20
CA THR A 73 0.66 -7.10 6.68
C THR A 73 -0.83 -7.20 6.97
N GLU A 74 -1.33 -6.31 7.82
CA GLU A 74 -2.75 -6.30 8.17
C GLU A 74 -3.62 -6.50 6.93
N MET A 75 -3.11 -6.08 5.79
CA MET A 75 -3.84 -6.21 4.54
C MET A 75 -3.32 -7.39 3.72
N ASN A 76 -2.00 -7.53 3.67
CA ASN A 76 -1.37 -8.62 2.92
C ASN A 76 -1.86 -9.97 3.42
N GLY A 77 -2.86 -10.52 2.74
CA GLY A 77 -3.40 -11.82 3.13
C GLY A 77 -4.88 -11.75 3.44
N ARG A 78 -5.40 -10.54 3.59
CA ARG A 78 -6.82 -10.34 3.89
C ARG A 78 -7.67 -10.54 2.63
N ILE A 79 -8.48 -11.60 2.63
CA ILE A 79 -9.34 -11.89 1.49
C ILE A 79 -10.58 -10.99 1.50
N VAL A 80 -10.95 -10.51 0.32
CA VAL A 80 -12.12 -9.65 0.18
C VAL A 80 -13.17 -10.29 -0.71
N ALA A 81 -12.84 -10.44 -1.99
CA ALA A 81 -13.77 -11.05 -2.95
C ALA A 81 -13.41 -12.51 -3.20
N THR A 82 -12.35 -12.72 -3.98
CA THR A 82 -11.91 -14.08 -4.31
C THR A 82 -10.45 -14.29 -3.90
N LYS A 83 -9.60 -13.34 -4.25
CA LYS A 83 -8.18 -13.42 -3.93
C LYS A 83 -7.80 -12.40 -2.85
N PRO A 84 -6.69 -12.65 -2.15
CA PRO A 84 -6.21 -11.76 -1.10
C PRO A 84 -5.45 -10.55 -1.65
N LEU A 85 -5.44 -9.46 -0.89
CA LEU A 85 -4.77 -8.24 -1.30
C LEU A 85 -3.25 -8.35 -1.09
N TYR A 86 -2.54 -8.68 -2.17
CA TYR A 86 -1.09 -8.82 -2.10
C TYR A 86 -0.43 -7.48 -1.84
N VAL A 87 -0.39 -7.07 -0.58
CA VAL A 87 0.22 -5.80 -0.19
C VAL A 87 1.69 -5.99 0.16
N ALA A 88 2.51 -5.02 -0.24
CA ALA A 88 3.94 -5.08 0.04
C ALA A 88 4.58 -3.70 -0.08
N LEU A 89 5.55 -3.42 0.79
CA LEU A 89 6.23 -2.14 0.79
C LEU A 89 6.92 -1.90 -0.54
N ALA A 90 6.88 -0.64 -1.01
CA ALA A 90 7.51 -0.28 -2.27
C ALA A 90 8.80 0.51 -2.04
N GLN A 91 9.90 -0.21 -1.87
CA GLN A 91 11.19 0.43 -1.65
C GLN A 91 11.63 1.23 -2.86
N ARG A 92 11.49 0.64 -4.04
CA ARG A 92 11.87 1.30 -5.28
C ARG A 92 11.59 2.80 -5.20
N LYS A 93 12.64 3.59 -4.99
CA LYS A 93 12.50 5.03 -4.89
C LYS A 93 12.95 5.70 -6.19
N GLU A 94 12.13 6.63 -6.68
CA GLU A 94 12.43 7.35 -7.91
C GLU A 94 12.55 8.85 -7.65
N GLU A 95 13.54 9.48 -8.28
CA GLU A 95 13.75 10.91 -8.11
C GLU A 95 14.48 11.49 -9.33
N ARG A 96 14.07 12.68 -9.76
CA ARG A 96 14.69 13.34 -10.90
C ARG A 96 14.67 14.85 -10.72
N GLN A 97 15.64 15.53 -11.34
CA GLN A 97 15.73 16.98 -11.24
C GLN A 97 16.28 17.57 -12.55
N SER A 98 16.24 18.89 -12.65
CA SER A 98 16.72 19.58 -13.84
C SER A 98 17.82 20.58 -13.49
N GLY A 99 17.47 21.56 -12.65
CA GLY A 99 18.43 22.56 -12.23
C GLY A 99 18.80 23.50 -13.37
N PRO A 100 18.12 24.66 -13.43
CA PRO A 100 18.36 25.66 -14.47
C PRO A 100 19.65 26.44 -14.22
N SER A 101 20.53 26.46 -15.23
CA SER A 101 21.80 27.16 -15.12
C SER A 101 22.46 27.29 -16.49
N SER A 102 22.64 28.53 -16.94
CA SER A 102 23.26 28.79 -18.23
C SER A 102 23.61 30.27 -18.37
N GLY A 103 24.84 30.54 -18.80
CA GLY A 103 25.29 31.90 -18.97
C GLY A 103 26.67 32.14 -18.38
N GLY A 1 -3.02 -25.60 19.26
CA GLY A 1 -1.87 -25.51 18.38
C GLY A 1 -1.52 -24.08 18.03
N SER A 2 -0.43 -23.89 17.30
CA SER A 2 0.02 -22.56 16.91
C SER A 2 0.76 -22.61 15.56
N SER A 3 0.58 -21.56 14.77
CA SER A 3 1.23 -21.48 13.47
C SER A 3 1.45 -20.03 13.05
N GLY A 4 2.58 -19.77 12.41
CA GLY A 4 2.90 -18.42 11.97
C GLY A 4 4.38 -18.15 11.96
N SER A 5 4.77 -16.95 12.37
CA SER A 5 6.18 -16.56 12.40
C SER A 5 6.36 -15.23 13.12
N SER A 6 7.55 -15.02 13.67
CA SER A 6 7.85 -13.79 14.39
C SER A 6 9.16 -13.17 13.89
N GLY A 7 9.11 -11.88 13.61
CA GLY A 7 10.29 -11.18 13.12
C GLY A 7 10.16 -9.68 13.19
N ASP A 8 10.42 -9.11 14.36
CA ASP A 8 10.33 -7.67 14.55
C ASP A 8 10.75 -6.92 13.30
N ARG A 9 10.17 -5.74 13.09
CA ARG A 9 10.48 -4.93 11.92
C ARG A 9 10.75 -3.48 12.33
N ILE A 10 11.42 -2.74 11.45
CA ILE A 10 11.75 -1.34 11.72
C ILE A 10 11.37 -0.46 10.53
N THR A 11 11.19 0.82 10.79
CA THR A 11 10.84 1.78 9.75
C THR A 11 12.02 2.65 9.36
N ARG A 12 12.14 2.95 8.08
CA ARG A 12 13.23 3.78 7.58
C ARG A 12 12.83 4.49 6.29
N TYR A 13 13.74 5.31 5.77
CA TYR A 13 13.49 6.06 4.55
C TYR A 13 12.03 6.50 4.48
N GLN A 14 11.45 6.82 5.63
CA GLN A 14 10.06 7.25 5.70
C GLN A 14 9.20 6.49 4.69
N VAL A 15 9.38 5.18 4.64
CA VAL A 15 8.63 4.34 3.71
C VAL A 15 7.14 4.33 4.07
N VAL A 16 6.38 5.23 3.46
CA VAL A 16 4.95 5.31 3.72
C VAL A 16 4.15 4.71 2.57
N ASN A 17 4.64 4.87 1.35
CA ASN A 17 3.98 4.34 0.17
C ASN A 17 3.92 2.82 0.21
N LEU A 18 2.81 2.26 -0.27
CA LEU A 18 2.64 0.82 -0.28
C LEU A 18 2.18 0.34 -1.66
N TYR A 19 2.63 -0.84 -2.05
CA TYR A 19 2.26 -1.41 -3.35
C TYR A 19 1.15 -2.44 -3.19
N VAL A 20 0.04 -2.23 -3.90
CA VAL A 20 -1.08 -3.14 -3.85
C VAL A 20 -1.21 -3.96 -5.13
N LYS A 21 -1.44 -5.25 -4.98
CA LYS A 21 -1.56 -6.15 -6.12
C LYS A 21 -2.77 -7.08 -5.96
N ASN A 22 -3.16 -7.73 -7.04
CA ASN A 22 -4.29 -8.65 -7.02
C ASN A 22 -5.57 -7.91 -6.62
N LEU A 23 -5.85 -6.82 -7.31
CA LEU A 23 -7.05 -6.03 -7.03
C LEU A 23 -8.22 -6.48 -7.90
N ASP A 24 -9.18 -7.16 -7.29
CA ASP A 24 -10.35 -7.64 -8.00
C ASP A 24 -11.03 -6.51 -8.77
N ASP A 25 -11.50 -6.82 -9.97
CA ASP A 25 -12.17 -5.83 -10.81
C ASP A 25 -13.22 -5.07 -10.02
N GLY A 26 -13.87 -5.76 -9.08
CA GLY A 26 -14.89 -5.13 -8.26
C GLY A 26 -14.34 -4.02 -7.39
N ILE A 27 -13.12 -4.22 -6.88
CA ILE A 27 -12.49 -3.24 -6.02
C ILE A 27 -12.07 -2.01 -6.82
N ASP A 28 -12.32 -0.83 -6.25
CA ASP A 28 -11.97 0.43 -6.90
C ASP A 28 -11.11 1.30 -5.98
N ASP A 29 -10.76 2.49 -6.47
CA ASP A 29 -9.94 3.41 -5.69
C ASP A 29 -10.53 3.62 -4.30
N GLU A 30 -11.84 3.86 -4.25
CA GLU A 30 -12.53 4.09 -2.99
C GLU A 30 -12.35 2.90 -2.05
N ARG A 31 -12.94 1.77 -2.44
CA ARG A 31 -12.86 0.55 -1.65
C ARG A 31 -11.44 0.34 -1.12
N LEU A 32 -10.45 0.58 -1.98
CA LEU A 32 -9.06 0.42 -1.60
C LEU A 32 -8.70 1.34 -0.45
N ARG A 33 -8.66 2.63 -0.72
CA ARG A 33 -8.33 3.62 0.30
C ARG A 33 -9.20 3.44 1.54
N LYS A 34 -10.40 2.91 1.34
CA LYS A 34 -11.32 2.68 2.44
C LYS A 34 -10.87 1.51 3.30
N ALA A 35 -10.14 0.58 2.70
CA ALA A 35 -9.63 -0.58 3.41
C ALA A 35 -8.21 -0.36 3.90
N PHE A 36 -7.81 0.91 3.98
CA PHE A 36 -6.47 1.26 4.43
C PHE A 36 -6.53 2.34 5.52
N SER A 37 -7.54 3.19 5.44
CA SER A 37 -7.71 4.27 6.42
C SER A 37 -7.65 3.71 7.83
N PRO A 38 -8.36 2.61 8.07
CA PRO A 38 -8.41 1.96 9.38
C PRO A 38 -7.02 1.78 9.99
N PHE A 39 -6.00 1.88 9.15
CA PHE A 39 -4.62 1.72 9.61
C PHE A 39 -3.95 3.08 9.79
N GLY A 40 -4.07 3.94 8.79
CA GLY A 40 -3.47 5.25 8.85
C GLY A 40 -4.04 6.21 7.82
N THR A 41 -3.86 7.51 8.05
CA THR A 41 -4.37 8.52 7.13
C THR A 41 -3.74 8.37 5.74
N ILE A 42 -4.56 8.52 4.72
CA ILE A 42 -4.09 8.41 3.34
C ILE A 42 -4.20 9.74 2.60
N THR A 43 -3.11 10.14 1.95
CA THR A 43 -3.08 11.39 1.20
C THR A 43 -3.20 11.14 -0.29
N SER A 44 -2.73 9.98 -0.74
CA SER A 44 -2.77 9.61 -2.15
C SER A 44 -3.05 8.13 -2.31
N ALA A 45 -4.09 7.82 -3.08
CA ALA A 45 -4.47 6.43 -3.34
C ALA A 45 -5.22 6.29 -4.65
N LYS A 46 -4.70 5.46 -5.54
CA LYS A 46 -5.32 5.25 -6.84
C LYS A 46 -5.00 3.85 -7.37
N VAL A 47 -5.84 3.36 -8.29
CA VAL A 47 -5.64 2.04 -8.87
C VAL A 47 -5.24 2.14 -10.34
N MET A 48 -4.24 1.37 -10.74
CA MET A 48 -3.77 1.37 -12.11
C MET A 48 -4.87 0.94 -13.07
N MET A 49 -4.89 1.53 -14.26
CA MET A 49 -5.89 1.18 -15.26
C MET A 49 -5.31 1.28 -16.66
N GLU A 50 -6.07 0.83 -17.65
CA GLU A 50 -5.63 0.86 -19.05
C GLU A 50 -6.63 1.60 -19.92
N GLY A 51 -7.89 1.20 -19.82
CA GLY A 51 -8.93 1.84 -20.61
C GLY A 51 -10.32 1.62 -20.03
N GLY A 52 -10.65 0.37 -19.75
CA GLY A 52 -11.94 0.05 -19.20
C GLY A 52 -11.91 -1.17 -18.30
N ARG A 53 -10.85 -1.29 -17.52
CA ARG A 53 -10.69 -2.42 -16.61
C ARG A 53 -9.54 -2.18 -15.64
N SER A 54 -9.71 -2.64 -14.40
CA SER A 54 -8.68 -2.48 -13.38
C SER A 54 -7.46 -3.33 -13.69
N LYS A 55 -6.33 -2.67 -13.92
CA LYS A 55 -5.08 -3.36 -14.22
C LYS A 55 -4.84 -4.51 -13.26
N GLY A 56 -5.02 -4.24 -11.96
CA GLY A 56 -4.82 -5.27 -10.96
C GLY A 56 -3.98 -4.78 -9.80
N PHE A 57 -3.10 -3.83 -10.07
CA PHE A 57 -2.22 -3.29 -9.04
C PHE A 57 -2.47 -1.79 -8.85
N GLY A 58 -2.04 -1.27 -7.71
CA GLY A 58 -2.23 0.14 -7.42
C GLY A 58 -1.18 0.68 -6.46
N PHE A 59 -1.37 1.93 -6.03
CA PHE A 59 -0.43 2.56 -5.11
C PHE A 59 -1.18 3.34 -4.03
N VAL A 60 -0.70 3.24 -2.79
CA VAL A 60 -1.33 3.95 -1.67
C VAL A 60 -0.30 4.70 -0.86
N CYS A 61 -0.68 5.88 -0.37
CA CYS A 61 0.22 6.70 0.43
C CYS A 61 -0.37 6.97 1.82
N PHE A 62 0.49 7.00 2.83
CA PHE A 62 0.06 7.23 4.20
C PHE A 62 0.70 8.50 4.75
N SER A 63 0.30 8.88 5.97
CA SER A 63 0.81 10.07 6.62
C SER A 63 2.15 9.78 7.31
N SER A 64 2.23 8.63 7.95
CA SER A 64 3.44 8.23 8.66
C SER A 64 3.86 6.81 8.27
N PRO A 65 5.17 6.60 8.09
CA PRO A 65 5.72 5.30 7.72
C PRO A 65 5.16 4.17 8.58
N GLU A 66 5.30 4.29 9.89
CA GLU A 66 4.80 3.28 10.82
C GLU A 66 3.43 2.78 10.38
N GLU A 67 2.49 3.70 10.21
CA GLU A 67 1.15 3.35 9.79
C GLU A 67 1.16 2.44 8.57
N ALA A 68 1.99 2.80 7.59
CA ALA A 68 2.11 2.03 6.36
C ALA A 68 2.62 0.62 6.65
N THR A 69 3.58 0.51 7.56
CA THR A 69 4.16 -0.77 7.93
C THR A 69 3.07 -1.77 8.29
N LYS A 70 2.35 -1.50 9.37
CA LYS A 70 1.29 -2.38 9.83
C LYS A 70 0.41 -2.82 8.66
N ALA A 71 -0.27 -1.86 8.03
CA ALA A 71 -1.13 -2.15 6.89
C ALA A 71 -0.56 -3.28 6.04
N VAL A 72 0.73 -3.17 5.71
CA VAL A 72 1.40 -4.18 4.89
C VAL A 72 1.01 -5.59 5.34
N THR A 73 1.23 -5.88 6.62
CA THR A 73 0.90 -7.19 7.17
C THR A 73 -0.58 -7.30 7.48
N GLU A 74 -1.11 -6.32 8.21
CA GLU A 74 -2.52 -6.31 8.57
C GLU A 74 -3.39 -6.60 7.35
N MET A 75 -2.91 -6.23 6.18
CA MET A 75 -3.65 -6.46 4.94
C MET A 75 -3.09 -7.66 4.18
N ASN A 76 -1.79 -7.67 3.97
CA ASN A 76 -1.13 -8.77 3.27
C ASN A 76 -1.79 -10.10 3.60
N GLY A 77 -2.45 -10.69 2.61
CA GLY A 77 -3.11 -11.97 2.82
C GLY A 77 -4.54 -11.80 3.32
N ARG A 78 -5.10 -10.61 3.13
CA ARG A 78 -6.45 -10.33 3.58
C ARG A 78 -7.44 -10.49 2.43
N ILE A 79 -8.48 -11.30 2.66
CA ILE A 79 -9.49 -11.54 1.63
C ILE A 79 -10.67 -10.57 1.79
N VAL A 80 -11.21 -10.13 0.67
CA VAL A 80 -12.35 -9.21 0.68
C VAL A 80 -13.45 -9.68 -0.26
N ALA A 81 -13.05 -10.22 -1.41
CA ALA A 81 -14.01 -10.71 -2.39
C ALA A 81 -13.71 -12.16 -2.76
N THR A 82 -12.65 -12.37 -3.52
CA THR A 82 -12.26 -13.71 -3.95
C THR A 82 -10.78 -13.96 -3.71
N LYS A 83 -9.94 -13.05 -4.20
CA LYS A 83 -8.50 -13.16 -4.03
C LYS A 83 -8.00 -12.24 -2.92
N PRO A 84 -6.86 -12.61 -2.30
CA PRO A 84 -6.26 -11.82 -1.23
C PRO A 84 -5.54 -10.58 -1.74
N LEU A 85 -5.58 -9.51 -0.95
CA LEU A 85 -4.94 -8.27 -1.33
C LEU A 85 -3.44 -8.30 -1.02
N TYR A 86 -2.65 -8.63 -2.03
CA TYR A 86 -1.20 -8.71 -1.88
C TYR A 86 -0.61 -7.34 -1.54
N VAL A 87 -0.39 -7.09 -0.26
CA VAL A 87 0.17 -5.82 0.18
C VAL A 87 1.65 -5.96 0.53
N ALA A 88 2.48 -5.14 -0.08
CA ALA A 88 3.92 -5.17 0.16
C ALA A 88 4.54 -3.79 -0.02
N LEU A 89 5.62 -3.53 0.70
CA LEU A 89 6.30 -2.24 0.60
C LEU A 89 6.83 -2.00 -0.81
N ALA A 90 6.69 -0.76 -1.27
CA ALA A 90 7.15 -0.40 -2.61
C ALA A 90 8.64 -0.06 -2.61
N GLN A 91 9.06 0.70 -1.62
CA GLN A 91 10.46 1.10 -1.51
C GLN A 91 11.09 1.26 -2.88
N ARG A 92 10.40 1.96 -3.78
CA ARG A 92 10.90 2.18 -5.12
C ARG A 92 11.20 3.67 -5.36
N LYS A 93 10.30 4.53 -4.90
CA LYS A 93 10.46 5.97 -5.06
C LYS A 93 9.65 6.73 -4.02
N GLU A 94 10.02 7.98 -3.79
CA GLU A 94 9.32 8.81 -2.82
C GLU A 94 8.49 9.89 -3.52
N GLU A 95 7.50 10.41 -2.80
CA GLU A 95 6.62 11.44 -3.36
C GLU A 95 6.99 12.82 -2.81
N ARG A 96 6.42 13.86 -3.40
CA ARG A 96 6.68 15.22 -2.97
C ARG A 96 5.39 15.97 -2.70
N GLN A 97 4.53 16.07 -3.72
CA GLN A 97 3.26 16.76 -3.59
C GLN A 97 2.59 16.41 -2.27
N SER A 98 2.16 17.44 -1.54
CA SER A 98 1.50 17.24 -0.25
C SER A 98 0.04 17.68 -0.32
N GLY A 99 -0.17 18.96 -0.63
CA GLY A 99 -1.53 19.47 -0.72
C GLY A 99 -1.70 20.46 -1.86
N PRO A 100 -2.83 21.19 -1.85
CA PRO A 100 -3.12 22.18 -2.88
C PRO A 100 -2.35 23.48 -2.70
N SER A 101 -2.27 24.29 -3.75
CA SER A 101 -1.54 25.55 -3.70
C SER A 101 -2.52 26.73 -3.71
N SER A 102 -3.53 26.65 -4.58
CA SER A 102 -4.52 27.71 -4.69
C SER A 102 -5.77 27.36 -3.90
N GLY A 103 -6.33 28.36 -3.22
CA GLY A 103 -7.54 28.14 -2.44
C GLY A 103 -8.00 29.39 -1.70
#